data_7F5E
# 
_entry.id   7F5E 
# 
_audit_conform.dict_name       mmcif_pdbx.dic 
_audit_conform.dict_version    5.380 
_audit_conform.dict_location   http://mmcif.pdb.org/dictionaries/ascii/mmcif_pdbx.dic 
# 
loop_
_database_2.database_id 
_database_2.database_code 
_database_2.pdbx_database_accession 
_database_2.pdbx_DOI 
PDB   7F5E         pdb_00007f5e 10.2210/pdb7f5e/pdb 
WWPDB D_1300022908 ?            ?                   
# 
_pdbx_database_status.status_code                     REL 
_pdbx_database_status.status_code_sf                  REL 
_pdbx_database_status.status_code_mr                  ? 
_pdbx_database_status.entry_id                        7F5E 
_pdbx_database_status.recvd_initial_deposition_date   2021-06-21 
_pdbx_database_status.SG_entry                        N 
_pdbx_database_status.deposit_site                    PDBJ 
_pdbx_database_status.process_site                    PDBJ 
_pdbx_database_status.status_code_cs                  ? 
_pdbx_database_status.status_code_nmr_data            ? 
_pdbx_database_status.methods_development_category    ? 
_pdbx_database_status.pdb_format_compatible           Y 
# 
loop_
_audit_author.name 
_audit_author.pdbx_ordinal 
_audit_author.identifier_ORCID 
'Lu, T.'   1 ? 
'Lu, H.B.' 2 ? 
'Wang, J.' 3 ? 
'Lin, H.'  4 ? 
'Lu, W.'   5 ? 
'Luo, C.'  6 ? 
# 
_citation.abstract                  ? 
_citation.abstract_id_CAS           ? 
_citation.book_id_ISBN              ? 
_citation.book_publisher            ? 
_citation.book_publisher_city       ? 
_citation.book_title                ? 
_citation.coordinate_linkage        ? 
_citation.country                   ? 
_citation.database_id_Medline       ? 
_citation.details                   ? 
_citation.id                        primary 
_citation.journal_abbrev            'To Be Published' 
_citation.journal_id_ASTM           ? 
_citation.journal_id_CSD            0353 
_citation.journal_id_ISSN           ? 
_citation.journal_full              ? 
_citation.journal_issue             ? 
_citation.journal_volume            ? 
_citation.language                  ? 
_citation.page_first                ? 
_citation.page_last                 ? 
_citation.title                     'Discovery and Optimization of Small-Molecule Inhibitors for the BPTF Bromodomains Proteins' 
_citation.year                      ? 
_citation.database_id_CSD           ? 
_citation.pdbx_database_id_DOI      ? 
_citation.pdbx_database_id_PubMed   ? 
_citation.pdbx_database_id_patent   ? 
_citation.unpublished_flag          ? 
# 
loop_
_citation_author.citation_id 
_citation_author.name 
_citation_author.ordinal 
_citation_author.identifier_ORCID 
primary 'Lu, T.'      1  ? 
primary 'Lu, H.B.'    2  ? 
primary 'Wang, J.'    3  ? 
primary 'Han, J.'     4  ? 
primary 'Xiao, S.'    5  ? 
primary 'Jiang, H.'   6  ? 
primary 'Chen, Y.'    7  ? 
primary 'Yang, F.'    8  ? 
primary 'Li, Q.'      9  ? 
primary 'Jiang, H.L.' 10 ? 
primary 'Chen, K.X.'  11 ? 
primary 'Lu, W.C.'    12 ? 
primary 'Lin, H.'     13 ? 
primary 'Luo, C.'     14 ? 
# 
_cell.angle_alpha                  90.000 
_cell.angle_alpha_esd              ? 
_cell.angle_beta                   98.534 
_cell.angle_beta_esd               ? 
_cell.angle_gamma                  90.000 
_cell.angle_gamma_esd              ? 
_cell.entry_id                     7F5E 
_cell.details                      ? 
_cell.formula_units_Z              ? 
_cell.length_a                     111.448 
_cell.length_a_esd                 ? 
_cell.length_b                     27.157 
_cell.length_b_esd                 ? 
_cell.length_c                     38.697 
_cell.length_c_esd                 ? 
_cell.volume                       115823.326 
_cell.volume_esd                   ? 
_cell.Z_PDB                        4 
_cell.reciprocal_angle_alpha       ? 
_cell.reciprocal_angle_beta        ? 
_cell.reciprocal_angle_gamma       ? 
_cell.reciprocal_angle_alpha_esd   ? 
_cell.reciprocal_angle_beta_esd    ? 
_cell.reciprocal_angle_gamma_esd   ? 
_cell.reciprocal_length_a          ? 
_cell.reciprocal_length_b          ? 
_cell.reciprocal_length_c          ? 
_cell.reciprocal_length_a_esd      ? 
_cell.reciprocal_length_b_esd      ? 
_cell.reciprocal_length_c_esd      ? 
_cell.pdbx_unique_axis             ? 
# 
_symmetry.entry_id                         7F5E 
_symmetry.cell_setting                     ? 
_symmetry.Int_Tables_number                5 
_symmetry.space_group_name_Hall            'C 2y' 
_symmetry.space_group_name_H-M             'C 1 2 1' 
_symmetry.pdbx_full_space_group_name_H-M   ? 
# 
loop_
_entity.id 
_entity.type 
_entity.src_method 
_entity.pdbx_description 
_entity.formula_weight 
_entity.pdbx_number_of_molecules 
_entity.pdbx_ec 
_entity.pdbx_mutation 
_entity.pdbx_fragment 
_entity.details 
1 polymer     man 'Nucleosome-remodeling factor subunit BPTF'                                                     13386.286 1  ? ? 
? ? 
2 non-polymer syn 'N,N-dimethyl-3-[5-(2-methylsulfonyl-7H-pyrrolo[2,3-d]pyrimidin-4-yl)indol-1-yl]propan-1-amine' 397.494   1  ? ? 
? ? 
3 water       nat water                                                                                           18.015    52 ? ? 
? ? 
# 
_entity_poly.entity_id                      1 
_entity_poly.type                           'polypeptide(L)' 
_entity_poly.nstd_linkage                   no 
_entity_poly.nstd_monomer                   no 
_entity_poly.pdbx_seq_one_letter_code       
;PLGSVLTPLTEKDYEGLKRVLRSLQAHKMAWPFLEPVDPNDAPDYYGVIKEPMDLATMEERVQRRYYEKLTEFVADMTKI
FDNCRYYNPSDSPFYQCAEVLESFFVQKLKGFKA
;
_entity_poly.pdbx_seq_one_letter_code_can   
;PLGSVLTPLTEKDYEGLKRVLRSLQAHKMAWPFLEPVDPNDAPDYYGVIKEPMDLATMEERVQRRYYEKLTEFVADMTKI
FDNCRYYNPSDSPFYQCAEVLESFFVQKLKGFKA
;
_entity_poly.pdbx_strand_id                 A 
_entity_poly.pdbx_target_identifier         ? 
# 
loop_
_entity_poly_seq.entity_id 
_entity_poly_seq.num 
_entity_poly_seq.mon_id 
_entity_poly_seq.hetero 
1 1   PRO n 
1 2   LEU n 
1 3   GLY n 
1 4   SER n 
1 5   VAL n 
1 6   LEU n 
1 7   THR n 
1 8   PRO n 
1 9   LEU n 
1 10  THR n 
1 11  GLU n 
1 12  LYS n 
1 13  ASP n 
1 14  TYR n 
1 15  GLU n 
1 16  GLY n 
1 17  LEU n 
1 18  LYS n 
1 19  ARG n 
1 20  VAL n 
1 21  LEU n 
1 22  ARG n 
1 23  SER n 
1 24  LEU n 
1 25  GLN n 
1 26  ALA n 
1 27  HIS n 
1 28  LYS n 
1 29  MET n 
1 30  ALA n 
1 31  TRP n 
1 32  PRO n 
1 33  PHE n 
1 34  LEU n 
1 35  GLU n 
1 36  PRO n 
1 37  VAL n 
1 38  ASP n 
1 39  PRO n 
1 40  ASN n 
1 41  ASP n 
1 42  ALA n 
1 43  PRO n 
1 44  ASP n 
1 45  TYR n 
1 46  TYR n 
1 47  GLY n 
1 48  VAL n 
1 49  ILE n 
1 50  LYS n 
1 51  GLU n 
1 52  PRO n 
1 53  MET n 
1 54  ASP n 
1 55  LEU n 
1 56  ALA n 
1 57  THR n 
1 58  MET n 
1 59  GLU n 
1 60  GLU n 
1 61  ARG n 
1 62  VAL n 
1 63  GLN n 
1 64  ARG n 
1 65  ARG n 
1 66  TYR n 
1 67  TYR n 
1 68  GLU n 
1 69  LYS n 
1 70  LEU n 
1 71  THR n 
1 72  GLU n 
1 73  PHE n 
1 74  VAL n 
1 75  ALA n 
1 76  ASP n 
1 77  MET n 
1 78  THR n 
1 79  LYS n 
1 80  ILE n 
1 81  PHE n 
1 82  ASP n 
1 83  ASN n 
1 84  CYS n 
1 85  ARG n 
1 86  TYR n 
1 87  TYR n 
1 88  ASN n 
1 89  PRO n 
1 90  SER n 
1 91  ASP n 
1 92  SER n 
1 93  PRO n 
1 94  PHE n 
1 95  TYR n 
1 96  GLN n 
1 97  CYS n 
1 98  ALA n 
1 99  GLU n 
1 100 VAL n 
1 101 LEU n 
1 102 GLU n 
1 103 SER n 
1 104 PHE n 
1 105 PHE n 
1 106 VAL n 
1 107 GLN n 
1 108 LYS n 
1 109 LEU n 
1 110 LYS n 
1 111 GLY n 
1 112 PHE n 
1 113 LYS n 
1 114 ALA n 
# 
_entity_src_gen.entity_id                          1 
_entity_src_gen.pdbx_src_id                        1 
_entity_src_gen.pdbx_alt_source_flag               sample 
_entity_src_gen.pdbx_seq_type                      'Biological sequence' 
_entity_src_gen.pdbx_beg_seq_num                   1 
_entity_src_gen.pdbx_end_seq_num                   114 
_entity_src_gen.gene_src_common_name               Human 
_entity_src_gen.gene_src_genus                     ? 
_entity_src_gen.pdbx_gene_src_gene                 BPTF 
_entity_src_gen.gene_src_species                   ? 
_entity_src_gen.gene_src_strain                    ? 
_entity_src_gen.gene_src_tissue                    ? 
_entity_src_gen.gene_src_tissue_fraction           ? 
_entity_src_gen.gene_src_details                   ? 
_entity_src_gen.pdbx_gene_src_fragment             ? 
_entity_src_gen.pdbx_gene_src_scientific_name      'Homo sapiens' 
_entity_src_gen.pdbx_gene_src_ncbi_taxonomy_id     9606 
_entity_src_gen.pdbx_gene_src_variant              ? 
_entity_src_gen.pdbx_gene_src_cell_line            ? 
_entity_src_gen.pdbx_gene_src_atcc                 ? 
_entity_src_gen.pdbx_gene_src_organ                ? 
_entity_src_gen.pdbx_gene_src_organelle            ? 
_entity_src_gen.pdbx_gene_src_cell                 ? 
_entity_src_gen.pdbx_gene_src_cellular_location    ? 
_entity_src_gen.host_org_common_name               ? 
_entity_src_gen.pdbx_host_org_scientific_name      'Escherichia coli' 
_entity_src_gen.pdbx_host_org_ncbi_taxonomy_id     562 
_entity_src_gen.host_org_genus                     ? 
_entity_src_gen.pdbx_host_org_gene                 ? 
_entity_src_gen.pdbx_host_org_organ                ? 
_entity_src_gen.host_org_species                   ? 
_entity_src_gen.pdbx_host_org_tissue               ? 
_entity_src_gen.pdbx_host_org_tissue_fraction      ? 
_entity_src_gen.pdbx_host_org_strain               ? 
_entity_src_gen.pdbx_host_org_variant              ? 
_entity_src_gen.pdbx_host_org_cell_line            ? 
_entity_src_gen.pdbx_host_org_atcc                 ? 
_entity_src_gen.pdbx_host_org_culture_collection   ? 
_entity_src_gen.pdbx_host_org_cell                 ? 
_entity_src_gen.pdbx_host_org_organelle            ? 
_entity_src_gen.pdbx_host_org_cellular_location    ? 
_entity_src_gen.pdbx_host_org_vector_type          ? 
_entity_src_gen.pdbx_host_org_vector               ? 
_entity_src_gen.host_org_details                   ? 
_entity_src_gen.expression_system_id               ? 
_entity_src_gen.plasmid_name                       ? 
_entity_src_gen.plasmid_details                    ? 
_entity_src_gen.pdbx_description                   ? 
# 
_struct_ref.id                         1 
_struct_ref.db_name                    UNP 
_struct_ref.db_code                    J3QQQ8_HUMAN 
_struct_ref.pdbx_db_accession          J3QQQ8 
_struct_ref.pdbx_db_isoform            ? 
_struct_ref.entity_id                  1 
_struct_ref.pdbx_seq_one_letter_code   
;VLTPLTEKDYEGLKRVLRSLQAHKMAWPFLEPVDPNDAPDYYGVIKEPMDLATMEERVQRRYYEKLTEFVADMTKIFDNC
RYYNPSDSPFYQCAEVLESFFVQKLKGFKA
;
_struct_ref.pdbx_align_begin           308 
# 
_struct_ref_seq.align_id                      1 
_struct_ref_seq.ref_id                        1 
_struct_ref_seq.pdbx_PDB_id_code              7F5E 
_struct_ref_seq.pdbx_strand_id                A 
_struct_ref_seq.seq_align_beg                 5 
_struct_ref_seq.pdbx_seq_align_beg_ins_code   ? 
_struct_ref_seq.seq_align_end                 114 
_struct_ref_seq.pdbx_seq_align_end_ins_code   ? 
_struct_ref_seq.pdbx_db_accession             J3QQQ8 
_struct_ref_seq.db_align_beg                  308 
_struct_ref_seq.pdbx_db_align_beg_ins_code    ? 
_struct_ref_seq.db_align_end                  417 
_struct_ref_seq.pdbx_db_align_end_ins_code    ? 
_struct_ref_seq.pdbx_auth_seq_align_beg       65 
_struct_ref_seq.pdbx_auth_seq_align_end       174 
# 
loop_
_struct_ref_seq_dif.align_id 
_struct_ref_seq_dif.pdbx_pdb_id_code 
_struct_ref_seq_dif.mon_id 
_struct_ref_seq_dif.pdbx_pdb_strand_id 
_struct_ref_seq_dif.seq_num 
_struct_ref_seq_dif.pdbx_pdb_ins_code 
_struct_ref_seq_dif.pdbx_seq_db_name 
_struct_ref_seq_dif.pdbx_seq_db_accession_code 
_struct_ref_seq_dif.db_mon_id 
_struct_ref_seq_dif.pdbx_seq_db_seq_num 
_struct_ref_seq_dif.details 
_struct_ref_seq_dif.pdbx_auth_seq_num 
_struct_ref_seq_dif.pdbx_ordinal 
1 7F5E PRO A 1 ? UNP J3QQQ8 ? ? 'expression tag' 61 1 
1 7F5E LEU A 2 ? UNP J3QQQ8 ? ? 'expression tag' 62 2 
1 7F5E GLY A 3 ? UNP J3QQQ8 ? ? 'expression tag' 63 3 
1 7F5E SER A 4 ? UNP J3QQQ8 ? ? 'expression tag' 64 4 
# 
loop_
_chem_comp.id 
_chem_comp.type 
_chem_comp.mon_nstd_flag 
_chem_comp.name 
_chem_comp.pdbx_synonyms 
_chem_comp.formula 
_chem_comp.formula_weight 
1IY non-polymer         . 'N,N-dimethyl-3-[5-(2-methylsulfonyl-7H-pyrrolo[2,3-d]pyrimidin-4-yl)indol-1-yl]propan-1-amine' ? 
'C20 H23 N5 O2 S' 397.494 
ALA 'L-peptide linking' y ALANINE                                                                                         ? 
'C3 H7 N O2'      89.093  
ARG 'L-peptide linking' y ARGININE                                                                                        ? 
'C6 H15 N4 O2 1'  175.209 
ASN 'L-peptide linking' y ASPARAGINE                                                                                      ? 
'C4 H8 N2 O3'     132.118 
ASP 'L-peptide linking' y 'ASPARTIC ACID'                                                                                 ? 
'C4 H7 N O4'      133.103 
CYS 'L-peptide linking' y CYSTEINE                                                                                        ? 
'C3 H7 N O2 S'    121.158 
GLN 'L-peptide linking' y GLUTAMINE                                                                                       ? 
'C5 H10 N2 O3'    146.144 
GLU 'L-peptide linking' y 'GLUTAMIC ACID'                                                                                 ? 
'C5 H9 N O4'      147.129 
GLY 'peptide linking'   y GLYCINE                                                                                         ? 
'C2 H5 N O2'      75.067  
HIS 'L-peptide linking' y HISTIDINE                                                                                       ? 
'C6 H10 N3 O2 1'  156.162 
HOH non-polymer         . WATER                                                                                           ? 'H2 O' 
18.015  
ILE 'L-peptide linking' y ISOLEUCINE                                                                                      ? 
'C6 H13 N O2'     131.173 
LEU 'L-peptide linking' y LEUCINE                                                                                         ? 
'C6 H13 N O2'     131.173 
LYS 'L-peptide linking' y LYSINE                                                                                          ? 
'C6 H15 N2 O2 1'  147.195 
MET 'L-peptide linking' y METHIONINE                                                                                      ? 
'C5 H11 N O2 S'   149.211 
PHE 'L-peptide linking' y PHENYLALANINE                                                                                   ? 
'C9 H11 N O2'     165.189 
PRO 'L-peptide linking' y PROLINE                                                                                         ? 
'C5 H9 N O2'      115.130 
SER 'L-peptide linking' y SERINE                                                                                          ? 
'C3 H7 N O3'      105.093 
THR 'L-peptide linking' y THREONINE                                                                                       ? 
'C4 H9 N O3'      119.119 
TRP 'L-peptide linking' y TRYPTOPHAN                                                                                      ? 
'C11 H12 N2 O2'   204.225 
TYR 'L-peptide linking' y TYROSINE                                                                                        ? 
'C9 H11 N O3'     181.189 
VAL 'L-peptide linking' y VALINE                                                                                          ? 
'C5 H11 N O2'     117.146 
# 
_exptl.absorpt_coefficient_mu     ? 
_exptl.absorpt_correction_T_max   ? 
_exptl.absorpt_correction_T_min   ? 
_exptl.absorpt_correction_type    ? 
_exptl.absorpt_process_details    ? 
_exptl.entry_id                   7F5E 
_exptl.crystals_number            1 
_exptl.details                    ? 
_exptl.method                     'X-RAY DIFFRACTION' 
_exptl.method_details             ? 
# 
_exptl_crystal.colour                      ? 
_exptl_crystal.density_diffrn              ? 
_exptl_crystal.density_Matthews            2.16 
_exptl_crystal.density_method              ? 
_exptl_crystal.density_percent_sol         43.14 
_exptl_crystal.description                 ? 
_exptl_crystal.F_000                       ? 
_exptl_crystal.id                          1 
_exptl_crystal.preparation                 ? 
_exptl_crystal.size_max                    ? 
_exptl_crystal.size_mid                    ? 
_exptl_crystal.size_min                    ? 
_exptl_crystal.size_rad                    ? 
_exptl_crystal.colour_lustre               ? 
_exptl_crystal.colour_modifier             ? 
_exptl_crystal.colour_primary              ? 
_exptl_crystal.density_meas                ? 
_exptl_crystal.density_meas_esd            ? 
_exptl_crystal.density_meas_gt             ? 
_exptl_crystal.density_meas_lt             ? 
_exptl_crystal.density_meas_temp           ? 
_exptl_crystal.density_meas_temp_esd       ? 
_exptl_crystal.density_meas_temp_gt        ? 
_exptl_crystal.density_meas_temp_lt        ? 
_exptl_crystal.pdbx_crystal_image_url      ? 
_exptl_crystal.pdbx_crystal_image_format   ? 
_exptl_crystal.pdbx_mosaicity              ? 
_exptl_crystal.pdbx_mosaicity_esd          ? 
# 
_exptl_crystal_grow.apparatus       ? 
_exptl_crystal_grow.atmosphere      ? 
_exptl_crystal_grow.crystal_id      1 
_exptl_crystal_grow.details         ? 
_exptl_crystal_grow.method          'VAPOR DIFFUSION, SITTING DROP' 
_exptl_crystal_grow.method_ref      ? 
_exptl_crystal_grow.pH              8.5 
_exptl_crystal_grow.pressure        ? 
_exptl_crystal_grow.pressure_esd    ? 
_exptl_crystal_grow.seeding         ? 
_exptl_crystal_grow.seeding_ref     ? 
_exptl_crystal_grow.temp            289 
_exptl_crystal_grow.temp_details    ? 
_exptl_crystal_grow.temp_esd        ? 
_exptl_crystal_grow.time            ? 
_exptl_crystal_grow.pdbx_details    '0.2 M Lithium sulfate monohydrate, 0.1 M Tris pH 8.5, 25% PEG 3350' 
_exptl_crystal_grow.pdbx_pH_range   ? 
# 
_diffrn.ambient_environment              ? 
_diffrn.ambient_temp                     100 
_diffrn.ambient_temp_details             ? 
_diffrn.ambient_temp_esd                 ? 
_diffrn.crystal_id                       1 
_diffrn.crystal_support                  ? 
_diffrn.crystal_treatment                ? 
_diffrn.details                          ? 
_diffrn.id                               1 
_diffrn.ambient_pressure                 ? 
_diffrn.ambient_pressure_esd             ? 
_diffrn.ambient_pressure_gt              ? 
_diffrn.ambient_pressure_lt              ? 
_diffrn.ambient_temp_gt                  ? 
_diffrn.ambient_temp_lt                  ? 
_diffrn.pdbx_serial_crystal_experiment   N 
# 
_diffrn_detector.details                      ? 
_diffrn_detector.detector                     PIXEL 
_diffrn_detector.diffrn_id                    1 
_diffrn_detector.type                         'DECTRIS PILATUS 6M' 
_diffrn_detector.area_resol_mean              ? 
_diffrn_detector.dtime                        ? 
_diffrn_detector.pdbx_frames_total            ? 
_diffrn_detector.pdbx_collection_time_total   ? 
_diffrn_detector.pdbx_collection_date         2021-06-18 
_diffrn_detector.pdbx_frequency               ? 
# 
_diffrn_radiation.collimation                      ? 
_diffrn_radiation.diffrn_id                        1 
_diffrn_radiation.filter_edge                      ? 
_diffrn_radiation.inhomogeneity                    ? 
_diffrn_radiation.monochromator                    ? 
_diffrn_radiation.polarisn_norm                    ? 
_diffrn_radiation.polarisn_ratio                   ? 
_diffrn_radiation.probe                            ? 
_diffrn_radiation.type                             ? 
_diffrn_radiation.xray_symbol                      ? 
_diffrn_radiation.wavelength_id                    1 
_diffrn_radiation.pdbx_monochromatic_or_laue_m_l   M 
_diffrn_radiation.pdbx_wavelength_list             ? 
_diffrn_radiation.pdbx_wavelength                  ? 
_diffrn_radiation.pdbx_diffrn_protocol             'SINGLE WAVELENGTH' 
_diffrn_radiation.pdbx_analyzer                    ? 
_diffrn_radiation.pdbx_scattering_type             x-ray 
# 
_diffrn_radiation_wavelength.id           1 
_diffrn_radiation_wavelength.wavelength   0.98 
_diffrn_radiation_wavelength.wt           1.0 
# 
_diffrn_source.current                     ? 
_diffrn_source.details                     ? 
_diffrn_source.diffrn_id                   1 
_diffrn_source.power                       ? 
_diffrn_source.size                        ? 
_diffrn_source.source                      SYNCHROTRON 
_diffrn_source.target                      ? 
_diffrn_source.type                        'SSRF BEAMLINE BL19U1' 
_diffrn_source.voltage                     ? 
_diffrn_source.take-off_angle              ? 
_diffrn_source.pdbx_wavelength_list        0.98 
_diffrn_source.pdbx_wavelength             ? 
_diffrn_source.pdbx_synchrotron_beamline   BL19U1 
_diffrn_source.pdbx_synchrotron_site       SSRF 
# 
_reflns.B_iso_Wilson_estimate                          24.5012967654 
_reflns.entry_id                                       7F5E 
_reflns.data_reduction_details                         ? 
_reflns.data_reduction_method                          ? 
_reflns.d_resolution_high                              2.2 
_reflns.d_resolution_low                               40 
_reflns.details                                        ? 
_reflns.limit_h_max                                    ? 
_reflns.limit_h_min                                    ? 
_reflns.limit_k_max                                    ? 
_reflns.limit_k_min                                    ? 
_reflns.limit_l_max                                    ? 
_reflns.limit_l_min                                    ? 
_reflns.number_all                                     ? 
_reflns.number_obs                                     5770 
_reflns.observed_criterion                             ? 
_reflns.observed_criterion_F_max                       ? 
_reflns.observed_criterion_F_min                       ? 
_reflns.observed_criterion_I_max                       ? 
_reflns.observed_criterion_I_min                       ? 
_reflns.observed_criterion_sigma_F                     ? 
_reflns.observed_criterion_sigma_I                     ? 
_reflns.percent_possible_obs                           95.39 
_reflns.R_free_details                                 ? 
_reflns.Rmerge_F_all                                   ? 
_reflns.Rmerge_F_obs                                   ? 
_reflns.Friedel_coverage                               ? 
_reflns.number_gt                                      ? 
_reflns.threshold_expression                           ? 
_reflns.pdbx_redundancy                                5.8 
_reflns.pdbx_Rmerge_I_obs                              0.099 
_reflns.pdbx_Rmerge_I_all                              ? 
_reflns.pdbx_Rsym_value                                0.099 
_reflns.pdbx_netI_over_av_sigmaI                       ? 
_reflns.pdbx_netI_over_sigmaI                          15.3 
_reflns.pdbx_res_netI_over_av_sigmaI_2                 ? 
_reflns.pdbx_res_netI_over_sigmaI_2                    ? 
_reflns.pdbx_chi_squared                               ? 
_reflns.pdbx_scaling_rejects                           ? 
_reflns.pdbx_d_res_high_opt                            ? 
_reflns.pdbx_d_res_low_opt                             ? 
_reflns.pdbx_d_res_opt_method                          ? 
_reflns.phase_calculation_details                      ? 
_reflns.pdbx_Rrim_I_all                                0.108 
_reflns.pdbx_Rpim_I_all                                0.043 
_reflns.pdbx_d_opt                                     ? 
_reflns.pdbx_number_measured_all                       ? 
_reflns.pdbx_diffrn_id                                 1 
_reflns.pdbx_ordinal                                   1 
_reflns.pdbx_CC_half                                   0.987 
_reflns.pdbx_CC_star                                   0.997 
_reflns.pdbx_R_split                                   ? 
_reflns.pdbx_aniso_diffraction_limit_axis_1_ortho[1]   ? 
_reflns.pdbx_aniso_diffraction_limit_axis_1_ortho[2]   ? 
_reflns.pdbx_aniso_diffraction_limit_axis_1_ortho[3]   ? 
_reflns.pdbx_aniso_diffraction_limit_axis_2_ortho[1]   ? 
_reflns.pdbx_aniso_diffraction_limit_axis_2_ortho[2]   ? 
_reflns.pdbx_aniso_diffraction_limit_axis_2_ortho[3]   ? 
_reflns.pdbx_aniso_diffraction_limit_axis_3_ortho[1]   ? 
_reflns.pdbx_aniso_diffraction_limit_axis_3_ortho[2]   ? 
_reflns.pdbx_aniso_diffraction_limit_axis_3_ortho[3]   ? 
_reflns.pdbx_aniso_diffraction_limit_1                 ? 
_reflns.pdbx_aniso_diffraction_limit_2                 ? 
_reflns.pdbx_aniso_diffraction_limit_3                 ? 
_reflns.pdbx_aniso_B_tensor_eigenvector_1_ortho[1]     ? 
_reflns.pdbx_aniso_B_tensor_eigenvector_1_ortho[2]     ? 
_reflns.pdbx_aniso_B_tensor_eigenvector_1_ortho[3]     ? 
_reflns.pdbx_aniso_B_tensor_eigenvector_2_ortho[1]     ? 
_reflns.pdbx_aniso_B_tensor_eigenvector_2_ortho[2]     ? 
_reflns.pdbx_aniso_B_tensor_eigenvector_2_ortho[3]     ? 
_reflns.pdbx_aniso_B_tensor_eigenvector_3_ortho[1]     ? 
_reflns.pdbx_aniso_B_tensor_eigenvector_3_ortho[2]     ? 
_reflns.pdbx_aniso_B_tensor_eigenvector_3_ortho[3]     ? 
_reflns.pdbx_aniso_B_tensor_eigenvalue_1               ? 
_reflns.pdbx_aniso_B_tensor_eigenvalue_2               ? 
_reflns.pdbx_aniso_B_tensor_eigenvalue_3               ? 
_reflns.pdbx_orthogonalization_convention              ? 
_reflns.pdbx_percent_possible_ellipsoidal              ? 
_reflns.pdbx_percent_possible_spherical                ? 
_reflns.pdbx_percent_possible_ellipsoidal_anomalous    ? 
_reflns.pdbx_percent_possible_spherical_anomalous      ? 
_reflns.pdbx_redundancy_anomalous                      ? 
_reflns.pdbx_CC_half_anomalous                         ? 
_reflns.pdbx_absDiff_over_sigma_anomalous              ? 
_reflns.pdbx_percent_possible_anomalous                ? 
_reflns.pdbx_observed_signal_threshold                 ? 
_reflns.pdbx_signal_type                               ? 
_reflns.pdbx_signal_details                            ? 
_reflns.pdbx_signal_software_id                        ? 
# 
_reflns_shell.d_res_high                                    2.20 
_reflns_shell.d_res_low                                     2.27 
_reflns_shell.meanI_over_sigI_all                           ? 
_reflns_shell.meanI_over_sigI_obs                           ? 
_reflns_shell.number_measured_all                           ? 
_reflns_shell.number_measured_obs                           ? 
_reflns_shell.number_possible                               ? 
_reflns_shell.number_unique_all                             ? 
_reflns_shell.number_unique_obs                             462 
_reflns_shell.percent_possible_all                          ? 
_reflns_shell.percent_possible_obs                          ? 
_reflns_shell.Rmerge_F_all                                  ? 
_reflns_shell.Rmerge_F_obs                                  ? 
_reflns_shell.Rmerge_I_all                                  ? 
_reflns_shell.Rmerge_I_obs                                  0.537 
_reflns_shell.meanI_over_sigI_gt                            ? 
_reflns_shell.meanI_over_uI_all                             ? 
_reflns_shell.meanI_over_uI_gt                              ? 
_reflns_shell.number_measured_gt                            ? 
_reflns_shell.number_unique_gt                              ? 
_reflns_shell.percent_possible_gt                           ? 
_reflns_shell.Rmerge_F_gt                                   ? 
_reflns_shell.Rmerge_I_gt                                   ? 
_reflns_shell.pdbx_redundancy                               ? 
_reflns_shell.pdbx_Rsym_value                               0.537 
_reflns_shell.pdbx_chi_squared                              ? 
_reflns_shell.pdbx_netI_over_sigmaI_all                     ? 
_reflns_shell.pdbx_netI_over_sigmaI_obs                     ? 
_reflns_shell.pdbx_Rrim_I_all                               0.385 
_reflns_shell.pdbx_Rpim_I_all                               0.162 
_reflns_shell.pdbx_rejects                                  ? 
_reflns_shell.pdbx_ordinal                                  1 
_reflns_shell.pdbx_diffrn_id                                1 
_reflns_shell.pdbx_CC_half                                  0.902 
_reflns_shell.pdbx_CC_star                                  0.974 
_reflns_shell.pdbx_R_split                                  ? 
_reflns_shell.pdbx_percent_possible_ellipsoidal             ? 
_reflns_shell.pdbx_percent_possible_spherical               ? 
_reflns_shell.pdbx_percent_possible_ellipsoidal_anomalous   ? 
_reflns_shell.pdbx_percent_possible_spherical_anomalous     ? 
_reflns_shell.pdbx_redundancy_anomalous                     ? 
_reflns_shell.pdbx_CC_half_anomalous                        ? 
_reflns_shell.pdbx_absDiff_over_sigma_anomalous             ? 
_reflns_shell.pdbx_percent_possible_anomalous               ? 
# 
_refine.aniso_B[1][1]                            ? 
_refine.aniso_B[1][2]                            ? 
_refine.aniso_B[1][3]                            ? 
_refine.aniso_B[2][2]                            ? 
_refine.aniso_B[2][3]                            ? 
_refine.aniso_B[3][3]                            ? 
_refine.B_iso_max                                ? 
_refine.B_iso_mean                               25.1906488631 
_refine.B_iso_min                                ? 
_refine.correlation_coeff_Fo_to_Fc               ? 
_refine.correlation_coeff_Fo_to_Fc_free          ? 
_refine.details                                  ? 
_refine.diff_density_max                         ? 
_refine.diff_density_max_esd                     ? 
_refine.diff_density_min                         ? 
_refine.diff_density_min_esd                     ? 
_refine.diff_density_rms                         ? 
_refine.diff_density_rms_esd                     ? 
_refine.entry_id                                 7F5E 
_refine.pdbx_refine_id                           'X-RAY DIFFRACTION' 
_refine.ls_abs_structure_details                 ? 
_refine.ls_abs_structure_Flack                   ? 
_refine.ls_abs_structure_Flack_esd               ? 
_refine.ls_abs_structure_Rogers                  ? 
_refine.ls_abs_structure_Rogers_esd              ? 
_refine.ls_d_res_high                            2.20017124371 
_refine.ls_d_res_low                             29.4517037408 
_refine.ls_extinction_coef                       ? 
_refine.ls_extinction_coef_esd                   ? 
_refine.ls_extinction_expression                 ? 
_refine.ls_extinction_method                     ? 
_refine.ls_goodness_of_fit_all                   ? 
_refine.ls_goodness_of_fit_all_esd               ? 
_refine.ls_goodness_of_fit_obs                   ? 
_refine.ls_goodness_of_fit_obs_esd               ? 
_refine.ls_hydrogen_treatment                    ? 
_refine.ls_matrix_type                           ? 
_refine.ls_number_constraints                    ? 
_refine.ls_number_parameters                     ? 
_refine.ls_number_reflns_all                     ? 
_refine.ls_number_reflns_obs                     5770 
_refine.ls_number_reflns_R_free                  308 
_refine.ls_number_reflns_R_work                  5462 
_refine.ls_number_restraints                     ? 
_refine.ls_percent_reflns_obs                    95.434998346 
_refine.ls_percent_reflns_R_free                 5.33795493934 
_refine.ls_R_factor_all                          ? 
_refine.ls_R_factor_obs                          0.191574074786 
_refine.ls_R_factor_R_free                       0.272618350664 
_refine.ls_R_factor_R_free_error                 ? 
_refine.ls_R_factor_R_free_error_details         ? 
_refine.ls_R_factor_R_work                       0.187252262267 
_refine.ls_R_Fsqd_factor_obs                     ? 
_refine.ls_R_I_factor_obs                        ? 
_refine.ls_redundancy_reflns_all                 ? 
_refine.ls_redundancy_reflns_obs                 ? 
_refine.ls_restrained_S_all                      ? 
_refine.ls_restrained_S_obs                      ? 
_refine.ls_shift_over_esd_max                    ? 
_refine.ls_shift_over_esd_mean                   ? 
_refine.ls_structure_factor_coef                 ? 
_refine.ls_weighting_details                     ? 
_refine.ls_weighting_scheme                      ? 
_refine.ls_wR_factor_all                         ? 
_refine.ls_wR_factor_obs                         ? 
_refine.ls_wR_factor_R_free                      ? 
_refine.ls_wR_factor_R_work                      ? 
_refine.occupancy_max                            ? 
_refine.occupancy_min                            ? 
_refine.solvent_model_details                    'FLAT BULK SOLVENT MODEL' 
_refine.solvent_model_param_bsol                 ? 
_refine.solvent_model_param_ksol                 ? 
_refine.pdbx_R_complete                          ? 
_refine.ls_R_factor_gt                           ? 
_refine.ls_goodness_of_fit_gt                    ? 
_refine.ls_goodness_of_fit_ref                   ? 
_refine.ls_shift_over_su_max                     ? 
_refine.ls_shift_over_su_max_lt                  ? 
_refine.ls_shift_over_su_mean                    ? 
_refine.ls_shift_over_su_mean_lt                 ? 
_refine.pdbx_ls_sigma_I                          ? 
_refine.pdbx_ls_sigma_F                          1.33789259305 
_refine.pdbx_ls_sigma_Fsqd                       ? 
_refine.pdbx_data_cutoff_high_absF               ? 
_refine.pdbx_data_cutoff_high_rms_absF           ? 
_refine.pdbx_data_cutoff_low_absF                ? 
_refine.pdbx_isotropic_thermal_model             ? 
_refine.pdbx_ls_cross_valid_method               'FREE R-VALUE' 
_refine.pdbx_method_to_determine_struct          'MOLECULAR REPLACEMENT' 
_refine.pdbx_starting_model                      3QZT 
_refine.pdbx_stereochemistry_target_values       'GeoStd + Monomer Library + CDL v1.2' 
_refine.pdbx_R_Free_selection_details            ? 
_refine.pdbx_stereochem_target_val_spec_case     ? 
_refine.pdbx_overall_ESU_R                       ? 
_refine.pdbx_overall_ESU_R_Free                  ? 
_refine.pdbx_solvent_vdw_probe_radii             1.11 
_refine.pdbx_solvent_ion_probe_radii             ? 
_refine.pdbx_solvent_shrinkage_radii             0.9 
_refine.pdbx_real_space_R                        ? 
_refine.pdbx_density_correlation                 ? 
_refine.pdbx_pd_number_of_powder_patterns        ? 
_refine.pdbx_pd_number_of_points                 ? 
_refine.pdbx_pd_meas_number_of_points            ? 
_refine.pdbx_pd_proc_ls_prof_R_factor            ? 
_refine.pdbx_pd_proc_ls_prof_wR_factor           ? 
_refine.pdbx_pd_Marquardt_correlation_coeff      ? 
_refine.pdbx_pd_Fsqrd_R_factor                   ? 
_refine.pdbx_pd_ls_matrix_band_width             ? 
_refine.pdbx_overall_phase_error                 27.5608043314 
_refine.pdbx_overall_SU_R_free_Cruickshank_DPI   ? 
_refine.pdbx_overall_SU_R_free_Blow_DPI          ? 
_refine.pdbx_overall_SU_R_Blow_DPI               ? 
_refine.pdbx_TLS_residual_ADP_flag               ? 
_refine.pdbx_diffrn_id                           1 
_refine.overall_SU_B                             ? 
_refine.overall_SU_ML                            0.306121192389 
_refine.overall_SU_R_Cruickshank_DPI             ? 
_refine.overall_SU_R_free                        ? 
_refine.overall_FOM_free_R_set                   ? 
_refine.overall_FOM_work_R_set                   ? 
_refine.pdbx_average_fsc_overall                 ? 
_refine.pdbx_average_fsc_work                    ? 
_refine.pdbx_average_fsc_free                    ? 
# 
_refine_hist.pdbx_refine_id                   'X-RAY DIFFRACTION' 
_refine_hist.cycle_id                         LAST 
_refine_hist.details                          ? 
_refine_hist.d_res_high                       2.20017124371 
_refine_hist.d_res_low                        29.4517037408 
_refine_hist.number_atoms_solvent             52 
_refine_hist.number_atoms_total               984 
_refine_hist.number_reflns_all                ? 
_refine_hist.number_reflns_obs                ? 
_refine_hist.number_reflns_R_free             ? 
_refine_hist.number_reflns_R_work             ? 
_refine_hist.R_factor_all                     ? 
_refine_hist.R_factor_obs                     ? 
_refine_hist.R_factor_R_free                  ? 
_refine_hist.R_factor_R_work                  ? 
_refine_hist.pdbx_number_residues_total       ? 
_refine_hist.pdbx_B_iso_mean_ligand           ? 
_refine_hist.pdbx_B_iso_mean_solvent          ? 
_refine_hist.pdbx_number_atoms_protein        904 
_refine_hist.pdbx_number_atoms_nucleic_acid   0 
_refine_hist.pdbx_number_atoms_ligand         28 
_refine_hist.pdbx_number_atoms_lipid          ? 
_refine_hist.pdbx_number_atoms_carb           ? 
_refine_hist.pdbx_pseudo_atom_details         ? 
# 
loop_
_refine_ls_restr.pdbx_refine_id 
_refine_ls_restr.criterion 
_refine_ls_restr.dev_ideal 
_refine_ls_restr.dev_ideal_target 
_refine_ls_restr.number 
_refine_ls_restr.rejects 
_refine_ls_restr.type 
_refine_ls_restr.weight 
_refine_ls_restr.pdbx_restraint_function 
'X-RAY DIFFRACTION' ? 0.0086457747589  ? 1009 ? f_bond_d           ? ? 
'X-RAY DIFFRACTION' ? 0.96722275494    ? 1380 ? f_angle_d          ? ? 
'X-RAY DIFFRACTION' ? 0.0460925284682  ? 139  ? f_chiral_restr     ? ? 
'X-RAY DIFFRACTION' ? 0.00496230411197 ? 176  ? f_plane_restr      ? ? 
'X-RAY DIFFRACTION' ? 18.1705081273    ? 622  ? f_dihedral_angle_d ? ? 
# 
loop_
_refine_ls_shell.pdbx_refine_id 
_refine_ls_shell.d_res_high 
_refine_ls_shell.d_res_low 
_refine_ls_shell.number_reflns_all 
_refine_ls_shell.number_reflns_obs 
_refine_ls_shell.number_reflns_R_free 
_refine_ls_shell.number_reflns_R_work 
_refine_ls_shell.percent_reflns_obs 
_refine_ls_shell.percent_reflns_R_free 
_refine_ls_shell.R_factor_all 
_refine_ls_shell.R_factor_obs 
_refine_ls_shell.R_factor_R_free 
_refine_ls_shell.R_factor_R_free_error 
_refine_ls_shell.R_factor_R_work 
_refine_ls_shell.redundancy_reflns_all 
_refine_ls_shell.redundancy_reflns_obs 
_refine_ls_shell.wR_factor_all 
_refine_ls_shell.wR_factor_obs 
_refine_ls_shell.wR_factor_R_free 
_refine_ls_shell.wR_factor_R_work 
_refine_ls_shell.pdbx_R_complete 
_refine_ls_shell.pdbx_total_number_of_bins_used 
_refine_ls_shell.pdbx_phase_error 
_refine_ls_shell.pdbx_fsc_work 
_refine_ls_shell.pdbx_fsc_free 
'X-RAY DIFFRACTION' 2.2002 2.7717 . . 156 2557 90.8573342264 . . . 0.304424544527 . 0.193934480071 . . . . . . . . . . . 
'X-RAY DIFFRACTION' 2.7717 3.5    . . 152 2905 99.9019607843 . . . 0.257293322122 . 0.184646133209 . . . . . . . . . . . 
# 
_struct.entry_id                     7F5E 
_struct.title                        'Crystal structure of BPTF-BRD with ligand DC-BPi-11 bound' 
_struct.pdbx_model_details           ? 
_struct.pdbx_formula_weight          ? 
_struct.pdbx_formula_weight_method   ? 
_struct.pdbx_model_type_details      ? 
_struct.pdbx_CASP_flag               N 
# 
_struct_keywords.entry_id        7F5E 
_struct_keywords.text            
'BPTF Bromodomain, Lysine acetylation, small-molecule inhibitor, BIOSYNTHETIC PROTEIN, ANTITUMOR PROTEIN' 
_struct_keywords.pdbx_keywords   'ANTITUMOR PROTEIN' 
# 
loop_
_struct_asym.id 
_struct_asym.pdbx_blank_PDB_chainid_flag 
_struct_asym.pdbx_modified 
_struct_asym.entity_id 
_struct_asym.details 
A N N 1 ? 
B N N 2 ? 
C N N 3 ? 
# 
loop_
_struct_conf.conf_type_id 
_struct_conf.id 
_struct_conf.pdbx_PDB_helix_id 
_struct_conf.beg_label_comp_id 
_struct_conf.beg_label_asym_id 
_struct_conf.beg_label_seq_id 
_struct_conf.pdbx_beg_PDB_ins_code 
_struct_conf.end_label_comp_id 
_struct_conf.end_label_asym_id 
_struct_conf.end_label_seq_id 
_struct_conf.pdbx_end_PDB_ins_code 
_struct_conf.beg_auth_comp_id 
_struct_conf.beg_auth_asym_id 
_struct_conf.beg_auth_seq_id 
_struct_conf.end_auth_comp_id 
_struct_conf.end_auth_asym_id 
_struct_conf.end_auth_seq_id 
_struct_conf.pdbx_PDB_helix_class 
_struct_conf.details 
_struct_conf.pdbx_PDB_helix_length 
HELX_P HELX_P1 AA1 THR A 10 ? HIS A 27  ? THR A 70  HIS A 87  1 ? 18 
HELX_P HELX_P2 AA2 LYS A 28 ? LEU A 34  ? LYS A 88  LEU A 94  5 ? 7  
HELX_P HELX_P3 AA3 ASP A 38 ? ALA A 42  ? ASP A 98  ALA A 102 5 ? 5  
HELX_P HELX_P4 AA4 ASP A 44 ? ILE A 49  ? ASP A 104 ILE A 109 1 ? 6  
HELX_P HELX_P5 AA5 ASP A 54 ? ARG A 64  ? ASP A 114 ARG A 124 1 ? 11 
HELX_P HELX_P6 AA6 LYS A 69 ? ASN A 88  ? LYS A 129 ASN A 148 1 ? 20 
HELX_P HELX_P7 AA7 SER A 92 ? LYS A 113 ? SER A 152 LYS A 173 1 ? 22 
# 
_struct_conf_type.id          HELX_P 
_struct_conf_type.criteria    ? 
_struct_conf_type.reference   ? 
# 
_atom_sites.entry_id                    7F5E 
_atom_sites.Cartn_transf_matrix[1][1]   ? 
_atom_sites.Cartn_transf_matrix[1][2]   ? 
_atom_sites.Cartn_transf_matrix[1][3]   ? 
_atom_sites.Cartn_transf_matrix[2][1]   ? 
_atom_sites.Cartn_transf_matrix[2][2]   ? 
_atom_sites.Cartn_transf_matrix[2][3]   ? 
_atom_sites.Cartn_transf_matrix[3][1]   ? 
_atom_sites.Cartn_transf_matrix[3][2]   ? 
_atom_sites.Cartn_transf_matrix[3][3]   ? 
_atom_sites.Cartn_transf_vector[1]      ? 
_atom_sites.Cartn_transf_vector[2]      ? 
_atom_sites.Cartn_transf_vector[3]      ? 
_atom_sites.fract_transf_matrix[1][1]   0.00312754 
_atom_sites.fract_transf_matrix[1][2]   0.00579591 
_atom_sites.fract_transf_matrix[1][3]   -0.00624118 
_atom_sites.fract_transf_matrix[2][1]   0.00394622 
_atom_sites.fract_transf_matrix[2][2]   0.02582005 
_atom_sites.fract_transf_matrix[2][3]   0.02595546 
_atom_sites.fract_transf_matrix[3][1]   0.02543574 
_atom_sites.fract_transf_matrix[3][2]   -0.00570741 
_atom_sites.fract_transf_matrix[3][3]   0.00181043 
_atom_sites.fract_transf_vector[1]      0.132036 
_atom_sites.fract_transf_vector[2]      -0.017019 
_atom_sites.fract_transf_vector[3]      0.491991 
_atom_sites.solution_primary            ? 
_atom_sites.solution_secondary          ? 
_atom_sites.solution_hydrogens          ? 
_atom_sites.special_details             ? 
# 
loop_
_atom_type.symbol 
_atom_type.scat_dispersion_real 
_atom_type.scat_dispersion_imag 
_atom_type.scat_Cromer_Mann_a1 
_atom_type.scat_Cromer_Mann_a2 
_atom_type.scat_Cromer_Mann_b1 
_atom_type.scat_Cromer_Mann_b2 
_atom_type.scat_Cromer_Mann_c 
_atom_type.scat_source 
_atom_type.scat_dispersion_source 
C   ? ? 3.54356 2.42580 25.62398 1.50364  0.0 
;2-Gaussian fit: Grosse-Kunstleve RW, Sauter NK, Adams PD: Newsletter of the IUCr Commission on Crystallographic Computing 2004, 3, 22-31.
;
? 
H   ? ? 0.51345 0.48472 24.73122 6.32584  0.0 
;2-Gaussian fit: Grosse-Kunstleve RW, Sauter NK, Adams PD: Newsletter of the IUCr Commission on Crystallographic Computing 2004, 3, 22-31.
;
? 
N   ? ? 4.01032 2.96436 19.97189 1.75589  0.0 
;2-Gaussian fit: Grosse-Kunstleve RW, Sauter NK, Adams PD: Newsletter of the IUCr Commission on Crystallographic Computing 2004, 3, 22-31.
;
? 
O   ? ? 4.49882 3.47563 15.80542 1.70748  0.0 
;2-Gaussian fit: Grosse-Kunstleve RW, Sauter NK, Adams PD: Newsletter of the IUCr Commission on Crystallographic Computing 2004, 3, 22-31.
;
? 
O1- ? ? 5.12366 3.84317 3.49406  27.47979 0.0 
;2-Gaussian fit: Grosse-Kunstleve RW, Sauter NK, Adams PD: Newsletter of the IUCr Commission on Crystallographic Computing 2004, 3, 22-31.
;
? 
S   ? ? 9.55732 6.39887 1.23737  29.19336 0.0 
;2-Gaussian fit: Grosse-Kunstleve RW, Sauter NK, Adams PD: Newsletter of the IUCr Commission on Crystallographic Computing 2004, 3, 22-31.
;
? 
# 
loop_
_atom_site.group_PDB 
_atom_site.id 
_atom_site.type_symbol 
_atom_site.label_atom_id 
_atom_site.label_alt_id 
_atom_site.label_comp_id 
_atom_site.label_asym_id 
_atom_site.label_entity_id 
_atom_site.label_seq_id 
_atom_site.pdbx_PDB_ins_code 
_atom_site.Cartn_x 
_atom_site.Cartn_y 
_atom_site.Cartn_z 
_atom_site.occupancy 
_atom_site.B_iso_or_equiv 
_atom_site.pdbx_formal_charge 
_atom_site.auth_seq_id 
_atom_site.auth_comp_id 
_atom_site.auth_asym_id 
_atom_site.auth_atom_id 
_atom_site.pdbx_PDB_model_num 
ATOM   1    N N   . LEU A 1 6   ? -18.52697 4.95520   -0.36828  1.000 29.18698 ?  66  LEU A N   1 
ATOM   2    C CA  . LEU A 1 6   ? -17.95153 6.29075   -0.36914  1.000 29.88968 ?  66  LEU A CA  1 
ATOM   3    C C   . LEU A 1 6   ? -18.08780 6.88189   -1.77626  1.000 28.81650 ?  66  LEU A C   1 
ATOM   4    O O   . LEU A 1 6   ? -18.34579 6.15461   -2.72955  1.000 27.41577 ?  66  LEU A O   1 
ATOM   5    C CB  . LEU A 1 6   ? -16.48998 6.27442   0.09589   1.000 27.41163 ?  66  LEU A CB  1 
ATOM   6    C CG  . LEU A 1 6   ? -16.13215 7.54573   0.87737   1.000 39.60842 ?  66  LEU A CG  1 
ATOM   7    C CD1 . LEU A 1 6   ? -16.78435 7.58509   2.24483   1.000 41.43781 ?  66  LEU A CD1 1 
ATOM   8    C CD2 . LEU A 1 6   ? -14.67446 7.64768   1.03625   1.000 38.06789 ?  66  LEU A CD2 1 
ATOM   9    N N   . THR A 1 7   ? -17.92382 8.20535   -1.88663  1.000 29.09602 ?  67  THR A N   1 
ATOM   10   C CA  . THR A 1 7   ? -18.30341 8.99147   -3.06051  1.000 28.71112 ?  67  THR A CA  1 
ATOM   11   C C   . THR A 1 7   ? -17.35436 8.79760   -4.24104  1.000 31.86075 ?  67  THR A C   1 
ATOM   12   O O   . THR A 1 7   ? -16.17516 8.48950   -4.06780  1.000 33.36170 ?  67  THR A O   1 
ATOM   13   C CB  . THR A 1 7   ? -18.31913 10.47167  -2.71022  1.000 25.64691 ?  67  THR A CB  1 
ATOM   14   O OG1 . THR A 1 7   ? -17.05219 10.81520  -2.14560  1.000 34.21153 ?  67  THR A OG1 1 
ATOM   15   C CG2 . THR A 1 7   ? -19.39636 10.77331  -1.71092  1.000 22.15374 ?  67  THR A CG2 1 
ATOM   16   N N   . PRO A 1 8   ? -17.83520 9.02666   -5.45859  1.000 25.75079 ?  68  PRO A N   1 
ATOM   17   C CA  . PRO A 1 8   ? -17.00912 8.74371   -6.62766  1.000 22.52870 ?  68  PRO A CA  1 
ATOM   18   C C   . PRO A 1 8   ? -15.77789 9.63245   -6.66046  1.000 24.26174 ?  68  PRO A C   1 
ATOM   19   O O   . PRO A 1 8   ? -15.83088 10.81353  -6.32059  1.000 34.05750 ?  68  PRO A O   1 
ATOM   20   C CB  . PRO A 1 8   ? -17.94674 9.03267   -7.80427  1.000 25.60512 ?  68  PRO A CB  1 
ATOM   21   C CG  . PRO A 1 8   ? -19.31107 8.90071   -7.23067  1.000 25.38640 ?  68  PRO A CG  1 
ATOM   22   C CD  . PRO A 1 8   ? -19.18966 9.45009   -5.84259  1.000 29.21930 ?  68  PRO A CD  1 
ATOM   23   N N   . LEU A 1 9   ? -14.65853 9.03622   -7.05921  1.000 23.00224 ?  69  LEU A N   1 
ATOM   24   C CA  . LEU A 1 9   ? -13.40372 9.76187   -7.16955  1.000 26.18453 ?  69  LEU A CA  1 
ATOM   25   C C   . LEU A 1 9   ? -13.45683 10.73430  -8.33210  1.000 26.64416 ?  69  LEU A C   1 
ATOM   26   O O   . LEU A 1 9   ? -13.78882 10.35230  -9.45709  1.000 22.99371 ?  69  LEU A O   1 
ATOM   27   C CB  . LEU A 1 9   ? -12.25455 8.78438   -7.36000  1.000 23.37815 ?  69  LEU A CB  1 
ATOM   28   C CG  . LEU A 1 9   ? -12.08920 7.96627   -6.09856  1.000 17.65866 ?  69  LEU A CG  1 
ATOM   29   C CD1 . LEU A 1 9   ? -11.28992 6.75352   -6.38428  1.000 15.45244 ?  69  LEU A CD1 1 
ATOM   30   C CD2 . LEU A 1 9   ? -11.41133 8.83234   -5.07255  1.000 19.89208 ?  69  LEU A CD2 1 
ATOM   31   N N   . THR A 1 10  ? -13.14376 11.99220  -8.04942  1.000 25.71935 ?  70  THR A N   1 
ATOM   32   C CA  . THR A 1 10  ? -12.99558 13.01413  -9.06701  1.000 23.36538 ?  70  THR A CA  1 
ATOM   33   C C   . THR A 1 10  ? -11.57029 13.02754  -9.59155  1.000 30.77833 ?  70  THR A C   1 
ATOM   34   O O   . THR A 1 10  ? -10.67908 12.34909  -9.07730  1.000 27.63079 ?  70  THR A O   1 
ATOM   35   C CB  . THR A 1 10  ? -13.30903 14.39072  -8.50580  1.000 26.14549 ?  70  THR A CB  1 
ATOM   36   O OG1 . THR A 1 10  ? -12.29253 14.73216  -7.56317  1.000 32.38411 ?  70  THR A OG1 1 
ATOM   37   C CG2 . THR A 1 10  ? -14.66424 14.40554  -7.80714  1.000 27.85041 ?  70  THR A CG2 1 
ATOM   38   N N   . GLU A 1 11  ? -11.35229 13.84971  -10.61519 1.000 31.45046 ?  71  GLU A N   1 
ATOM   39   C CA  A GLU A 1 11  ? -10.00626 13.95970  -11.16638 0.499 33.89071 ?  71  GLU A CA  1 
ATOM   40   C CA  B GLU A 1 11  ? -10.01925 14.00456  -11.18769 0.501 33.89913 ?  71  GLU A CA  1 
ATOM   41   C C   . GLU A 1 11  ? -9.06458  14.63255  -10.17660 1.000 30.08027 ?  71  GLU A C   1 
ATOM   42   O O   . GLU A 1 11  ? -7.89696  14.23274  -10.06361 1.000 24.03111 ?  71  GLU A O   1 
ATOM   43   C CB  A GLU A 1 11  ? -10.02246 14.70311  -12.50567 0.499 29.25762 ?  71  GLU A CB  1 
ATOM   44   C CB  B GLU A 1 11  ? -10.10977 14.85313  -12.46224 0.501 29.25763 ?  71  GLU A CB  1 
ATOM   45   C CG  A GLU A 1 11  ? -9.76253  13.79394  -13.70823 0.499 29.83609 ?  71  GLU A CG  1 
ATOM   46   C CG  B GLU A 1 11  ? -11.10219 14.34034  -13.51900 0.501 28.32739 ?  71  GLU A CG  1 
ATOM   47   C CD  A GLU A 1 11  ? -8.54536  12.88658  -13.51629 0.499 40.07248 ?  71  GLU A CD  1 
ATOM   48   C CD  B GLU A 1 11  ? -12.57348 14.39061  -13.07553 0.501 35.24189 ?  71  GLU A CD  1 
ATOM   49   O OE1 A GLU A 1 11  ? -7.47397  13.38690  -13.09771 0.499 41.83401 ?  71  GLU A OE1 1 
ATOM   50   O OE1 B GLU A 1 11  ? -13.01007 15.40341  -12.47796 0.501 30.60919 ?  71  GLU A OE1 1 
ATOM   51   O OE2 A GLU A 1 11  ? -8.66501  11.66625  -13.77303 0.499 40.54905 -1 71  GLU A OE2 1 
ATOM   52   O OE2 B GLU A 1 11  ? -13.29537 13.39767  -13.31691 0.501 36.43479 -1 71  GLU A OE2 1 
ATOM   53   N N   . LYS A 1 12  ? -9.55272  15.62725  -9.43471  1.000 24.56700 ?  72  LYS A N   1 
ATOM   54   C CA  . LYS A 1 12  ? -8.74889  16.20617  -8.37068  1.000 25.54261 ?  72  LYS A CA  1 
ATOM   55   C C   . LYS A 1 12  ? -8.48595  15.17951  -7.27889  1.000 32.78952 ?  72  LYS A C   1 
ATOM   56   O O   . LYS A 1 12  ? -7.38337  15.12873  -6.71675  1.000 27.30750 ?  72  LYS A O   1 
ATOM   57   C CB  . LYS A 1 12  ? -9.44243  17.44063  -7.79541  1.000 30.76070 ?  72  LYS A CB  1 
ATOM   58   C CG  . LYS A 1 12  ? -8.64312  18.15210  -6.71005  1.000 38.97687 ?  72  LYS A CG  1 
ATOM   59   C CD  . LYS A 1 12  ? -9.43572  19.30687  -6.09984  1.000 56.40281 ?  72  LYS A CD  1 
ATOM   60   C CE  . LYS A 1 12  ? -8.55070  20.25419  -5.28615  1.000 75.09638 ?  72  LYS A CE  1 
ATOM   61   N NZ  . LYS A 1 12  ? -7.82881  19.58969  -4.16270  1.000 60.44669 1  72  LYS A NZ  1 
ATOM   62   N N   . ASP A 1 13  ? -9.48742  14.35137  -6.96474  1.000 23.65950 ?  73  ASP A N   1 
ATOM   63   C CA  . ASP A 1 13  ? -9.26219  13.25504  -6.03111  1.000 26.74302 ?  73  ASP A CA  1 
ATOM   64   C C   . ASP A 1 13  ? -8.06532  12.43148  -6.46548  1.000 30.90796 ?  73  ASP A C   1 
ATOM   65   O O   . ASP A 1 13  ? -7.22581  12.04653  -5.64396  1.000 25.51065 ?  73  ASP A O   1 
ATOM   66   C CB  . ASP A 1 13  ? -10.49128 12.35302  -5.94791  1.000 27.75177 ?  73  ASP A CB  1 
ATOM   67   C CG  . ASP A 1 13  ? -11.63198 12.98069  -5.18244  1.000 28.15950 ?  73  ASP A CG  1 
ATOM   68   O OD1 . ASP A 1 13  ? -11.34307 13.73016  -4.23533  1.000 24.28924 ?  73  ASP A OD1 1 
ATOM   69   O OD2 . ASP A 1 13  ? -12.81089 12.70753  -5.51676  1.000 31.78392 -1 73  ASP A OD2 1 
ATOM   70   N N   . TYR A 1 14  ? -7.96674  12.15814  -7.76584  1.000 25.13028 ?  74  TYR A N   1 
ATOM   71   C CA  . TYR A 1 14  ? -6.90190  11.28855  -8.24066  1.000 21.72168 ?  74  TYR A CA  1 
ATOM   72   C C   . TYR A 1 14  ? -5.53679  11.94634  -8.06976  1.000 23.81028 ?  74  TYR A C   1 
ATOM   73   O O   . TYR A 1 14  ? -4.56081  11.26907  -7.72960  1.000 24.43827 ?  74  TYR A O   1 
ATOM   74   C CB  . TYR A 1 14  ? -7.16590  10.88974  -9.68982  1.000 20.77520 ?  74  TYR A CB  1 
ATOM   75   C CG  . TYR A 1 14  ? -7.67599  9.47705   -9.80285  1.000 23.26427 ?  74  TYR A CG  1 
ATOM   76   C CD1 . TYR A 1 14  ? -6.79574  8.42899   -10.02894 1.000 20.96476 ?  74  TYR A CD1 1 
ATOM   77   C CD2 . TYR A 1 14  ? -9.02953  9.18009   -9.64061  1.000 21.79016 ?  74  TYR A CD2 1 
ATOM   78   C CE1 . TYR A 1 14  ? -7.23930  7.11819   -10.10776 1.000 20.56840 ?  74  TYR A CE1 1 
ATOM   79   C CE2 . TYR A 1 14  ? -9.48213  7.86946   -9.72942  1.000 18.94564 ?  74  TYR A CE2 1 
ATOM   80   C CZ  . TYR A 1 14  ? -8.57596  6.84409   -9.95776  1.000 15.57870 ?  74  TYR A CZ  1 
ATOM   81   O OH  . TYR A 1 14  ? -8.99698  5.54119   -10.04969 1.000 20.60501 ?  74  TYR A OH  1 
ATOM   82   N N   . GLU A 1 15  ? -5.45493  13.26871  -8.25281  1.000 16.48523 ?  75  GLU A N   1 
ATOM   83   C CA  . GLU A 1 15  ? -4.19874  13.95652  -7.98576  1.000 25.78489 ?  75  GLU A CA  1 
ATOM   84   C C   . GLU A 1 15  ? -3.75876  13.75624  -6.54129  1.000 20.85053 ?  75  GLU A C   1 
ATOM   85   O O   . GLU A 1 15  ? -2.58760  13.47250  -6.27772  1.000 20.93753 ?  75  GLU A O   1 
ATOM   86   C CB  . GLU A 1 15  ? -4.32914  15.43886  -8.32832  1.000 21.91925 ?  75  GLU A CB  1 
ATOM   87   C CG  . GLU A 1 15  ? -4.29809  15.66150  -9.82268  1.000 24.41309 ?  75  GLU A CG  1 
ATOM   88   C CD  . GLU A 1 15  ? -3.13780  14.91021  -10.49101 1.000 40.47571 ?  75  GLU A CD  1 
ATOM   89   O OE1 . GLU A 1 15  ? -1.98847  14.99309  -9.99068  1.000 30.37490 ?  75  GLU A OE1 1 
ATOM   90   O OE2 . GLU A 1 15  ? -3.37660  14.22488  -11.50897 1.000 38.06220 -1 75  GLU A OE2 1 
ATOM   91   N N   . GLY A 1 16  ? -4.68968  13.87005  -5.59370  1.000 22.72354 ?  76  GLY A N   1 
ATOM   92   C CA  . GLY A 1 16  ? -4.34754  13.62463  -4.20137  1.000 19.91353 ?  76  GLY A CA  1 
ATOM   93   C C   . GLY A 1 16  ? -3.92409  12.19008  -3.94225  1.000 19.38985 ?  76  GLY A C   1 
ATOM   94   O O   . GLY A 1 16  ? -3.02924  11.93267  -3.13339  1.000 19.28473 ?  76  GLY A O   1 
ATOM   95   N N   . LEU A 1 17  ? -4.56791  11.23546  -4.62567  1.000 22.75496 ?  77  LEU A N   1 
ATOM   96   C CA  . LEU A 1 17  ? -4.18290  9.83237   -4.49682  1.000 19.38100 ?  77  LEU A CA  1 
ATOM   97   C C   . LEU A 1 17  ? -2.77556  9.60086   -5.02916  1.000 22.39737 ?  77  LEU A C   1 
ATOM   98   O O   . LEU A 1 17  ? -1.98309  8.87112   -4.41521  1.000 20.31125 ?  77  LEU A O   1 
ATOM   99   C CB  . LEU A 1 17  ? -5.18290  8.92778   -5.23284  1.000 18.91017 ?  77  LEU A CB  1 
ATOM   100  C CG  . LEU A 1 17  ? -6.62264  8.72368   -4.70168  1.000 20.41702 ?  77  LEU A CG  1 
ATOM   101  C CD1 . LEU A 1 17  ? -7.37350  7.58397   -5.40156  1.000 22.52666 ?  77  LEU A CD1 1 
ATOM   102  C CD2 . LEU A 1 17  ? -6.60770  8.47355   -3.24164  1.000 23.80762 ?  77  LEU A CD2 1 
ATOM   103  N N   . LYS A 1 18  ? -2.45654  10.19448  -6.18598  1.000 19.41345 ?  78  LYS A N   1 
ATOM   104  C CA  . LYS A 1 18  ? -1.08916  10.13579  -6.69230  1.000 19.31031 ?  78  LYS A CA  1 
ATOM   105  C C   . LYS A 1 18  ? -0.10877  10.62344  -5.64151  1.000 19.50331 ?  78  LYS A C   1 
ATOM   106  O O   . LYS A 1 18  ? 0.93619   10.00143  -5.41286  1.000 22.50600 ?  78  LYS A O   1 
ATOM   107  C CB  . LYS A 1 18  ? -0.94639  10.98992  -7.95047  1.000 17.18186 ?  78  LYS A CB  1 
ATOM   108  C CG  . LYS A 1 18  ? -1.71366  10.52163  -9.13453  1.000 17.09511 ?  78  LYS A CG  1 
ATOM   109  C CD  . LYS A 1 18  ? -1.47794  11.47050  -10.31549 1.000 19.36385 ?  78  LYS A CD  1 
ATOM   110  C CE  . LYS A 1 18  ? -2.14984  10.95606  -11.60072 1.000 28.59672 ?  78  LYS A CE  1 
ATOM   111  N NZ  . LYS A 1 18  ? -1.66902  11.70958  -12.80141 1.000 52.85474 1  78  LYS A NZ  1 
ATOM   112  N N   . ARG A 1 19  ? -0.45118  11.73756  -4.97878  1.000 21.50712 ?  79  ARG A N   1 
ATOM   113  C CA  A ARG A 1 19  ? 0.41222   12.32632  -3.96140  0.603 22.21459 ?  79  ARG A CA  1 
ATOM   114  C CA  B ARG A 1 19  ? 0.43704   12.30969  -3.97257  0.397 22.09675 ?  79  ARG A CA  1 
ATOM   115  C C   . ARG A 1 19  ? 0.58938   11.38016  -2.77939  1.000 21.32151 ?  79  ARG A C   1 
ATOM   116  O O   . ARG A 1 19  ? 1.70782   11.16385  -2.29881  1.000 22.04279 ?  79  ARG A O   1 
ATOM   117  C CB  A ARG A 1 19  ? -0.18962  13.67001  -3.52796  0.603 23.29802 ?  79  ARG A CB  1 
ATOM   118  C CB  B ARG A 1 19  ? -0.07579  13.67718  -3.51482  0.397 23.32082 ?  79  ARG A CB  1 
ATOM   119  C CG  A ARG A 1 19  ? 0.41400   14.34251  -2.29973  0.603 26.51285 ?  79  ARG A CG  1 
ATOM   120  C CG  B ARG A 1 19  ? 0.92029   14.45248  -2.64057  0.397 26.11327 ?  79  ARG A CG  1 
ATOM   121  C CD  A ARG A 1 19  ? -0.49470  15.48833  -1.78825  0.603 28.54184 ?  79  ARG A CD  1 
ATOM   122  C CD  B ARG A 1 19  ? 0.23595   15.52917  -1.78567  0.397 28.80156 ?  79  ARG A CD  1 
ATOM   123  N NE  A ARG A 1 19  ? -0.37056  16.72928  -2.55788  0.603 26.36016 ?  79  ARG A NE  1 
ATOM   124  N NE  B ARG A 1 19  ? -0.29409  14.96939  -0.54365  0.397 28.03700 ?  79  ARG A NE  1 
ATOM   125  C CZ  A ARG A 1 19  ? -1.27421  17.19252  -3.42702  0.603 36.14140 ?  79  ARG A CZ  1 
ATOM   126  C CZ  B ARG A 1 19  ? -1.51045  14.45011  -0.41766  0.397 28.06619 ?  79  ARG A CZ  1 
ATOM   127  N NH1 A ARG A 1 19  ? -1.03994  18.33833  -4.05751  0.603 28.15217 1  79  ARG A NH1 1 
ATOM   128  N NH1 B ARG A 1 19  ? -2.34140  14.41815  -1.45041  0.397 26.46185 1  79  ARG A NH1 1 
ATOM   129  N NH2 A ARG A 1 19  ? -2.41278  16.54165  -3.66233  0.603 25.59429 ?  79  ARG A NH2 1 
ATOM   130  N NH2 B ARG A 1 19  ? -1.89484  13.95197  0.74154   0.397 32.52522 ?  79  ARG A NH2 1 
ATOM   131  N N   . VAL A 1 20  ? -0.51829  10.81855  -2.28579  1.000 19.50987 ?  80  VAL A N   1 
ATOM   132  C CA  . VAL A 1 20  ? -0.43778  9.86897   -1.17154  1.000 20.45951 ?  80  VAL A CA  1 
ATOM   133  C C   . VAL A 1 20  ? 0.40144   8.66427   -1.57397  1.000 16.60443 ?  80  VAL A C   1 
ATOM   134  O O   . VAL A 1 20  ? 1.27959   8.21116   -0.83558  1.000 16.94776 ?  80  VAL A O   1 
ATOM   135  C CB  . VAL A 1 20  ? -1.84390  9.42905   -0.72892  1.000 21.58781 ?  80  VAL A CB  1 
ATOM   136  C CG1 . VAL A 1 20  ? -1.74035  8.26321   0.25875   1.000 14.98598 ?  80  VAL A CG1 1 
ATOM   137  C CG2 . VAL A 1 20  ? -2.60421  10.58393  -0.13395  1.000 23.94762 ?  80  VAL A CG2 1 
ATOM   138  N N   . LEU A 1 21  ? 0.13353   8.12501   -2.75795  1.000 16.87366 ?  81  LEU A N   1 
ATOM   139  C CA  A LEU A 1 21  ? 0.89971   6.98612   -3.24103  0.939 19.45939 ?  81  LEU A CA  1 
ATOM   140  C CA  B LEU A 1 21  ? 0.90361   6.98230   -3.23376  0.061 19.23873 ?  81  LEU A CA  1 
ATOM   141  C C   . LEU A 1 21  ? 2.39361   7.29830   -3.25806  1.000 21.12680 ?  81  LEU A C   1 
ATOM   142  O O   . LEU A 1 21  ? 3.21445   6.51738   -2.76229  1.000 17.95052 ?  81  LEU A O   1 
ATOM   143  C CB  A LEU A 1 21  ? 0.39308   6.59836   -4.62840  0.939 19.03664 ?  81  LEU A CB  1 
ATOM   144  C CB  B LEU A 1 21  ? 0.41169   6.56024   -4.61832  0.061 18.88490 ?  81  LEU A CB  1 
ATOM   145  C CG  A LEU A 1 21  ? 1.02611   5.33652   -5.17173  0.939 23.50059 ?  81  LEU A CG  1 
ATOM   146  C CG  B LEU A 1 21  ? 0.19765   5.05630   -4.79727  0.061 21.02911 ?  81  LEU A CG  1 
ATOM   147  C CD1 A LEU A 1 21  ? 1.15611   4.37869   -4.01138  0.939 21.68837 ?  81  LEU A CD1 1 
ATOM   148  C CD1 B LEU A 1 21  ? -0.04147  4.70954   -6.25831  0.061 21.38642 ?  81  LEU A CD1 1 
ATOM   149  C CD2 A LEU A 1 21  ? 0.13117   4.76030   -6.23930  0.939 21.59120 ?  81  LEU A CD2 1 
ATOM   150  C CD2 B LEU A 1 21  ? 1.37731   4.27708   -4.23807  0.061 20.83818 ?  81  LEU A CD2 1 
ATOM   151  N N   . ARG A 1 22  ? 2.77146   8.45607   -3.81554  1.000 16.25009 ?  82  ARG A N   1 
ATOM   152  C CA  A ARG A 1 22  ? 4.18973   8.78080   -3.94195  0.571 20.37162 ?  82  ARG A CA  1 
ATOM   153  C CA  B ARG A 1 22  ? 4.19215   8.75438   -3.93915  0.429 20.40562 ?  82  ARG A CA  1 
ATOM   154  C C   . ARG A 1 22  ? 4.83570   8.97931   -2.57864  1.000 20.30335 ?  82  ARG A C   1 
ATOM   155  O O   . ARG A 1 22  ? 6.00626   8.63658   -2.38951  1.000 20.87601 ?  82  ARG A O   1 
ATOM   156  C CB  A ARG A 1 22  ? 4.38821   10.03086  -4.80522  0.571 21.73175 ?  82  ARG A CB  1 
ATOM   157  C CB  B ARG A 1 22  ? 4.40074   9.96299   -4.85638  0.429 21.71506 ?  82  ARG A CB  1 
ATOM   158  C CG  A ARG A 1 22  ? 4.12011   9.83634   -6.29960  0.571 20.70343 ?  82  ARG A CG  1 
ATOM   159  C CG  B ARG A 1 22  ? 4.15558   9.64229   -6.33293  0.429 20.66899 ?  82  ARG A CG  1 
ATOM   160  C CD  A ARG A 1 22  ? 4.54006   11.07600  -7.09930  0.571 22.70381 ?  82  ARG A CD  1 
ATOM   161  C CD  B ARG A 1 22  ? 3.81994   10.88322  -7.15996  0.429 23.75848 ?  82  ARG A CD  1 
ATOM   162  N NE  A ARG A 1 22  ? 3.96009   12.29635  -6.54220  0.571 20.00205 ?  82  ARG A NE  1 
ATOM   163  N NE  B ARG A 1 22  ? 3.53034   10.53763  -8.55419  0.429 25.47459 ?  82  ARG A NE  1 
ATOM   164  C CZ  A ARG A 1 22  ? 3.07935   13.07739  -7.16204  0.571 18.62536 ?  82  ARG A CZ  1 
ATOM   165  C CZ  B ARG A 1 22  ? 2.84130   11.30462  -9.39372  0.429 19.51490 ?  82  ARG A CZ  1 
ATOM   166  N NH1 A ARG A 1 22  ? 2.66893   12.79787  -8.39541  0.571 17.49969 1  82  ARG A NH1 1 
ATOM   167  N NH1 B ARG A 1 22  ? 2.35105   12.47025  -8.98682  0.429 16.70118 1  82  ARG A NH1 1 
ATOM   168  N NH2 A ARG A 1 22  ? 2.61999   14.15232  -6.54290  0.571 14.20877 ?  82  ARG A NH2 1 
ATOM   169  N NH2 B ARG A 1 22  ? 2.63586   10.89716  -10.64068 0.429 20.80933 ?  82  ARG A NH2 1 
ATOM   170  N N   . SER A 1 23  ? 4.09953   9.54809   -1.61868  1.000 14.70744 ?  83  SER A N   1 
ATOM   171  C CA  A SER A 1 23  ? 4.66131   9.69698   -0.28245  0.034 17.44048 ?  83  SER A CA  1 
ATOM   172  C CA  B SER A 1 23  ? 4.65322   9.69165   -0.27635  0.966 17.36993 ?  83  SER A CA  1 
ATOM   173  C C   . SER A 1 23  ? 4.99059   8.33676   0.31208   1.000 16.45112 ?  83  SER A C   1 
ATOM   174  O O   . SER A 1 23  ? 6.03358   8.16505   0.95028   1.000 18.96794 ?  83  SER A O   1 
ATOM   175  C CB  A SER A 1 23  ? 3.69634   10.46352  0.62141   0.034 17.27233 ?  83  SER A CB  1 
ATOM   176  C CB  B SER A 1 23  ? 3.67612   10.41850  0.64600   0.966 17.32898 ?  83  SER A CB  1 
ATOM   177  O OG  A SER A 1 23  ? 2.67392   9.61440   1.10939   0.034 18.19948 ?  83  SER A OG  1 
ATOM   178  O OG  B SER A 1 23  ? 3.65993   11.80147  0.39745   0.966 24.98494 ?  83  SER A OG  1 
ATOM   179  N N   . LEU A 1 24  ? 4.11426   7.35690   0.10268   1.000 17.32058 ?  84  LEU A N   1 
ATOM   180  C CA  A LEU A 1 24  ? 4.38493   6.01217   0.58759   0.474 17.08719 ?  84  LEU A CA  1 
ATOM   181  C CA  B LEU A 1 24  ? 4.39261   6.01541   0.59273   0.526 17.07915 ?  84  LEU A CA  1 
ATOM   182  C C   . LEU A 1 24  ? 5.57471   5.39815   -0.13973  1.000 13.49085 ?  84  LEU A C   1 
ATOM   183  O O   . LEU A 1 24  ? 6.43916   4.77649   0.48206   1.000 26.04283 ?  84  LEU A O   1 
ATOM   184  C CB  A LEU A 1 24  ? 3.12853   5.16007   0.42683   0.474 17.40257 ?  84  LEU A CB  1 
ATOM   185  C CB  B LEU A 1 24  ? 3.14800   5.14325   0.45900   0.526 17.52369 ?  84  LEU A CB  1 
ATOM   186  C CG  A LEU A 1 24  ? 1.96385   5.70586   1.25506   0.474 17.19128 ?  84  LEU A CG  1 
ATOM   187  C CG  B LEU A 1 24  ? 2.29534   5.16107   1.72610   0.526 17.56266 ?  84  LEU A CG  1 
ATOM   188  C CD1 A LEU A 1 24  ? 0.63636   5.29668   0.64347   0.474 18.15713 ?  84  LEU A CD1 1 
ATOM   189  C CD1 B LEU A 1 24  ? 1.63610   6.51939   1.90572   0.526 13.98002 ?  84  LEU A CD1 1 
ATOM   190  C CD2 A LEU A 1 24  ? 2.07159   5.23597   2.70316   0.474 14.64447 ?  84  LEU A CD2 1 
ATOM   191  C CD2 B LEU A 1 24  ? 1.27824   4.03769   1.68734   0.526 15.66100 ?  84  LEU A CD2 1 
ATOM   192  N N   . GLN A 1 25  ? 5.65405   5.58708   -1.44905  1.000 16.97351 ?  85  GLN A N   1 
ATOM   193  C CA  . GLN A 1 25  ? 6.75735   4.98485   -2.18746  1.000 17.83158 ?  85  GLN A CA  1 
ATOM   194  C C   . GLN A 1 25  ? 8.10117   5.56003   -1.75988  1.000 18.51409 ?  85  GLN A C   1 
ATOM   195  O O   . GLN A 1 25  ? 9.12955   4.90553   -1.91008  1.000 18.40859 ?  85  GLN A O   1 
ATOM   196  C CB  . GLN A 1 25  ? 6.52866   5.18499   -3.67530  1.000 15.21599 ?  85  GLN A CB  1 
ATOM   197  C CG  . GLN A 1 25  ? 5.38646   4.34491   -4.20684  1.000 21.92348 ?  85  GLN A CG  1 
ATOM   198  C CD  . GLN A 1 25  ? 5.02686   4.67040   -5.64549  1.000 16.22666 ?  85  GLN A CD  1 
ATOM   199  O OE1 . GLN A 1 25  ? 4.74099   5.82156   -5.99917  1.000 17.13747 ?  85  GLN A OE1 1 
ATOM   200  N NE2 . GLN A 1 25  ? 5.01782   3.65014   -6.47650  1.000 19.29728 ?  85  GLN A NE2 1 
ATOM   201  N N   . ALA A 1 26  ? 8.11257   6.77659   -1.22807  1.000 18.70099 ?  86  ALA A N   1 
ATOM   202  C CA  . ALA A 1 26  ? 9.34921   7.45184   -0.86680  1.000 20.93995 ?  86  ALA A CA  1 
ATOM   203  C C   . ALA A 1 26  ? 9.78979   7.14918   0.56141   1.000 19.65821 ?  86  ALA A C   1 
ATOM   204  O O   . ALA A 1 26  ? 10.93916  7.42804   0.91135   1.000 25.45307 ?  86  ALA A O   1 
ATOM   205  C CB  . ALA A 1 26  ? 9.19703   8.97950   -1.06761  1.000 18.38386 ?  86  ALA A CB  1 
ATOM   206  N N   . HIS A 1 27  ? 8.93082   6.53355   1.37046   1.000 21.90917 ?  87  HIS A N   1 
ATOM   207  C CA  . HIS A 1 27  ? 9.21630   6.34746   2.78559   1.000 17.39415 ?  87  HIS A CA  1 
ATOM   208  C C   . HIS A 1 27  ? 10.32986  5.32040   2.98115   1.000 19.29063 ?  87  HIS A C   1 
ATOM   209  O O   . HIS A 1 27  ? 10.42052  4.33660   2.25242   1.000 19.16217 ?  87  HIS A O   1 
ATOM   210  C CB  . HIS A 1 27  ? 7.93179   5.92563   3.50378   1.000 17.80623 ?  87  HIS A CB  1 
ATOM   211  C CG  . HIS A 1 27  ? 8.02402   5.92316   4.99784   1.000 22.19085 ?  87  HIS A CG  1 
ATOM   212  N ND1 . HIS A 1 27  ? 8.74816   4.98357   5.69843   1.000 16.49468 ?  87  HIS A ND1 1 
ATOM   213  C CD2 . HIS A 1 27  ? 7.44340   6.72028   5.92768   1.000 20.89159 ?  87  HIS A CD2 1 
ATOM   214  C CE1 . HIS A 1 27  ? 8.61895   5.20649   6.99396   1.000 22.18530 ?  87  HIS A CE1 1 
ATOM   215  N NE2 . HIS A 1 27  ? 7.83315   6.25528   7.16034   1.000 22.51380 ?  87  HIS A NE2 1 
ATOM   216  N N   . LYS A 1 28  ? 11.19106  5.57841   3.96700   1.000 19.76256 ?  88  LYS A N   1 
ATOM   217  C CA  . LYS A 1 28  ? 12.36561  4.74506   4.21261   1.000 20.25773 ?  88  LYS A CA  1 
ATOM   218  C C   . LYS A 1 28  ? 11.98001  3.29619   4.47124   1.000 25.81241 ?  88  LYS A C   1 
ATOM   219  O O   . LYS A 1 28  ? 12.67632  2.36714   4.04376   1.000 21.65250 ?  88  LYS A O   1 
ATOM   220  C CB  . LYS A 1 28  ? 13.12440  5.31224   5.40863   1.000 20.94938 ?  88  LYS A CB  1 
ATOM   221  C CG  . LYS A 1 28  ? 12.17167  5.55154   6.59690   1.000 36.66674 ?  88  LYS A CG  1 
ATOM   222  C CD  . LYS A 1 28  ? 12.81463  6.26275   7.80310   1.000 65.07533 ?  88  LYS A CD  1 
ATOM   223  C CE  . LYS A 1 28  ? 11.75834  6.62277   8.87023   1.000 60.21000 ?  88  LYS A CE  1 
ATOM   224  N NZ  . LYS A 1 28  ? 12.31979  7.22522   10.13018  1.000 55.37674 1  88  LYS A NZ  1 
ATOM   225  N N   . MET A 1 29  ? 10.88447  3.08848   5.18755   1.000 23.31531 ?  89  MET A N   1 
ATOM   226  C CA  . MET A 1 29  ? 10.38901  1.76690   5.52586   1.000 16.90665 ?  89  MET A CA  1 
ATOM   227  C C   . MET A 1 29  ? 9.57314   1.12380   4.40946   1.000 17.71809 ?  89  MET A C   1 
ATOM   228  O O   . MET A 1 29  ? 8.98869   0.06346   4.63024   1.000 21.75957 ?  89  MET A O   1 
ATOM   229  C CB  . MET A 1 29  ? 9.51671   1.85281   6.78731   1.000 17.43300 ?  89  MET A CB  1 
ATOM   230  C CG  . MET A 1 29  ? 10.20101  1.43453   8.07735   1.000 38.24133 ?  89  MET A CG  1 
ATOM   231  S SD  . MET A 1 29  ? 11.79317  2.22498   8.21538   1.000 47.17146 ?  89  MET A SD  1 
ATOM   232  C CE  . MET A 1 29  ? 11.51728  3.30459   9.60413   1.000 43.63103 ?  89  MET A CE  1 
ATOM   233  N N   . ALA A 1 30  ? 9.47518   1.71456   3.23205   1.000 14.75765 ?  90  ALA A N   1 
ATOM   234  C CA  . ALA A 1 30  ? 8.52279   1.16248   2.27766   1.000 16.80382 ?  90  ALA A CA  1 
ATOM   235  C C   . ALA A 1 30  ? 9.15895   0.19948   1.30580   1.000 17.39837 ?  90  ALA A C   1 
ATOM   236  O O   . ALA A 1 30  ? 8.44237   -0.39430  0.48910   1.000 17.85565 ?  90  ALA A O   1 
ATOM   237  C CB  . ALA A 1 30  ? 7.80362   2.28048   1.50473   1.000 16.47719 ?  90  ALA A CB  1 
ATOM   238  N N   . TRP A 1 31  ? 10.46973  -0.00084  1.38384   1.000 17.06195 ?  91  TRP A N   1 
ATOM   239  C CA  . TRP A 1 31  ? 11.12499  -0.79803  0.35254   1.000 18.71520 ?  91  TRP A CA  1 
ATOM   240  C C   . TRP A 1 31  ? 10.56411  -2.21496  0.23595   1.000 24.14653 ?  91  TRP A C   1 
ATOM   241  O O   . TRP A 1 31  ? 10.48487  -2.72258  -0.89357  1.000 22.37829 ?  91  TRP A O   1 
ATOM   242  C CB  . TRP A 1 31  ? 12.65250  -0.80151  0.57253   1.000 19.69146 ?  91  TRP A CB  1 
ATOM   243  C CG  . TRP A 1 31  ? 13.12717  -1.43298  1.87533   1.000 22.29891 ?  91  TRP A CG  1 
ATOM   244  C CD1 . TRP A 1 31  ? 13.35387  -0.79617  3.05850   1.000 20.69689 ?  91  TRP A CD1 1 
ATOM   245  C CD2 . TRP A 1 31  ? 13.43172  -2.81764  2.10597   1.000 17.42561 ?  91  TRP A CD2 1 
ATOM   246  N NE1 . TRP A 1 31  ? 13.76628  -1.69643  4.01526   1.000 21.56626 ?  91  TRP A NE1 1 
ATOM   247  C CE2 . TRP A 1 31  ? 13.82254  -2.94231  3.45326   1.000 20.57772 ?  91  TRP A CE2 1 
ATOM   248  C CE3 . TRP A 1 31  ? 13.41644  -3.95923  1.30179   1.000 18.33213 ?  91  TRP A CE3 1 
ATOM   249  C CZ2 . TRP A 1 31  ? 14.19507  -4.15907  4.01367   1.000 22.74475 ?  91  TRP A CZ2 1 
ATOM   250  C CZ3 . TRP A 1 31  ? 13.78841  -5.16087  1.85532   1.000 16.56275 ?  91  TRP A CZ3 1 
ATOM   251  C CH2 . TRP A 1 31  ? 14.16800  -5.25219  3.20452   1.000 22.94672 ?  91  TRP A CH2 1 
ATOM   252  N N   . PRO A 1 32  ? 10.14234  -2.89820  1.30006   1.000 19.68760 ?  92  PRO A N   1 
ATOM   253  C CA  . PRO A 1 32  ? 9.63609   -4.25866  1.09956   1.000 17.53237 ?  92  PRO A CA  1 
ATOM   254  C C   . PRO A 1 32  ? 8.35016   -4.30268  0.30182   1.000 21.08265 ?  92  PRO A C   1 
ATOM   255  O O   . PRO A 1 32  ? 7.99054   -5.38129  -0.17724  1.000 15.77990 ?  92  PRO A O   1 
ATOM   256  C CB  . PRO A 1 32  ? 9.41575   -4.77349  2.52873   1.000 18.54483 ?  92  PRO A CB  1 
ATOM   257  C CG  . PRO A 1 32  ? 10.17628  -3.83332  3.40891   1.000 18.81718 ?  92  PRO A CG  1 
ATOM   258  C CD  . PRO A 1 32  ? 10.06693  -2.50776  2.71449   1.000 17.78919 ?  92  PRO A CD  1 
ATOM   259  N N   . PHE A 1 33  ? 7.65846   -3.17391  0.12878   1.000 19.06004 ?  93  PHE A N   1 
ATOM   260  C CA  . PHE A 1 33  ? 6.34221   -3.14927  -0.50231  1.000 19.45764 ?  93  PHE A CA  1 
ATOM   261  C C   . PHE A 1 33  ? 6.32041   -2.42697  -1.84473  1.000 18.81075 ?  93  PHE A C   1 
ATOM   262  O O   . PHE A 1 33  ? 5.23132   -2.20244  -2.37996  1.000 19.66178 ?  93  PHE A O   1 
ATOM   263  C CB  . PHE A 1 33  ? 5.30453   -2.48153  0.41010   1.000 17.50362 ?  93  PHE A CB  1 
ATOM   264  C CG  . PHE A 1 33  ? 5.40480   -2.86979  1.85681   1.000 17.69771 ?  93  PHE A CG  1 
ATOM   265  C CD1 . PHE A 1 33  ? 4.95491   -4.09750  2.29289   1.000 14.34565 ?  93  PHE A CD1 1 
ATOM   266  C CD2 . PHE A 1 33  ? 5.91942   -1.98335  2.79093   1.000 18.86038 ?  93  PHE A CD2 1 
ATOM   267  C CE1 . PHE A 1 33  ? 5.03826   -4.43855  3.60971   1.000 17.67476 ?  93  PHE A CE1 1 
ATOM   268  C CE2 . PHE A 1 33  ? 6.00749   -2.33040  4.11747   1.000 21.86177 ?  93  PHE A CE2 1 
ATOM   269  C CZ  . PHE A 1 33  ? 5.56704   -3.54960  4.52877   1.000 19.34348 ?  93  PHE A CZ  1 
ATOM   270  N N   . LEU A 1 34  ? 7.47920   -2.01874  -2.38614  1.000 16.41245 ?  94  LEU A N   1 
ATOM   271  C CA  . LEU A 1 34  ? 7.47973   -1.23828  -3.62569  1.000 16.99983 ?  94  LEU A CA  1 
ATOM   272  C C   . LEU A 1 34  ? 7.02756   -2.07589  -4.80920  1.000 18.57729 ?  94  LEU A C   1 
ATOM   273  O O   . LEU A 1 34  ? 6.33277   -1.57091  -5.69549  1.000 25.85511 ?  94  LEU A O   1 
ATOM   274  C CB  . LEU A 1 34  ? 8.86689   -0.64825  -3.91422  1.000 13.45325 ?  94  LEU A CB  1 
ATOM   275  C CG  . LEU A 1 34  ? 9.42833   0.27639   -2.83652  1.000 22.23435 ?  94  LEU A CG  1 
ATOM   276  C CD1 . LEU A 1 34  ? 10.88805  0.71626   -3.12560  1.000 15.17797 ?  94  LEU A CD1 1 
ATOM   277  C CD2 . LEU A 1 34  ? 8.49669   1.46600   -2.66541  1.000 8.71514  ?  94  LEU A CD2 1 
ATOM   278  N N   . GLU A 1 35  ? 7.41279   -3.34466  -4.84920  1.000 18.70592 ?  95  GLU A N   1 
ATOM   279  C CA  . GLU A 1 35  ? 7.17082   -4.23190  -5.97612  1.000 26.20778 ?  95  GLU A CA  1 
ATOM   280  C C   . GLU A 1 35  ? 6.60007   -5.55117  -5.47970  1.000 20.61503 ?  95  GLU A C   1 
ATOM   281  O O   . GLU A 1 35  ? 6.71435   -5.88083  -4.29622  1.000 18.49230 ?  95  GLU A O   1 
ATOM   282  C CB  . GLU A 1 35  ? 8.45358   -4.52088  -6.77635  1.000 28.06631 ?  95  GLU A CB  1 
ATOM   283  C CG  . GLU A 1 35  ? 9.11882   -3.31053  -7.44095  1.000 37.21655 ?  95  GLU A CG  1 
ATOM   284  C CD  . GLU A 1 35  ? 8.44084   -2.89759  -8.73758  1.000 57.90498 ?  95  GLU A CD  1 
ATOM   285  O OE1 . GLU A 1 35  ? 7.67280   -3.71525  -9.29255  1.000 51.88866 ?  95  GLU A OE1 1 
ATOM   286  O OE2 . GLU A 1 35  ? 8.67912   -1.75538  -9.20280  1.000 64.68458 -1 95  GLU A OE2 1 
ATOM   287  N N   . PRO A 1 36  ? 5.97085   -6.31723  -6.36311  1.000 22.73889 ?  96  PRO A N   1 
ATOM   288  C CA  . PRO A 1 36  ? 5.51695   -7.65949  -5.99192  1.000 26.10840 ?  96  PRO A CA  1 
ATOM   289  C C   . PRO A 1 36  ? 6.62661   -8.45914  -5.32954  1.000 24.12974 ?  96  PRO A C   1 
ATOM   290  O O   . PRO A 1 36  ? 7.76480   -8.48959  -5.79535  1.000 24.28162 ?  96  PRO A O   1 
ATOM   291  C CB  . PRO A 1 36  ? 5.11126   -8.27192  -7.33413  1.000 27.94389 ?  96  PRO A CB  1 
ATOM   292  C CG  . PRO A 1 36  ? 4.75529   -7.11461  -8.17779  1.000 29.02197 ?  96  PRO A CG  1 
ATOM   293  C CD  . PRO A 1 36  ? 5.66445   -5.99755  -7.76526  1.000 25.57289 ?  96  PRO A CD  1 
ATOM   294  N N   . VAL A 1 37  ? 6.27073   -9.12269  -4.23595  1.000 18.10963 ?  97  VAL A N   1 
ATOM   295  C CA  . VAL A 1 37  ? 7.19086   -9.99648  -3.53530  1.000 21.05205 ?  97  VAL A CA  1 
ATOM   296  C C   . VAL A 1 37  ? 7.85025   -10.96942 -4.49808  1.000 24.62216 ?  97  VAL A C   1 
ATOM   297  O O   . VAL A 1 37  ? 7.18377   -11.63996 -5.29169  1.000 21.78953 ?  97  VAL A O   1 
ATOM   298  C CB  . VAL A 1 37  ? 6.42981   -10.73837 -2.42922  1.000 25.21189 ?  97  VAL A CB  1 
ATOM   299  C CG1 . VAL A 1 37  ? 7.37024   -11.66643 -1.67354  1.000 29.92249 ?  97  VAL A CG1 1 
ATOM   300  C CG2 . VAL A 1 37  ? 5.73581   -9.72044  -1.50851  1.000 23.26248 ?  97  VAL A CG2 1 
ATOM   301  N N   . ASP A 1 38  ? 9.16405   -11.06780 -4.40985  1.000 28.73876 ?  98  ASP A N   1 
ATOM   302  C CA  . ASP A 1 38  ? 9.91559   -12.03914 -5.18794  1.000 22.75102 ?  98  ASP A CA  1 
ATOM   303  C C   . ASP A 1 38  ? 9.93951   -13.35491 -4.42792  1.000 29.32254 ?  98  ASP A C   1 
ATOM   304  O O   . ASP A 1 38  ? 10.46651  -13.39744 -3.30628  1.000 34.10734 ?  98  ASP A O   1 
ATOM   305  C CB  . ASP A 1 38  ? 11.33035  -11.54199 -5.42381  1.000 34.71858 ?  98  ASP A CB  1 
ATOM   306  C CG  . ASP A 1 38  ? 12.15159  -12.46487 -6.30905  1.000 38.92653 ?  98  ASP A CG  1 
ATOM   307  O OD1 . ASP A 1 38  ? 11.80769  -13.66399 -6.43695  1.000 36.90276 ?  98  ASP A OD1 1 
ATOM   308  O OD2 . ASP A 1 38  ? 13.15803  -11.97383 -6.87170  1.000 43.92358 -1 98  ASP A OD2 1 
ATOM   309  N N   . PRO A 1 39  ? 9.39837   -14.44084 -4.97959  1.000 32.56398 ?  99  PRO A N   1 
ATOM   310  C CA  . PRO A 1 39  ? 9.33218   -15.68868 -4.20852  1.000 29.91130 ?  99  PRO A CA  1 
ATOM   311  C C   . PRO A 1 39  ? 10.67912  -16.19429 -3.75831  1.000 33.74311 ?  99  PRO A C   1 
ATOM   312  O O   . PRO A 1 39  ? 10.72923  -16.95616 -2.78631  1.000 37.27579 ?  99  PRO A O   1 
ATOM   313  C CB  . PRO A 1 39  ? 8.64793   -16.66564 -5.16402  1.000 28.06191 ?  99  PRO A CB  1 
ATOM   314  C CG  . PRO A 1 39  ? 8.66950   -16.00695 -6.47858  1.000 27.82742 ?  99  PRO A CG  1 
ATOM   315  C CD  . PRO A 1 39  ? 8.70486   -14.55284 -6.26884  1.000 29.32032 ?  99  PRO A CD  1 
ATOM   316  N N   . ASN A 1 40  ? 11.77786  -15.78165 -4.39636  1.000 29.85505 ?  100 ASN A N   1 
ATOM   317  C CA  . ASN A 1 40  ? 13.08294  -16.13516 -3.84454  1.000 38.95668 ?  100 ASN A CA  1 
ATOM   318  C C   . ASN A 1 40  ? 13.33314  -15.45182 -2.51989  1.000 37.70520 ?  100 ASN A C   1 
ATOM   319  O O   . ASN A 1 40  ? 14.16589  -15.91951 -1.74138  1.000 33.92141 ?  100 ASN A O   1 
ATOM   320  C CB  . ASN A 1 40  ? 14.22095  -15.76363 -4.79334  1.000 36.83765 ?  100 ASN A CB  1 
ATOM   321  C CG  . ASN A 1 40  ? 14.09695  -16.43258 -6.12831  1.000 45.38915 ?  100 ASN A CG  1 
ATOM   322  O OD1 . ASN A 1 40  ? 13.32703  -17.38440 -6.29176  1.000 48.05558 ?  100 ASN A OD1 1 
ATOM   323  N ND2 . ASN A 1 40  ? 14.84981  -15.93966 -7.10470  1.000 54.36612 ?  100 ASN A ND2 1 
ATOM   324  N N   . ASP A 1 41  ? 12.65434  -14.34571 -2.25500  1.000 36.54073 ?  101 ASP A N   1 
ATOM   325  C CA  . ASP A 1 41  ? 12.89837  -13.61135 -1.02634  1.000 32.80353 ?  101 ASP A CA  1 
ATOM   326  C C   . ASP A 1 41  ? 11.96890  -14.00722 0.10963   1.000 38.91532 ?  101 ASP A C   1 
ATOM   327  O O   . ASP A 1 41  ? 12.17518  -13.54569 1.23713   1.000 32.32948 ?  101 ASP A O   1 
ATOM   328  C CB  . ASP A 1 41  ? 12.76408  -12.10863 -1.27589  1.000 38.57449 ?  101 ASP A CB  1 
ATOM   329  C CG  . ASP A 1 41  ? 13.84659  -11.57180 -2.18446  1.000 42.53597 ?  101 ASP A CG  1 
ATOM   330  O OD1 . ASP A 1 41  ? 15.00559  -12.04042 -2.09563  1.000 41.55106 ?  101 ASP A OD1 1 
ATOM   331  O OD2 . ASP A 1 41  ? 13.52902  -10.67327 -2.98499  1.000 42.61864 -1 101 ASP A OD2 1 
ATOM   332  N N   . ALA A 1 42  ? 10.95580  -14.83690 -0.15326  1.000 37.70590 ?  102 ALA A N   1 
ATOM   333  C CA  . ALA A 1 42  ? 9.91529   -15.13835 0.83129   1.000 30.55146 ?  102 ALA A CA  1 
ATOM   334  C C   . ALA A 1 42  ? 9.40547   -16.55207 0.58023   1.000 30.92219 ?  102 ALA A C   1 
ATOM   335  O O   . ALA A 1 42  ? 8.60046   -16.78209 -0.33556  1.000 31.85489 ?  102 ALA A O   1 
ATOM   336  C CB  . ALA A 1 42  ? 8.77781   -14.12399 0.75908   1.000 31.13760 ?  102 ALA A CB  1 
ATOM   337  N N   . PRO A 1 43  ? 9.84103   -17.52850 1.37347   1.000 29.77568 ?  103 PRO A N   1 
ATOM   338  C CA  . PRO A 1 43  ? 9.55232   -18.93078 1.04825   1.000 33.34574 ?  103 PRO A CA  1 
ATOM   339  C C   . PRO A 1 43  ? 8.06159   -19.22055 1.13053   1.000 31.50004 ?  103 PRO A C   1 
ATOM   340  O O   . PRO A 1 43  ? 7.41638   -18.93680 2.14115   1.000 32.59940 ?  103 PRO A O   1 
ATOM   341  C CB  . PRO A 1 43  ? 10.33242  -19.71006 2.11274   1.000 32.94944 ?  103 PRO A CB  1 
ATOM   342  C CG  . PRO A 1 43  ? 11.29006  -18.73151 2.69315   1.000 37.04071 ?  103 PRO A CG  1 
ATOM   343  C CD  . PRO A 1 43  ? 10.61188  -17.40773 2.61649   1.000 34.11679 ?  103 PRO A CD  1 
ATOM   344  N N   . ASP A 1 44  ? 7.51727   -19.78184 0.05284   1.000 30.87412 ?  104 ASP A N   1 
ATOM   345  C CA  . ASP A 1 44  ? 6.11437   -20.18043 -0.01455  1.000 31.26671 ?  104 ASP A CA  1 
ATOM   346  C C   . ASP A 1 44  ? 5.16818   -18.99757 0.14678   1.000 28.44110 ?  104 ASP A C   1 
ATOM   347  O O   . ASP A 1 44  ? 4.00252   -19.17520 0.51464   1.000 30.18570 ?  104 ASP A O   1 
ATOM   348  C CB  . ASP A 1 44  ? 5.79610   -21.25307 1.03511   1.000 30.12775 ?  104 ASP A CB  1 
ATOM   349  C CG  . ASP A 1 44  ? 4.64349   -22.16552 0.61390   1.000 66.99833 ?  104 ASP A CG  1 
ATOM   350  O OD1 . ASP A 1 44  ? 4.24702   -22.14676 -0.57859  1.000 66.69522 ?  104 ASP A OD1 1 
ATOM   351  O OD2 . ASP A 1 44  ? 4.13318   -22.90860 1.48101   1.000 93.17072 -1 104 ASP A OD2 1 
ATOM   352  N N   . TYR A 1 45  ? 5.64863   -17.78332 -0.12398  1.000 29.25851 ?  105 TYR A N   1 
ATOM   353  C CA  . TYR A 1 45  ? 4.80848   -16.60350 0.04320   1.000 20.16541 ?  105 TYR A CA  1 
ATOM   354  C C   . TYR A 1 45  ? 3.48536   -16.74311 -0.69752  1.000 21.71189 ?  105 TYR A C   1 
ATOM   355  O O   . TYR A 1 45  ? 2.42891   -16.40856 -0.15872  1.000 22.36088 ?  105 TYR A O   1 
ATOM   356  C CB  . TYR A 1 45  ? 5.54157   -15.35795 -0.44484  1.000 22.18356 ?  105 TYR A CB  1 
ATOM   357  C CG  . TYR A 1 45  ? 4.75264   -14.08447 -0.21775  1.000 18.80865 ?  105 TYR A CG  1 
ATOM   358  C CD1 . TYR A 1 45  ? 4.80225   -13.41933 0.99791   1.000 20.40527 ?  105 TYR A CD1 1 
ATOM   359  C CD2 . TYR A 1 45  ? 3.94877   -13.56097 -1.20578  1.000 21.78433 ?  105 TYR A CD2 1 
ATOM   360  C CE1 . TYR A 1 45  ? 4.08676   -12.26740 1.20855   1.000 18.25510 ?  105 TYR A CE1 1 
ATOM   361  C CE2 . TYR A 1 45  ? 3.21858   -12.40400 -0.99649  1.000 25.57333 ?  105 TYR A CE2 1 
ATOM   362  C CZ  . TYR A 1 45  ? 3.29593   -11.75992 0.21141   1.000 22.26766 ?  105 TYR A CZ  1 
ATOM   363  O OH  . TYR A 1 45  ? 2.57691   -10.59964 0.41787   1.000 21.86727 ?  105 TYR A OH  1 
ATOM   364  N N   . TYR A 1 46  ? 3.51553   -17.23991 -1.93111  1.000 21.37864 ?  106 TYR A N   1 
ATOM   365  C CA  . TYR A 1 46  ? 2.31391   -17.24082 -2.74924  1.000 21.23820 ?  106 TYR A CA  1 
ATOM   366  C C   . TYR A 1 46  ? 1.45735   -18.47603 -2.53839  1.000 23.44236 ?  106 TYR A C   1 
ATOM   367  O O   . TYR A 1 46  ? 0.37396   -18.55866 -3.11226  1.000 25.66121 ?  106 TYR A O   1 
ATOM   368  C CB  . TYR A 1 46  ? 2.67905   -17.08323 -4.22287  1.000 16.97864 ?  106 TYR A CB  1 
ATOM   369  C CG  . TYR A 1 46  ? 3.23814   -15.71915 -4.54602  1.000 20.32154 ?  106 TYR A CG  1 
ATOM   370  C CD1 . TYR A 1 46  ? 2.40721   -14.69036 -4.96665  1.000 19.41503 ?  106 TYR A CD1 1 
ATOM   371  C CD2 . TYR A 1 46  ? 4.59884   -15.44730 -4.41133  1.000 21.30648 ?  106 TYR A CD2 1 
ATOM   372  C CE1 . TYR A 1 46  ? 2.90933   -13.42433 -5.25875  1.000 20.68952 ?  106 TYR A CE1 1 
ATOM   373  C CE2 . TYR A 1 46  ? 5.10534   -14.19197 -4.70078  1.000 21.22471 ?  106 TYR A CE2 1 
ATOM   374  C CZ  . TYR A 1 46  ? 4.25023   -13.18320 -5.12116  1.000 23.88576 ?  106 TYR A CZ  1 
ATOM   375  O OH  . TYR A 1 46  ? 4.73914   -11.93143 -5.40926  1.000 30.27685 ?  106 TYR A OH  1 
ATOM   376  N N   . GLY A 1 47  ? 1.89380   -19.41680 -1.70802  1.000 25.94605 ?  107 GLY A N   1 
ATOM   377  C CA  . GLY A 1 47  ? 0.99262   -20.42904 -1.19945  1.000 26.60441 ?  107 GLY A CA  1 
ATOM   378  C C   . GLY A 1 47  ? 0.23837   -19.93014 0.02082   1.000 34.94040 ?  107 GLY A C   1 
ATOM   379  O O   . GLY A 1 47  ? -0.88345  -20.35909 0.30446   1.000 33.83964 ?  107 GLY A O   1 
ATOM   380  N N   . VAL A 1 48  ? 0.85178   -19.00014 0.74196   1.000 35.48783 ?  108 VAL A N   1 
ATOM   381  C CA  . VAL A 1 48  ? 0.29001   -18.46739 1.97617   1.000 25.93578 ?  108 VAL A CA  1 
ATOM   382  C C   . VAL A 1 48  ? -0.69385  -17.34310 1.69997   1.000 27.41350 ?  108 VAL A C   1 
ATOM   383  O O   . VAL A 1 48  ? -1.77818  -17.29286 2.28158   1.000 28.81043 ?  108 VAL A O   1 
ATOM   384  C CB  . VAL A 1 48  ? 1.44361   -17.98839 2.87912   1.000 26.38600 ?  108 VAL A CB  1 
ATOM   385  C CG1 . VAL A 1 48  ? 0.91550   -17.45582 4.21302   1.000 27.11419 ?  108 VAL A CG1 1 
ATOM   386  C CG2 . VAL A 1 48  ? 2.45790   -19.10902 3.08503   1.000 27.63114 ?  108 VAL A CG2 1 
ATOM   387  N N   . ILE A 1 49  ? -0.32033  -16.42934 0.81557   1.000 21.44753 ?  109 ILE A N   1 
ATOM   388  C CA  . ILE A 1 49  ? -1.00227  -15.15477 0.62761   1.000 15.58076 ?  109 ILE A CA  1 
ATOM   389  C C   . ILE A 1 49  ? -1.85672  -15.25309 -0.63342  1.000 25.62574 ?  109 ILE A C   1 
ATOM   390  O O   . ILE A 1 49  ? -1.33675  -15.29357 -1.75706  1.000 26.22690 ?  109 ILE A O   1 
ATOM   391  C CB  . ILE A 1 49  ? 0.00698   -14.00138 0.51838   1.000 20.39597 ?  109 ILE A CB  1 
ATOM   392  C CG1 . ILE A 1 49  ? 0.74101   -13.78389 1.85215   1.000 18.83322 ?  109 ILE A CG1 1 
ATOM   393  C CG2 . ILE A 1 49  ? -0.69542  -12.72440 0.07515   1.000 20.37808 ?  109 ILE A CG2 1 
ATOM   394  C CD1 . ILE A 1 49  ? -0.17759  -13.39532 2.99892   1.000 19.10186 ?  109 ILE A CD1 1 
ATOM   395  N N   . LYS A 1 50  ? -3.16767  -15.23174 -0.46752  1.000 22.32312 ?  110 LYS A N   1 
ATOM   396  C CA  . LYS A 1 50  ? -4.04064  -15.47613 -1.60163  1.000 25.78107 ?  110 LYS A CA  1 
ATOM   397  C C   . LYS A 1 50  ? -4.35464  -14.22636 -2.41915  1.000 23.05320 ?  110 LYS A C   1 
ATOM   398  O O   . LYS A 1 50  ? -4.69395  -14.35915 -3.59786  1.000 30.63175 ?  110 LYS A O   1 
ATOM   399  C CB  . LYS A 1 50  ? -5.33165  -16.12852 -1.11917  1.000 31.57448 ?  110 LYS A CB  1 
ATOM   400  C CG  . LYS A 1 50  ? -5.07465  -17.33129 -0.20301  1.000 53.96497 ?  110 LYS A CG  1 
ATOM   401  C CD  . LYS A 1 50  ? -3.82050  -18.11914 -0.61305  1.000 52.55514 ?  110 LYS A CD  1 
ATOM   402  C CE  . LYS A 1 50  ? -3.91466  -18.69070 -2.03130  1.000 53.67399 ?  110 LYS A CE  1 
ATOM   403  N NZ  . LYS A 1 50  ? -2.57830  -19.10551 -2.57343  1.000 31.74462 1  110 LYS A NZ  1 
ATOM   404  N N   . GLU A 1 51  ? -4.21854  -13.02234 -1.85793  1.000 25.15231 ?  111 GLU A N   1 
ATOM   405  C CA  . GLU A 1 51  ? -4.45054  -11.77623 -2.60151  1.000 25.22129 ?  111 GLU A CA  1 
ATOM   406  C C   . GLU A 1 51  ? -3.27609  -10.82373 -2.43240  1.000 17.10619 ?  111 GLU A C   1 
ATOM   407  O O   . GLU A 1 51  ? -3.39232  -9.80370  -1.74488  1.000 15.66085 ?  111 GLU A O   1 
ATOM   408  C CB  . GLU A 1 51  ? -5.74493  -11.09231 -2.15394  1.000 21.74065 ?  111 GLU A CB  1 
ATOM   409  C CG  . GLU A 1 51  ? -7.01163  -11.72201 -2.68519  1.000 38.14228 ?  111 GLU A CG  1 
ATOM   410  C CD  . GLU A 1 51  ? -8.22509  -10.82075 -2.50246  1.000 51.80496 ?  111 GLU A CD  1 
ATOM   411  O OE1 . GLU A 1 51  ? -8.54099  -10.46810 -1.34450  1.000 47.07741 ?  111 GLU A OE1 1 
ATOM   412  O OE2 . GLU A 1 51  ? -8.85600  -10.45646 -3.51988  1.000 43.33615 -1 111 GLU A OE2 1 
ATOM   413  N N   . PRO A 1 52  ? -2.13379  -11.11108 -3.06611  1.000 18.36885 ?  112 PRO A N   1 
ATOM   414  C CA  . PRO A 1 52  ? -0.98307  -10.20598 -2.95974  1.000 15.05682 ?  112 PRO A CA  1 
ATOM   415  C C   . PRO A 1 52  ? -1.32971  -8.80593  -3.42152  1.000 22.85633 ?  112 PRO A C   1 
ATOM   416  O O   . PRO A 1 52  ? -2.19491  -8.60762  -4.27906  1.000 19.88427 ?  112 PRO A O   1 
ATOM   417  C CB  . PRO A 1 52  ? 0.06287   -10.83634 -3.88200  1.000 17.17982 ?  112 PRO A CB  1 
ATOM   418  C CG  . PRO A 1 52  ? -0.34066  -12.25492 -4.00124  1.000 21.61330 ?  112 PRO A CG  1 
ATOM   419  C CD  . PRO A 1 52  ? -1.83068  -12.29938 -3.87783  1.000 16.53213 ?  112 PRO A CD  1 
ATOM   420  N N   . MET A 1 53  ? -0.64646  -7.82867  -2.83136  1.000 12.42335 ?  113 MET A N   1 
ATOM   421  C CA  . MET A 1 53  ? -0.76013  -6.45700  -3.28666  1.000 14.02797 ?  113 MET A CA  1 
ATOM   422  C C   . MET A 1 53  ? 0.54276   -5.73449  -2.99732  1.000 15.85651 ?  113 MET A C   1 
ATOM   423  O O   . MET A 1 53  ? 1.30216   -6.11040  -2.10460  1.000 13.83776 ?  113 MET A O   1 
ATOM   424  C CB  . MET A 1 53  ? -1.92053  -5.71011  -2.62408  1.000 14.51613 ?  113 MET A CB  1 
ATOM   425  C CG  . MET A 1 53  ? -2.06656  -4.26323  -3.11269  1.000 13.09894 ?  113 MET A CG  1 
ATOM   426  S SD  . MET A 1 53  ? -2.35410  -4.18404  -4.89362  1.000 18.90057 ?  113 MET A SD  1 
ATOM   427  C CE  . MET A 1 53  ? -3.59988  -5.45796  -5.03950  1.000 17.10463 ?  113 MET A CE  1 
ATOM   428  N N   . ASP A 1 54  ? 0.78262   -4.67616  -3.75847  1.000 12.76916 ?  114 ASP A N   1 
ATOM   429  C CA  . ASP A 1 54  ? 2.01829   -3.93073  -3.63275  1.000 18.41868 ?  114 ASP A CA  1 
ATOM   430  C C   . ASP A 1 54  ? 1.81145   -2.56605  -4.26568  1.000 11.98761 ?  114 ASP A C   1 
ATOM   431  O O   . ASP A 1 54  ? 0.84811   -2.33852  -4.99815  1.000 17.97939 ?  114 ASP A O   1 
ATOM   432  C CB  . ASP A 1 54  ? 3.17764   -4.67113  -4.29511  1.000 18.92934 ?  114 ASP A CB  1 
ATOM   433  C CG  . ASP A 1 54  ? 2.94200   -4.86305  -5.76049  1.000 28.66912 ?  114 ASP A CG  1 
ATOM   434  O OD1 . ASP A 1 54  ? 2.28063   -5.85468  -6.13723  1.000 23.63220 ?  114 ASP A OD1 1 
ATOM   435  O OD2 . ASP A 1 54  ? 3.35549   -3.97266  -6.53006  1.000 33.79259 -1 114 ASP A OD2 1 
ATOM   436  N N   . LEU A 1 55  ? 2.75539   -1.66768  -3.98352  1.000 11.90829 ?  115 LEU A N   1 
ATOM   437  C CA  . LEU A 1 55  ? 2.61620   -0.26065  -4.33289  1.000 15.53988 ?  115 LEU A CA  1 
ATOM   438  C C   . LEU A 1 55  ? 2.79977   -0.00745  -5.82774  1.000 17.16390 ?  115 LEU A C   1 
ATOM   439  O O   . LEU A 1 55  ? 2.23130   0.95520   -6.35465  1.000 15.72854 ?  115 LEU A O   1 
ATOM   440  C CB  . LEU A 1 55  ? 3.61817   0.57746   -3.51929  1.000 12.62695 ?  115 LEU A CB  1 
ATOM   441  C CG  . LEU A 1 55  ? 3.46116   0.58768   -1.98842  1.000 17.09161 ?  115 LEU A CG  1 
ATOM   442  C CD1 . LEU A 1 55  ? 4.72549   1.15169   -1.30061  1.000 7.63513  ?  115 LEU A CD1 1 
ATOM   443  C CD2 . LEU A 1 55  ? 2.21233   1.36668   -1.54829  1.000 7.51264  ?  115 LEU A CD2 1 
ATOM   444  N N   . ALA A 1 56  ? 3.60390   -0.82442  -6.52414  1.000 15.94980 ?  116 ALA A N   1 
ATOM   445  C CA  . ALA A 1 56  ? 3.68065   -0.69918  -7.97496  1.000 13.67922 ?  116 ALA A CA  1 
ATOM   446  C C   . ALA A 1 56  ? 2.37723   -1.14319  -8.63412  1.000 15.58949 ?  116 ALA A C   1 
ATOM   447  O O   . ALA A 1 56  ? 1.95303   -0.57150  -9.64980  1.000 13.04931 ?  116 ALA A O   1 
ATOM   448  C CB  . ALA A 1 56  ? 4.85867   -1.50723  -8.51624  1.000 19.01898 ?  116 ALA A CB  1 
ATOM   449  N N   . THR A 1 57  ? 1.73642   -2.16982  -8.07755  1.000 14.34119 ?  117 THR A N   1 
ATOM   450  C CA  . THR A 1 57  ? 0.44357   -2.60204  -8.59514  1.000 14.76122 ?  117 THR A CA  1 
ATOM   451  C C   . THR A 1 57  ? -0.61654  -1.53198  -8.35706  1.000 19.11877 ?  117 THR A C   1 
ATOM   452  O O   . THR A 1 57  ? -1.47370  -1.28535  -9.21761  1.000 16.32263 ?  117 THR A O   1 
ATOM   453  C CB  . THR A 1 57  ? 0.04091   -3.92305  -7.94290  1.000 15.60812 ?  117 THR A CB  1 
ATOM   454  O OG1 . THR A 1 57  ? 0.95182   -4.94535  -8.36526  1.000 19.31902 ?  117 THR A OG1 1 
ATOM   455  C CG2 . THR A 1 57  ? -1.38612  -4.31810  -8.34285  1.000 11.58879 ?  117 THR A CG2 1 
ATOM   456  N N   . MET A 1 58  ? -0.54920  -0.85927  -7.21015  1.000 15.85923 ?  118 MET A N   1 
ATOM   457  C CA  . MET A 1 58  ? -1.49684  0.21944   -6.94896  1.000 15.92363 ?  118 MET A CA  1 
ATOM   458  C C   . MET A 1 58  ? -1.23256  1.41394   -7.85609  1.000 16.93108 ?  118 MET A C   1 
ATOM   459  O O   . MET A 1 58  ? -2.17161  2.10193   -8.28417  1.000 19.63793 ?  118 MET A O   1 
ATOM   460  C CB  . MET A 1 58  ? -1.42692  0.64139   -5.47786  1.000 12.72641 ?  118 MET A CB  1 
ATOM   461  C CG  . MET A 1 58  ? -1.82086  -0.45643  -4.46450  1.000 16.80912 ?  118 MET A CG  1 
ATOM   462  S SD  . MET A 1 58  ? -2.07242  0.21485   -2.79680  1.000 18.21213 ?  118 MET A SD  1 
ATOM   463  C CE  . MET A 1 58  ? -3.35918  1.38740   -3.13957  1.000 16.92690 ?  118 MET A CE  1 
ATOM   464  N N   . GLU A 1 59  ? 0.04096   1.70011   -8.13698  1.000 16.71445 ?  119 GLU A N   1 
ATOM   465  C CA  . GLU A 1 59  ? 0.33944   2.83415   -9.00908  1.000 21.81441 ?  119 GLU A CA  1 
ATOM   466  C C   . GLU A 1 59  ? -0.17679  2.58251   -10.41532 1.000 14.86706 ?  119 GLU A C   1 
ATOM   467  O O   . GLU A 1 59  ? -0.71299  3.49098   -11.06058 1.000 18.37490 ?  119 GLU A O   1 
ATOM   468  C CB  . GLU A 1 59  ? 1.84101   3.12444   -9.04002  1.000 23.45298 ?  119 GLU A CB  1 
ATOM   469  C CG  . GLU A 1 59  ? 2.18123   4.37326   -9.82461  1.000 21.57107 ?  119 GLU A CG  1 
ATOM   470  C CD  . GLU A 1 59  ? 3.58303   4.85606   -9.57745  1.000 31.72909 ?  119 GLU A CD  1 
ATOM   471  O OE1 . GLU A 1 59  ? 4.49216   4.13766   -10.01000 1.000 26.34844 ?  119 GLU A OE1 1 
ATOM   472  O OE2 . GLU A 1 59  ? 3.76931   5.93362   -8.93956  1.000 41.40057 -1 119 GLU A OE2 1 
ATOM   473  N N   . GLU A 1 60  ? -0.01739  1.35507   -10.90390 1.000 21.42890 ?  120 GLU A N   1 
ATOM   474  C CA  . GLU A 1 60  ? -0.62285  0.98283   -12.17302 1.000 21.68107 ?  120 GLU A CA  1 
ATOM   475  C C   . GLU A 1 60  ? -2.11655  1.24183   -12.13794 1.000 20.55050 ?  120 GLU A C   1 
ATOM   476  O O   . GLU A 1 60  ? -2.68460  1.83386   -13.06664 1.000 22.79622 ?  120 GLU A O   1 
ATOM   477  C CB  . GLU A 1 60  ? -0.34508  -0.49078  -12.47284 1.000 15.85485 ?  120 GLU A CB  1 
ATOM   478  C CG  . GLU A 1 60  ? -1.03053  -1.01153  -13.71468 1.000 18.42393 ?  120 GLU A CG  1 
ATOM   479  C CD  . GLU A 1 60  ? -0.80747  -2.50230  -13.89734 1.000 34.50282 ?  120 GLU A CD  1 
ATOM   480  O OE1 . GLU A 1 60  ? 0.12288   -3.05514  -13.26176 1.000 27.58116 ?  120 GLU A OE1 1 
ATOM   481  O OE2 . GLU A 1 60  ? -1.56364  -3.11828  -14.67755 1.000 40.89624 -1 120 GLU A OE2 1 
ATOM   482  N N   . ARG A 1 61  ? -2.77205  0.80638   -11.06533 1.000 14.84188 ?  121 ARG A N   1 
ATOM   483  C CA  . ARG A 1 61  ? -4.21682  0.96184   -11.00644 1.000 14.12335 ?  121 ARG A CA  1 
ATOM   484  C C   . ARG A 1 61  ? -4.60470  2.42862   -10.96375 1.000 16.96066 ?  121 ARG A C   1 
ATOM   485  O O   . ARG A 1 61  ? -5.52929  2.84838   -11.66081 1.000 22.35367 ?  121 ARG A O   1 
ATOM   486  C CB  . ARG A 1 61  ? -4.76799  0.20723   -9.81332  1.000 8.96976  ?  121 ARG A CB  1 
ATOM   487  C CG  . ARG A 1 61  ? -4.71239  -1.27950  -10.06374 1.000 11.11306 ?  121 ARG A CG  1 
ATOM   488  C CD  . ARG A 1 61  ? -5.15121  -2.08157  -8.88600  1.000 11.71891 ?  121 ARG A CD  1 
ATOM   489  N NE  . ARG A 1 61  ? -5.24264  -3.48565  -9.25009  1.000 12.42448 ?  121 ARG A NE  1 
ATOM   490  C CZ  . ARG A 1 61  ? -5.74851  -4.43452  -8.47042  1.000 16.07440 ?  121 ARG A CZ  1 
ATOM   491  N NH1 . ARG A 1 61  ? -5.81440  -5.67873  -8.90673  1.000 13.13335 1  121 ARG A NH1 1 
ATOM   492  N NH2 . ARG A 1 61  ? -6.19162  -4.13516  -7.25987  1.000 14.10878 ?  121 ARG A NH2 1 
ATOM   493  N N   . VAL A 1 62  ? -3.89036  3.22886   -10.17021 1.000 16.86084 ?  122 VAL A N   1 
ATOM   494  C CA  . VAL A 1 62  ? -4.14148  4.66500   -10.15055 1.000 14.55611 ?  122 VAL A CA  1 
ATOM   495  C C   . VAL A 1 62  ? -3.95720  5.25542   -11.54647 1.000 22.38899 ?  122 VAL A C   1 
ATOM   496  O O   . VAL A 1 62  ? -4.78540  6.03741   -12.01887 1.000 18.12577 ?  122 VAL A O   1 
ATOM   497  C CB  . VAL A 1 62  ? -3.22918  5.35659   -9.12231  1.000 19.11465 ?  122 VAL A CB  1 
ATOM   498  C CG1 . VAL A 1 62  ? -3.14654  6.85101   -9.40558  1.000 20.89144 ?  122 VAL A CG1 1 
ATOM   499  C CG2 . VAL A 1 62  ? -3.72717  5.09761   -7.71543  1.000 16.65701 ?  122 VAL A CG2 1 
ATOM   500  N N   . GLN A 1 63  ? -2.86655  4.89270   -12.23253 1.000 21.63245 ?  123 GLN A N   1 
ATOM   501  C CA  . GLN A 1 63  ? -2.63166  5.48301   -13.54940 1.000 24.86743 ?  123 GLN A CA  1 
ATOM   502  C C   . GLN A 1 63  ? -3.74325  5.12261   -14.52268 1.000 22.39441 ?  123 GLN A C   1 
ATOM   503  O O   . GLN A 1 63  ? -4.11231  5.93778   -15.37636 1.000 23.07966 ?  123 GLN A O   1 
ATOM   504  C CB  . GLN A 1 63  ? -1.27716  5.04879   -14.11052 1.000 18.40971 ?  123 GLN A CB  1 
ATOM   505  C CG  . GLN A 1 63  ? -0.08549  5.69462   -13.41452 1.000 24.33712 ?  123 GLN A CG  1 
ATOM   506  C CD  . GLN A 1 63  ? 1.25011   5.25804   -14.00479 1.000 22.95544 ?  123 GLN A CD  1 
ATOM   507  O OE1 . GLN A 1 63  ? 1.59189   4.07950   -13.99064 1.000 29.58066 ?  123 GLN A OE1 1 
ATOM   508  N NE2 . GLN A 1 63  ? 2.01044   6.20955   -14.50587 1.000 19.27097 ?  123 GLN A NE2 1 
ATOM   509  N N   . ARG A 1 64  ? -4.30137  3.92588   -14.38846 1.000 20.02663 ?  124 ARG A N   1 
ATOM   510  C CA  . ARG A 1 64  ? -5.36307  3.44136   -15.25311 1.000 24.77327 ?  124 ARG A CA  1 
ATOM   511  C C   . ARG A 1 64  ? -6.75484  3.83944   -14.77447 1.000 20.35518 ?  124 ARG A C   1 
ATOM   512  O O   . ARG A 1 64  ? -7.74737  3.44982   -15.40142 1.000 22.04491 ?  124 ARG A O   1 
ATOM   513  C CB  . ARG A 1 64  ? -5.26894  1.91619   -15.37106 1.000 20.30410 ?  124 ARG A CB  1 
ATOM   514  C CG  . ARG A 1 64  ? -3.94722  1.42669   -15.92887 1.000 25.37487 ?  124 ARG A CG  1 
ATOM   515  C CD  . ARG A 1 64  ? -4.08316  0.90129   -17.37009 1.000 41.66748 ?  124 ARG A CD  1 
ATOM   516  N NE  . ARG A 1 64  ? -2.95269  0.07237   -17.80209 1.000 37.09572 ?  124 ARG A NE  1 
ATOM   517  C CZ  . ARG A 1 64  ? -2.02430  0.45436   -18.68448 1.000 59.85631 ?  124 ARG A CZ  1 
ATOM   518  N NH1 . ARG A 1 64  ? -2.08263  1.67166   -19.24393 1.000 35.22094 1  124 ARG A NH1 1 
ATOM   519  N NH2 . ARG A 1 64  ? -1.03294  -0.38220  -19.01340 1.000 44.65163 ?  124 ARG A NH2 1 
ATOM   520  N N   . ARG A 1 65  ? -6.85546  4.59327   -13.67976 1.000 20.87539 ?  125 ARG A N   1 
ATOM   521  C CA  . ARG A 1 65  ? -8.14706  4.96010   -13.10583 1.000 25.25218 ?  125 ARG A CA  1 
ATOM   522  C C   . ARG A 1 65  ? -8.94335  3.72005   -12.70648 1.000 23.01429 ?  125 ARG A C   1 
ATOM   523  O O   . ARG A 1 65  ? -10.15926 3.65167   -12.87682 1.000 25.23409 ?  125 ARG A O   1 
ATOM   524  C CB  . ARG A 1 65  ? -8.95485  5.83077   -14.06539 1.000 20.83776 ?  125 ARG A CB  1 
ATOM   525  C CG  . ARG A 1 65  ? -8.62351  7.29096   -14.02127 1.000 29.36788 ?  125 ARG A CG  1 
ATOM   526  C CD  . ARG A 1 65  ? -7.14092  7.57925   -14.21872 1.000 32.35019 ?  125 ARG A CD  1 
ATOM   527  N NE  . ARG A 1 65  ? -6.88041  9.01061   -14.05448 1.000 42.72237 ?  125 ARG A NE  1 
ATOM   528  C CZ  . ARG A 1 65  ? -5.67245  9.56066   -13.96539 1.000 48.13612 ?  125 ARG A CZ  1 
ATOM   529  N NH1 . ARG A 1 65  ? -4.57266  8.81094   -14.03033 1.000 38.78648 1  125 ARG A NH1 1 
ATOM   530  N NH2 . ARG A 1 65  ? -5.56830  10.87224  -13.80613 1.000 42.63761 ?  125 ARG A NH2 1 
ATOM   531  N N   . TYR A 1 66  ? -8.25384  2.73243   -12.15817 1.000 19.65480 ?  126 TYR A N   1 
ATOM   532  C CA  . TYR A 1 66  ? -8.95033  1.54679   -11.68221 1.000 20.13331 ?  126 TYR A CA  1 
ATOM   533  C C   . TYR A 1 66  ? -9.90408  1.88203   -10.55053 1.000 20.67488 ?  126 TYR A C   1 
ATOM   534  O O   . TYR A 1 66  ? -11.01912 1.36195   -10.50822 1.000 16.39425 ?  126 TYR A O   1 
ATOM   535  C CB  . TYR A 1 66  ? -7.93228  0.50702   -11.24538 1.000 18.75166 ?  126 TYR A CB  1 
ATOM   536  C CG  . TYR A 1 66  ? -8.44269  -0.68305  -10.46757 1.000 21.75951 ?  126 TYR A CG  1 
ATOM   537  C CD1 . TYR A 1 66  ? -8.80004  -1.84806  -11.11382 1.000 26.78111 ?  126 TYR A CD1 1 
ATOM   538  C CD2 . TYR A 1 66  ? -8.47180  -0.67138  -9.08157  1.000 19.86817 ?  126 TYR A CD2 1 
ATOM   539  C CE1 . TYR A 1 66  ? -9.20934  -2.95624  -10.40894 1.000 24.67615 ?  126 TYR A CE1 1 
ATOM   540  C CE2 . TYR A 1 66  ? -8.87825  -1.77602  -8.36674  1.000 17.73503 ?  126 TYR A CE2 1 
ATOM   541  C CZ  . TYR A 1 66  ? -9.24533  -2.91613  -9.04103  1.000 20.94504 ?  126 TYR A CZ  1 
ATOM   542  O OH  . TYR A 1 66  ? -9.66373  -4.02667  -8.35283  1.000 23.32441 ?  126 TYR A OH  1 
ATOM   543  N N   . TYR A 1 67  ? -9.49561  2.75459   -9.63221  1.000 21.52361 ?  127 TYR A N   1 
ATOM   544  C CA  . TYR A 1 67  ? -10.28953 3.00941   -8.43243  1.000 15.21547 ?  127 TYR A CA  1 
ATOM   545  C C   . TYR A 1 67  ? -11.45321 3.94365   -8.71356  1.000 21.47662 ?  127 TYR A C   1 
ATOM   546  O O   . TYR A 1 67  ? -11.27781 5.01215   -9.30575  1.000 21.22040 ?  127 TYR A O   1 
ATOM   547  C CB  . TYR A 1 67  ? -9.41822  3.60955   -7.33172  1.000 17.33495 ?  127 TYR A CB  1 
ATOM   548  C CG  . TYR A 1 67  ? -8.28000  2.71184   -6.97675  1.000 20.44576 ?  127 TYR A CG  1 
ATOM   549  C CD1 . TYR A 1 67  ? -8.49646  1.56902   -6.23660  1.000 15.58490 ?  127 TYR A CD1 1 
ATOM   550  C CD2 . TYR A 1 67  ? -6.99966  2.98307   -7.41741  1.000 17.33372 ?  127 TYR A CD2 1 
ATOM   551  C CE1 . TYR A 1 67  ? -7.48021  0.73428   -5.92702  1.000 17.93434 ?  127 TYR A CE1 1 
ATOM   552  C CE2 . TYR A 1 67  ? -5.97194  2.15544   -7.10842  1.000 16.38861 ?  127 TYR A CE2 1 
ATOM   553  C CZ  . TYR A 1 67  ? -6.21506  1.02746   -6.36415  1.000 17.89016 ?  127 TYR A CZ  1 
ATOM   554  O OH  . TYR A 1 67  ? -5.18822  0.18374   -6.04556  1.000 17.12184 ?  127 TYR A OH  1 
ATOM   555  N N   . GLU A 1 68  ? -12.63932 3.55908   -8.24599  1.000 25.89265 ?  128 GLU A N   1 
ATOM   556  C CA  . GLU A 1 68  ? -13.80951 4.40802   -8.38551  1.000 28.20157 ?  128 GLU A CA  1 
ATOM   557  C C   . GLU A 1 68  ? -14.29797 5.01432   -7.07815  1.000 24.40860 ?  128 GLU A C   1 
ATOM   558  O O   . GLU A 1 68  ? -14.97898 6.04132   -7.11812  1.000 27.54703 ?  128 GLU A O   1 
ATOM   559  C CB  . GLU A 1 68  ? -14.94224 3.63120   -9.05241  1.000 28.83433 ?  128 GLU A CB  1 
ATOM   560  C CG  . GLU A 1 68  ? -14.70480 3.53048   -10.55842 1.000 43.25932 ?  128 GLU A CG  1 
ATOM   561  C CD  . GLU A 1 68  ? -15.76436 2.72556   -11.27064 1.000 67.83746 ?  128 GLU A CD  1 
ATOM   562  O OE1 . GLU A 1 68  ? -16.34538 1.81216   -10.63892 1.000 69.82909 ?  128 GLU A OE1 1 
ATOM   563  O OE2 . GLU A 1 68  ? -16.01574 3.00891   -12.46390 1.000 73.42830 -1 128 GLU A OE2 1 
ATOM   564  N N   . LYS A 1 69  ? -13.93918 4.44701   -5.93118  1.000 18.66156 ?  129 LYS A N   1 
ATOM   565  C CA  . LYS A 1 69  ? -14.20829 5.08613   -4.65072  1.000 26.81643 ?  129 LYS A CA  1 
ATOM   566  C C   . LYS A 1 69  ? -13.01270 4.89052   -3.72907  1.000 19.32365 ?  129 LYS A C   1 
ATOM   567  O O   . LYS A 1 69  ? -12.26977 3.90710   -3.84340  1.000 16.95380 ?  129 LYS A O   1 
ATOM   568  C CB  . LYS A 1 69  ? -15.48526 4.54215   -3.99610  1.000 25.61104 ?  129 LYS A CB  1 
ATOM   569  C CG  . LYS A 1 69  ? -15.56787 3.04507   -4.01615  1.000 34.14053 ?  129 LYS A CG  1 
ATOM   570  C CD  . LYS A 1 69  ? -16.94834 2.56491   -3.61801  1.000 38.59811 ?  129 LYS A CD  1 
ATOM   571  C CE  . LYS A 1 69  ? -17.29001 1.25359   -4.32135  1.000 37.62831 ?  129 LYS A CE  1 
ATOM   572  N NZ  . LYS A 1 69  ? -17.83251 1.49008   -5.70177  1.000 54.47624 1  129 LYS A NZ  1 
ATOM   573  N N   . LEU A 1 70  ? -12.82146 5.85976   -2.82909  1.000 14.45545 ?  130 LEU A N   1 
ATOM   574  C CA  . LEU A 1 70  ? -11.66333 5.84006   -1.94152  1.000 21.52170 ?  130 LEU A CA  1 
ATOM   575  C C   . LEU A 1 70  ? -11.52946 4.50553   -1.22061  1.000 25.83900 ?  130 LEU A C   1 
ATOM   576  O O   . LEU A 1 70  ? -10.42003 3.98035   -1.05603  1.000 23.44988 ?  130 LEU A O   1 
ATOM   577  C CB  . LEU A 1 70  ? -11.76287 6.97798   -0.92828  1.000 21.38212 ?  130 LEU A CB  1 
ATOM   578  C CG  . LEU A 1 70  ? -10.58607 6.96964   0.04608   1.000 27.32779 ?  130 LEU A CG  1 
ATOM   579  C CD1 . LEU A 1 70  ? -9.27530  7.05398   -0.74479  1.000 21.16857 ?  130 LEU A CD1 1 
ATOM   580  C CD2 . LEU A 1 70  ? -10.67974 8.08484   1.09136   1.000 20.01376 ?  130 LEU A CD2 1 
ATOM   581  N N   . THR A 1 71  ? -12.65495 3.93721   -0.79480  1.000 22.25109 ?  131 THR A N   1 
ATOM   582  C CA  . THR A 1 71  ? -12.62372 2.66656   -0.08571  1.000 22.24156 ?  131 THR A CA  1 
ATOM   583  C C   . THR A 1 71  ? -11.89838 1.58539   -0.88814  1.000 17.03465 ?  131 THR A C   1 
ATOM   584  O O   . THR A 1 71  ? -11.27625 0.69883   -0.29904  1.000 20.81452 ?  131 THR A O   1 
ATOM   585  C CB  . THR A 1 71  ? -14.06219 2.25260   0.26515   1.000 26.38140 ?  131 THR A CB  1 
ATOM   586  O OG1 . THR A 1 71  ? -14.79929 1.99342   -0.93522  1.000 24.87105 ?  131 THR A OG1 1 
ATOM   587  C CG2 . THR A 1 71  ? -14.76699 3.39638   1.00284   1.000 29.25649 ?  131 THR A CG2 1 
ATOM   588  N N   . GLU A 1 72  ? -11.94286 1.63739   -2.22591  1.000 16.71298 ?  132 GLU A N   1 
ATOM   589  C CA  . GLU A 1 72  ? -11.22529 0.62472   -3.00169  1.000 16.73999 ?  132 GLU A CA  1 
ATOM   590  C C   . GLU A 1 72  ? -9.71834  0.83417   -2.91170  1.000 18.14247 ?  132 GLU A C   1 
ATOM   591  O O   . GLU A 1 72  ? -8.95101  -0.13406  -2.86106  1.000 17.48391 ?  132 GLU A O   1 
ATOM   592  C CB  . GLU A 1 72  ? -11.68107 0.63994   -4.45669  1.000 22.10722 ?  132 GLU A CB  1 
ATOM   593  C CG  . GLU A 1 72  ? -13.08942 0.11995   -4.66011  1.000 25.85337 ?  132 GLU A CG  1 
ATOM   594  C CD  . GLU A 1 72  ? -13.64552 0.42807   -6.04697  1.000 30.11181 ?  132 GLU A CD  1 
ATOM   595  O OE1 . GLU A 1 72  ? -12.96636 1.10122   -6.84914  1.000 22.79418 ?  132 GLU A OE1 1 
ATOM   596  O OE2 . GLU A 1 72  ? -14.77146 -0.01592  -6.34303  1.000 57.74678 -1 132 GLU A OE2 1 
ATOM   597  N N   . PHE A 1 73  ? -9.28293  2.09715   -2.92238  1.000 17.36793 ?  133 PHE A N   1 
ATOM   598  C CA  . PHE A 1 73  ? -7.87369  2.43427   -2.72892  1.000 21.55542 ?  133 PHE A CA  1 
ATOM   599  C C   . PHE A 1 73  ? -7.38236  2.01710   -1.34080  1.000 16.01384 ?  133 PHE A C   1 
ATOM   600  O O   . PHE A 1 73  ? -6.33412  1.37986   -1.20067  1.000 14.37487 ?  133 PHE A O   1 
ATOM   601  C CB  . PHE A 1 73  ? -7.70500  3.93446   -2.93581  1.000 16.00529 ?  133 PHE A CB  1 
ATOM   602  C CG  . PHE A 1 73  ? -6.30304  4.41134   -2.83150  1.000 20.30771 ?  133 PHE A CG  1 
ATOM   603  C CD1 . PHE A 1 73  ? -5.47584  4.42056   -3.94746  1.000 15.12652 ?  133 PHE A CD1 1 
ATOM   604  C CD2 . PHE A 1 73  ? -5.81687  4.90237   -1.63019  1.000 17.06694 ?  133 PHE A CD2 1 
ATOM   605  C CE1 . PHE A 1 73  ? -4.17011  4.89336   -3.85615  1.000 20.94102 ?  133 PHE A CE1 1 
ATOM   606  C CE2 . PHE A 1 73  ? -4.53446  5.39350   -1.54297  1.000 18.26485 ?  133 PHE A CE2 1 
ATOM   607  C CZ  . PHE A 1 73  ? -3.70707  5.38735   -2.66530  1.000 17.71317 ?  133 PHE A CZ  1 
ATOM   608  N N   . VAL A 1 74  ? -8.14599  2.35602   -0.30320  1.000 18.43148 ?  134 VAL A N   1 
ATOM   609  C CA  . VAL A 1 74  ? -7.78964  1.95929   1.05731   1.000 16.69170 ?  134 VAL A CA  1 
ATOM   610  C C   . VAL A 1 74  ? -7.74213  0.44219   1.18507   1.000 20.45631 ?  134 VAL A C   1 
ATOM   611  O O   . VAL A 1 74  ? -6.88113  -0.10919  1.88060   1.000 21.21416 ?  134 VAL A O   1 
ATOM   612  C CB  . VAL A 1 74  ? -8.78187  2.58541   2.04900   1.000 22.55863 ?  134 VAL A CB  1 
ATOM   613  C CG1 . VAL A 1 74  ? -8.58496  2.01608   3.46843   1.000 13.72472 ?  134 VAL A CG1 1 
ATOM   614  C CG2 . VAL A 1 74  ? -8.62358  4.10048   2.02193   1.000 12.60362 ?  134 VAL A CG2 1 
ATOM   615  N N   . ALA A 1 75  ? -8.66111  -0.25428  0.50585   1.000 12.97165 ?  135 ALA A N   1 
ATOM   616  C CA  . ALA A 1 75  ? -8.67378  -1.71355  0.51595   1.000 19.57003 ?  135 ALA A CA  1 
ATOM   617  C C   . ALA A 1 75  ? -7.35348  -2.29969  0.00836   1.000 22.11958 ?  135 ALA A C   1 
ATOM   618  O O   . ALA A 1 75  ? -6.76225  -3.17500  0.64994   1.000 20.06746 ?  135 ALA A O   1 
ATOM   619  C CB  . ALA A 1 75  ? -9.84225  -2.22314  -0.33354  1.000 13.27597 ?  135 ALA A CB  1 
ATOM   620  N N   . ASP A 1 76  ? -6.89665  -1.86513  -1.16742  1.000 20.89194 ?  136 ASP A N   1 
ATOM   621  C CA  . ASP A 1 76  ? -5.63339  -2.38599  -1.68565  1.000 20.94362 ?  136 ASP A CA  1 
ATOM   622  C C   . ASP A 1 76  ? -4.47439  -2.05144  -0.74968  1.000 16.58232 ?  136 ASP A C   1 
ATOM   623  O O   . ASP A 1 76  ? -3.63568  -2.90678  -0.45084  1.000 21.25207 ?  136 ASP A O   1 
ATOM   624  C CB  . ASP A 1 76  ? -5.36618  -1.83928  -3.08754  1.000 18.60765 ?  136 ASP A CB  1 
ATOM   625  C CG  . ASP A 1 76  ? -6.12807  -2.58354  -4.16125  1.000 17.73700 ?  136 ASP A CG  1 
ATOM   626  O OD1 . ASP A 1 76  ? -6.75790  -3.60480  -3.85101  1.000 20.81201 ?  136 ASP A OD1 1 
ATOM   627  O OD2 . ASP A 1 76  ? -6.08570  -2.14486  -5.32484  1.000 23.70908 -1 136 ASP A OD2 1 
ATOM   628  N N   . MET A 1 77  ? -4.39096  -0.79859  -0.30234  1.000 17.31470 ?  137 MET A N   1 
ATOM   629  C CA  . MET A 1 77  ? -3.32821  -0.42838  0.62719   1.000 14.53219 ?  137 MET A CA  1 
ATOM   630  C C   . MET A 1 77  ? -3.36851  -1.31298  1.85151   1.000 20.82502 ?  137 MET A C   1 
ATOM   631  O O   . MET A 1 77  ? -2.33029  -1.77997  2.32463   1.000 17.08325 ?  137 MET A O   1 
ATOM   632  C CB  . MET A 1 77  ? -3.46699  1.03150   1.04540   1.000 13.83616 ?  137 MET A CB  1 
ATOM   633  C CG  . MET A 1 77  ? -2.26167  1.56064   1.78422   1.000 14.73538 ?  137 MET A CG  1 
ATOM   634  S SD  . MET A 1 77  ? -0.82340  1.51963   0.71042   1.000 20.78835 ?  137 MET A SD  1 
ATOM   635  C CE  . MET A 1 77  ? -1.25025  2.83394   -0.42604  1.000 15.82532 ?  137 MET A CE  1 
ATOM   636  N N   . THR A 1 78  ? -4.57183  -1.57113  2.36471   1.000 22.28985 ?  138 THR A N   1 
ATOM   637  C CA  . THR A 1 78  ? -4.69744  -2.34755  3.58432   1.000 20.35844 ?  138 THR A CA  1 
ATOM   638  C C   . THR A 1 78  ? -4.34335  -3.80550  3.34782   1.000 19.34359 ?  138 THR A C   1 
ATOM   639  O O   . THR A 1 78  ? -3.91279  -4.49159  4.27941   1.000 21.84822 ?  138 THR A O   1 
ATOM   640  C CB  . THR A 1 78  ? -6.11416  -2.22808  4.14446   1.000 25.90368 ?  138 THR A CB  1 
ATOM   641  O OG1 . THR A 1 78  ? -6.31383  -0.89689  4.61638   1.000 25.95113 ?  138 THR A OG1 1 
ATOM   642  C CG2 . THR A 1 78  ? -6.30604  -3.17884  5.30314   1.000 22.95751 ?  138 THR A CG2 1 
ATOM   643  N N   . LYS A 1 79  ? -4.53829  -4.30030  2.12018   1.000 22.52697 ?  139 LYS A N   1 
ATOM   644  C CA  . LYS A 1 79  ? -4.05525  -5.63340  1.76482   1.000 21.99822 ?  139 LYS A CA  1 
ATOM   645  C C   . LYS A 1 79  ? -2.54274  -5.73520  1.94131   1.000 21.62891 ?  139 LYS A C   1 
ATOM   646  O O   . LYS A 1 79  ? -2.01433  -6.76491  2.38333   1.000 19.80105 ?  139 LYS A O   1 
ATOM   647  C CB  . LYS A 1 79  ? -4.43760  -5.95674  0.32196   1.000 17.99386 ?  139 LYS A CB  1 
ATOM   648  C CG  . LYS A 1 79  ? -5.50339  -6.99189  0.16197   1.000 17.44040 ?  139 LYS A CG  1 
ATOM   649  C CD  . LYS A 1 79  ? -6.08780  -6.93688  -1.24878  1.000 37.83065 ?  139 LYS A CD  1 
ATOM   650  C CE  . LYS A 1 79  ? -7.49972  -7.52777  -1.31923  1.000 61.70375 ?  139 LYS A CE  1 
ATOM   651  N NZ  . LYS A 1 79  ? -8.56985  -6.59548  -0.84311  1.000 33.43216 1  139 LYS A NZ  1 
ATOM   652  N N   . ILE A 1 80  ? -1.82657  -4.67887  1.58717   1.000 17.99681 ?  140 ILE A N   1 
ATOM   653  C CA  . ILE A 1 80  ? -0.37756  -4.72492  1.68268   1.000 16.75262 ?  140 ILE A CA  1 
ATOM   654  C C   . ILE A 1 80  ? 0.04280   -4.97410  3.11671   1.000 13.05488 ?  140 ILE A C   1 
ATOM   655  O O   . ILE A 1 80  ? 0.91289   -5.80694  3.39178   1.000 13.32029 ?  140 ILE A O   1 
ATOM   656  C CB  . ILE A 1 80  ? 0.21828   -3.42194  1.13688   1.000 18.14324 ?  140 ILE A CB  1 
ATOM   657  C CG1 . ILE A 1 80  ? 0.00205   -3.36382  -0.37529  1.000 13.93303 ?  140 ILE A CG1 1 
ATOM   658  C CG2 . ILE A 1 80  ? 1.66962   -3.30256  1.54329   1.000 15.48941 ?  140 ILE A CG2 1 
ATOM   659  C CD1 . ILE A 1 80  ? 0.28559   -2.02046  -0.95400  1.000 13.52223 ?  140 ILE A CD1 1 
ATOM   660  N N   . PHE A 1 81  ? -0.56771  -4.25077  4.05536   1.000 13.07908 ?  141 PHE A N   1 
ATOM   661  C CA  . PHE A 1 81  ? -0.16867  -4.39094  5.45111   1.000 18.98864 ?  141 PHE A CA  1 
ATOM   662  C C   . PHE A 1 81  ? -0.73132  -5.66296  6.07236   1.000 18.38419 ?  141 PHE A C   1 
ATOM   663  O O   . PHE A 1 81  ? -0.04675  -6.32074  6.86171   1.000 17.02233 ?  141 PHE A O   1 
ATOM   664  C CB  . PHE A 1 81  ? -0.59416  -3.15722  6.24681   1.000 17.69162 ?  141 PHE A CB  1 
ATOM   665  C CG  . PHE A 1 81  ? -0.11624  -1.85172  5.63633   1.000 17.69437 ?  141 PHE A CG  1 
ATOM   666  C CD1 . PHE A 1 81  ? 1.18915   -1.70893  5.20864   1.000 21.80567 ?  141 PHE A CD1 1 
ATOM   667  C CD2 . PHE A 1 81  ? -0.98268  -0.78998  5.46176   1.000 19.40116 ?  141 PHE A CD2 1 
ATOM   668  C CE1 . PHE A 1 81  ? 1.62632   -0.52035  4.64360   1.000 18.56587 ?  141 PHE A CE1 1 
ATOM   669  C CE2 . PHE A 1 81  ? -0.55120  0.38797   4.89556   1.000 24.28521 ?  141 PHE A CE2 1 
ATOM   670  C CZ  . PHE A 1 81  ? 0.75861   0.51926   4.49070   1.000 21.07689 ?  141 PHE A CZ  1 
ATOM   671  N N   . ASP A 1 82  ? -1.96503  -6.03381  5.73577   1.000 12.30104 ?  142 ASP A N   1 
ATOM   672  C CA  . ASP A 1 82  ? -2.51320  -7.27654  6.27152   1.000 16.55887 ?  142 ASP A CA  1 
ATOM   673  C C   . ASP A 1 82  ? -1.67189  -8.46240  5.81641   1.000 20.23955 ?  142 ASP A C   1 
ATOM   674  O O   . ASP A 1 82  ? -1.32684  -9.33670  6.61547   1.000 19.03928 ?  142 ASP A O   1 
ATOM   675  C CB  . ASP A 1 82  ? -3.98134  -7.44708  5.84436   1.000 17.73115 ?  142 ASP A CB  1 
ATOM   676  C CG  . ASP A 1 82  ? -4.93438  -6.42075  6.52041   1.000 26.36877 ?  142 ASP A CG  1 
ATOM   677  O OD1 . ASP A 1 82  ? -4.53912  -5.75988  7.50632   1.000 24.26712 ?  142 ASP A OD1 1 
ATOM   678  O OD2 . ASP A 1 82  ? -6.08073  -6.27088  6.05189   1.000 28.12784 -1 142 ASP A OD2 1 
ATOM   679  N N   . ASN A 1 83  ? -1.31613  -8.48818  4.52663   1.000 19.51723 ?  143 ASN A N   1 
ATOM   680  C CA  . ASN A 1 83  ? -0.47753  -9.55408  3.98731   1.000 19.67008 ?  143 ASN A CA  1 
ATOM   681  C C   . ASN A 1 83  ? 0.82645   -9.66287  4.75751   1.000 19.54164 ?  143 ASN A C   1 
ATOM   682  O O   . ASN A 1 83  ? 1.21421   -10.74866 5.19479   1.000 22.47773 ?  143 ASN A O   1 
ATOM   683  C CB  . ASN A 1 83  ? -0.19095  -9.30806  2.49734   1.000 12.91084 ?  143 ASN A CB  1 
ATOM   684  C CG  . ASN A 1 83  ? -1.42470  -9.44692  1.64056   1.000 14.76846 ?  143 ASN A CG  1 
ATOM   685  O OD1 . ASN A 1 83  ? -2.41835  -10.00978 2.07877   1.000 21.10993 ?  143 ASN A OD1 1 
ATOM   686  N ND2 . ASN A 1 83  ? -1.37565  -8.93209  0.42486   1.000 19.95534 ?  143 ASN A ND2 1 
ATOM   687  N N   . CYS A 1 84  ? 1.52851   -8.54305  4.91813   1.000 14.98649 ?  144 CYS A N   1 
ATOM   688  C CA  . CYS A 1 84  ? 2.81163   -8.57422  5.60467   1.000 13.46633 ?  144 CYS A CA  1 
ATOM   689  C C   . CYS A 1 84  ? 2.66209   -9.05926  7.04419   1.000 18.47940 ?  144 CYS A C   1 
ATOM   690  O O   . CYS A 1 84  ? 3.50480   -9.80515  7.55368   1.000 16.93351 ?  144 CYS A O   1 
ATOM   691  C CB  . CYS A 1 84  ? 3.43528   -7.18623  5.54910   1.000 15.48561 ?  144 CYS A CB  1 
ATOM   692  S SG  . CYS A 1 84  ? 4.73931   -6.89486  6.64754   1.000 20.95793 ?  144 CYS A SG  1 
ATOM   693  N N   . ARG A 1 85  ? 1.59301   -8.66853  7.71258   1.000 14.65554 ?  145 ARG A N   1 
ATOM   694  C CA  . ARG A 1 85  ? 1.48667   -9.01879  9.11465   1.000 17.18243 ?  145 ARG A CA  1 
ATOM   695  C C   . ARG A 1 85  ? 0.96998   -10.43283 9.31202   1.000 21.87321 ?  145 ARG A C   1 
ATOM   696  O O   . ARG A 1 85  ? 1.29065   -11.05551 10.32296  1.000 16.45828 ?  145 ARG A O   1 
ATOM   697  C CB  . ARG A 1 85  ? 0.60150   -8.00974  9.83907   1.000 19.93769 ?  145 ARG A CB  1 
ATOM   698  C CG  . ARG A 1 85  ? 1.34093   -6.72892  10.14398  1.000 20.47406 ?  145 ARG A CG  1 
ATOM   699  C CD  . ARG A 1 85  ? 0.55050   -5.87650  11.08924  1.000 25.84249 ?  145 ARG A CD  1 
ATOM   700  N NE  . ARG A 1 85  ? -0.66980  -5.43612  10.44686  1.000 28.17900 ?  145 ARG A NE  1 
ATOM   701  C CZ  . ARG A 1 85  ? -0.94372  -4.17656  10.13864  1.000 39.18865 ?  145 ARG A CZ  1 
ATOM   702  N NH1 . ARG A 1 85  ? -2.09828  -3.88732  9.54157   1.000 32.60326 1  145 ARG A NH1 1 
ATOM   703  N NH2 . ARG A 1 85  ? -0.07204  -3.21302  10.43799  1.000 31.54594 ?  145 ARG A NH2 1 
ATOM   704  N N   . TYR A 1 86  ? 0.21696   -10.96442 8.35270   1.000 16.20416 ?  146 TYR A N   1 
ATOM   705  C CA  . TYR A 1 86  ? -0.12311  -12.38394 8.38844   1.000 23.59169 ?  146 TYR A CA  1 
ATOM   706  C C   . TYR A 1 86  ? 1.08411   -13.26296 8.05033   1.000 19.78238 ?  146 TYR A C   1 
ATOM   707  O O   . TYR A 1 86  ? 1.30892   -14.29205 8.69465   1.000 22.50272 ?  146 TYR A O   1 
ATOM   708  C CB  . TYR A 1 86  ? -1.27973  -12.65033 7.42433   1.000 20.34413 ?  146 TYR A CB  1 
ATOM   709  C CG  . TYR A 1 86  ? -1.73231  -14.09035 7.34624   1.000 20.23386 ?  146 TYR A CG  1 
ATOM   710  C CD1 . TYR A 1 86  ? -2.21411  -14.74978 8.46578   1.000 19.78482 ?  146 TYR A CD1 1 
ATOM   711  C CD2 . TYR A 1 86  ? -1.70978  -14.77320 6.14857   1.000 23.74012 ?  146 TYR A CD2 1 
ATOM   712  C CE1 . TYR A 1 86  ? -2.63196  -16.05520 8.39364   1.000 20.74259 ?  146 TYR A CE1 1 
ATOM   713  C CE2 . TYR A 1 86  ? -2.13574  -16.08562 6.06270   1.000 25.06204 ?  146 TYR A CE2 1 
ATOM   714  C CZ  . TYR A 1 86  ? -2.60249  -16.71323 7.19204   1.000 21.25054 ?  146 TYR A CZ  1 
ATOM   715  O OH  . TYR A 1 86  ? -3.03147  -18.00666 7.11891   1.000 23.69236 ?  146 TYR A OH  1 
ATOM   716  N N   . TYR A 1 87  ? 1.87488   -12.87955 7.04699   1.000 17.40234 ?  147 TYR A N   1 
ATOM   717  C CA  . TYR A 1 87  ? 2.95545   -13.75377 6.60728   1.000 16.04930 ?  147 TYR A CA  1 
ATOM   718  C C   . TYR A 1 87  ? 4.13112   -13.76059 7.57529   1.000 22.12132 ?  147 TYR A C   1 
ATOM   719  O O   . TYR A 1 87  ? 4.79218   -14.79421 7.73862   1.000 19.48878 ?  147 TYR A O   1 
ATOM   720  C CB  . TYR A 1 87  ? 3.42433   -13.34126 5.21147   1.000 18.03181 ?  147 TYR A CB  1 
ATOM   721  C CG  . TYR A 1 87  ? 4.61525   -14.11737 4.67534   1.000 19.85414 ?  147 TYR A CG  1 
ATOM   722  C CD1 . TYR A 1 87  ? 4.46160   -15.38780 4.13581   1.000 16.91574 ?  147 TYR A CD1 1 
ATOM   723  C CD2 . TYR A 1 87  ? 5.88808   -13.56582 4.68640   1.000 26.36536 ?  147 TYR A CD2 1 
ATOM   724  C CE1 . TYR A 1 87  ? 5.54427   -16.09407 3.63525   1.000 17.50752 ?  147 TYR A CE1 1 
ATOM   725  C CE2 . TYR A 1 87  ? 6.97650   -14.26244 4.19559   1.000 28.63623 ?  147 TYR A CE2 1 
ATOM   726  C CZ  . TYR A 1 87  ? 6.79723   -15.52944 3.67542   1.000 29.27200 ?  147 TYR A CZ  1 
ATOM   727  O OH  . TYR A 1 87  ? 7.87907   -16.22414 3.18972   1.000 34.69078 ?  147 TYR A OH  1 
ATOM   728  N N   . ASN A 1 88  ? 4.41685   -12.63361 8.20889   1.000 21.94771 ?  148 ASN A N   1 
ATOM   729  C CA  . ASN A 1 88  ? 5.59814   -12.51220 9.03856   1.000 16.28040 ?  148 ASN A CA  1 
ATOM   730  C C   . ASN A 1 88  ? 5.21670   -12.49163 10.51655  1.000 22.18418 ?  148 ASN A C   1 
ATOM   731  O O   . ASN A 1 88  ? 4.14494   -12.00050 10.88188  1.000 21.53160 ?  148 ASN A O   1 
ATOM   732  C CB  . ASN A 1 88  ? 6.36566   -11.22929 8.70795   1.000 14.68362 ?  148 ASN A CB  1 
ATOM   733  C CG  . ASN A 1 88  ? 6.86772   -11.18979 7.25510   1.000 22.44805 ?  148 ASN A CG  1 
ATOM   734  O OD1 . ASN A 1 88  ? 7.84940   -11.83469 6.91631   1.000 19.12900 ?  148 ASN A OD1 1 
ATOM   735  N ND2 . ASN A 1 88  ? 6.22094   -10.38172 6.41402   1.000 24.83940 ?  148 ASN A ND2 1 
ATOM   736  N N   . PRO A 1 89  ? 6.07958   -12.98719 11.39726  1.000 35.20675 ?  149 PRO A N   1 
ATOM   737  C CA  . PRO A 1 89  ? 5.81361   -12.85950 12.83477  1.000 31.13783 ?  149 PRO A CA  1 
ATOM   738  C C   . PRO A 1 89  ? 5.99237   -11.42362 13.30991  1.000 27.14504 ?  149 PRO A C   1 
ATOM   739  O O   . PRO A 1 89  ? 6.66029   -10.60375 12.67860  1.000 28.29444 ?  149 PRO A O   1 
ATOM   740  C CB  . PRO A 1 89  ? 6.84569   -13.79322 13.47438  1.000 25.28015 ?  149 PRO A CB  1 
ATOM   741  C CG  . PRO A 1 89  ? 7.95076   -13.84433 12.49491  1.000 23.96150 ?  149 PRO A CG  1 
ATOM   742  C CD  . PRO A 1 89  ? 7.33142   -13.71548 11.12657  1.000 22.70415 ?  149 PRO A CD  1 
ATOM   743  N N   . SER A 1 90  ? 5.38954   -11.14155 14.46628  1.000 27.07635 ?  150 SER A N   1 
ATOM   744  C CA  . SER A 1 90  ? 5.26557   -9.79480  15.00555  1.000 26.31678 ?  150 SER A CA  1 
ATOM   745  C C   . SER A 1 90  ? 6.58597   -9.21278  15.46572  1.000 25.79124 ?  150 SER A C   1 
ATOM   746  O O   . SER A 1 90  ? 6.64666   -8.01633  15.73433  1.000 22.87115 ?  150 SER A O   1 
ATOM   747  C CB  . SER A 1 90  ? 4.30569   -9.79732  16.18746  1.000 31.39504 ?  150 SER A CB  1 
ATOM   748  O OG  . SER A 1 90  ? 4.93651   -10.40465 17.29958  1.000 37.58162 ?  150 SER A OG  1 
ATOM   749  N N   . ASP A 1 91  ? 7.62251   -10.02186 15.61418  1.000 28.18363 ?  151 ASP A N   1 
ATOM   750  C CA  . ASP A 1 91  ? 8.93733   -9.49635  15.93657  1.000 31.53556 ?  151 ASP A CA  1 
ATOM   751  C C   . ASP A 1 91  ? 9.80947   -9.36982  14.69862  1.000 31.52629 ?  151 ASP A C   1 
ATOM   752  O O   . ASP A 1 91  ? 10.96480  -8.95814  14.80455  1.000 33.41396 ?  151 ASP A O   1 
ATOM   753  C CB  . ASP A 1 91  ? 9.61952   -10.37606 16.99308  1.000 30.06574 ?  151 ASP A CB  1 
ATOM   754  C CG  . ASP A 1 91  ? 9.56907   -11.85250 16.63314  1.000 44.41468 ?  151 ASP A CG  1 
ATOM   755  O OD1 . ASP A 1 91  ? 8.76918   -12.20876 15.74170  1.000 47.86406 ?  151 ASP A OD1 1 
ATOM   756  O OD2 . ASP A 1 91  ? 10.31727  -12.65788 17.22973  1.000 48.14612 -1 151 ASP A OD2 1 
ATOM   757  N N   . SER A 1 92  ? 9.28565   -9.69810  13.52836  1.000 27.77178 ?  152 SER A N   1 
ATOM   758  C CA  A SER A 1 92  ? 10.07083  -9.55628  12.31913  0.928 25.37685 ?  152 SER A CA  1 
ATOM   759  C CA  B SER A 1 92  ? 10.06957  -9.55887  12.31617  0.072 25.55149 ?  152 SER A CA  1 
ATOM   760  C C   . SER A 1 92  ? 10.27492  -8.08294  11.98200  1.000 28.31536 ?  152 SER A C   1 
ATOM   761  O O   . SER A 1 92  ? 9.44392   -7.23981  12.32956  1.000 22.58165 ?  152 SER A O   1 
ATOM   762  C CB  A SER A 1 92  ? 9.38622   -10.23885 11.15117  0.928 26.52296 ?  152 SER A CB  1 
ATOM   763  C CB  B SER A 1 92  ? 9.38348   -10.25920 11.14916  0.072 26.39813 ?  152 SER A CB  1 
ATOM   764  O OG  A SER A 1 92  ? 9.85601   -9.69522  9.93889   0.928 24.00366 ?  152 SER A OG  1 
ATOM   765  O OG  B SER A 1 92  ? 10.05727  -9.99048  9.93241   0.072 24.41369 ?  152 SER A OG  1 
ATOM   766  N N   . PRO A 1 93  ? 11.38247  -7.74791  11.31165  1.000 28.04792 ?  153 PRO A N   1 
ATOM   767  C CA  . PRO A 1 93  ? 11.55775  -6.36955  10.83204  1.000 21.21767 ?  153 PRO A CA  1 
ATOM   768  C C   . PRO A 1 93  ? 10.61177  -6.03125  9.70340   1.000 27.34650 ?  153 PRO A C   1 
ATOM   769  O O   . PRO A 1 93  ? 10.32468  -4.85038  9.46998   1.000 20.01829 ?  153 PRO A O   1 
ATOM   770  C CB  . PRO A 1 93  ? 13.01512  -6.33230  10.35235  1.000 21.05637 ?  153 PRO A CB  1 
ATOM   771  C CG  . PRO A 1 93  ? 13.63630  -7.63966  10.77708  1.000 29.64049 ?  153 PRO A CG  1 
ATOM   772  C CD  . PRO A 1 93  ? 12.51850  -8.61614  10.95830  1.000 26.10776 ?  153 PRO A CD  1 
ATOM   773  N N   . PHE A 1 94  ? 10.13738  -7.03702  8.97001   1.000 26.90174 ?  154 PHE A N   1 
ATOM   774  C CA  . PHE A 1 94  ? 9.14853   -6.77131  7.93606   1.000 23.83814 ?  154 PHE A CA  1 
ATOM   775  C C   . PHE A 1 94  ? 7.82527   -6.39576  8.55444   1.000 17.93638 ?  154 PHE A C   1 
ATOM   776  O O   . PHE A 1 94  ? 7.13366   -5.49868  8.05961   1.000 24.99502 ?  154 PHE A O   1 
ATOM   777  C CB  . PHE A 1 94  ? 9.00971   -7.98019  7.02544   1.000 21.17247 ?  154 PHE A CB  1 
ATOM   778  C CG  . PHE A 1 94  ? 10.20609  -8.19453  6.19679   1.000 21.64774 ?  154 PHE A CG  1 
ATOM   779  C CD1 . PHE A 1 94  ? 10.46209  -7.35707  5.11666   1.000 14.89637 ?  154 PHE A CD1 1 
ATOM   780  C CD2 . PHE A 1 94  ? 11.12563  -9.17224  6.53573   1.000 20.16465 ?  154 PHE A CD2 1 
ATOM   781  C CE1 . PHE A 1 94  ? 11.58532  -7.51519  4.37276   1.000 15.94477 ?  154 PHE A CE1 1 
ATOM   782  C CE2 . PHE A 1 94  ? 12.25270  -9.34605  5.78289   1.000 19.31687 ?  154 PHE A CE2 1 
ATOM   783  C CZ  . PHE A 1 94  ? 12.48574  -8.51826  4.69963   1.000 17.18911 ?  154 PHE A CZ  1 
ATOM   784  N N   . TYR A 1 95  ? 7.48999   -7.03623  9.67068   1.000 17.91424 ?  155 TYR A N   1 
ATOM   785  C CA  . TYR A 1 95  ? 6.28594   -6.67816  10.40292  1.000 19.21270 ?  155 TYR A CA  1 
ATOM   786  C C   . TYR A 1 95  ? 6.36735   -5.24460  10.90534  1.000 22.20236 ?  155 TYR A C   1 
ATOM   787  O O   . TYR A 1 95  ? 5.41665   -4.46747  10.76949  1.000 21.97851 ?  155 TYR A O   1 
ATOM   788  C CB  . TYR A 1 95  ? 6.10271   -7.65389  11.55401  1.000 19.34738 ?  155 TYR A CB  1 
ATOM   789  C CG  . TYR A 1 95  ? 4.76995   -7.59700  12.26450  1.000 24.11639 ?  155 TYR A CG  1 
ATOM   790  C CD1 . TYR A 1 95  ? 3.86755   -8.64445  12.13962  1.000 28.34751 ?  155 TYR A CD1 1 
ATOM   791  C CD2 . TYR A 1 95  ? 4.42780   -6.52584  13.09556  1.000 28.24060 ?  155 TYR A CD2 1 
ATOM   792  C CE1 . TYR A 1 95  ? 2.66257   -8.62892  12.79117  1.000 24.55905 ?  155 TYR A CE1 1 
ATOM   793  C CE2 . TYR A 1 95  ? 3.21112   -6.50724  13.76907  1.000 19.13693 ?  155 TYR A CE2 1 
ATOM   794  C CZ  . TYR A 1 95  ? 2.33888   -7.56599  13.59721  1.000 23.15412 ?  155 TYR A CZ  1 
ATOM   795  O OH  . TYR A 1 95  ? 1.13061   -7.59740  14.22865  1.000 26.93042 ?  155 TYR A OH  1 
ATOM   796  N N   . GLN A 1 96  ? 7.49925   -4.87662  11.50095  1.000 21.90016 ?  156 GLN A N   1 
ATOM   797  C CA  . GLN A 1 96  ? 7.67002   -3.49863  11.94786  1.000 25.81658 ?  156 GLN A CA  1 
ATOM   798  C C   . GLN A 1 96  ? 7.52144   -2.52810  10.78094  1.000 19.97986 ?  156 GLN A C   1 
ATOM   799  O O   . GLN A 1 96  ? 6.88125   -1.47998  10.92108  1.000 21.40937 ?  156 GLN A O   1 
ATOM   800  C CB  . GLN A 1 96  ? 9.02917   -3.32530  12.63570  1.000 31.35499 ?  156 GLN A CB  1 
ATOM   801  C CG  . GLN A 1 96  ? 9.16743   -2.02657  13.44826  1.000 39.01749 ?  156 GLN A CG  1 
ATOM   802  C CD  . GLN A 1 96  ? 10.55862  -1.83392  14.08140  1.000 63.19918 ?  156 GLN A CD  1 
ATOM   803  O OE1 . GLN A 1 96  ? 10.76514  -2.12883  15.26567  1.000 61.74471 ?  156 GLN A OE1 1 
ATOM   804  N NE2 . GLN A 1 96  ? 11.50783  -1.31501  13.29537  1.000 43.11505 ?  156 GLN A NE2 1 
ATOM   805  N N   . CYS A 1 97  ? 8.09426   -2.86543  9.61783   1.000 14.60140 ?  157 CYS A N   1 
ATOM   806  C CA  . CYS A 1 97  ? 7.93907   -2.01181  8.43897   1.000 18.89603 ?  157 CYS A CA  1 
ATOM   807  C C   . CYS A 1 97  ? 6.47292   -1.76875  8.11833   1.000 16.98726 ?  157 CYS A C   1 
ATOM   808  O O   . CYS A 1 97  ? 6.09819   -0.67685  7.68548   1.000 16.76984 ?  157 CYS A O   1 
ATOM   809  C CB  . CYS A 1 97  ? 8.65162   -2.62017  7.22846   1.000 21.53275 ?  157 CYS A CB  1 
ATOM   810  S SG  . CYS A 1 97  ? 10.42416  -2.24563  7.17310   1.000 27.64378 ?  157 CYS A SG  1 
ATOM   811  N N   . ALA A 1 98  ? 5.61866   -2.75841  8.35365   1.000 20.13625 ?  158 ALA A N   1 
ATOM   812  C CA  . ALA A 1 98  ? 4.20183   -2.52398  8.11568   1.000 22.00008 ?  158 ALA A CA  1 
ATOM   813  C C   . ALA A 1 98  ? 3.59807   -1.64596  9.20760   1.000 21.20238 ?  158 ALA A C   1 
ATOM   814  O O   . ALA A 1 98  ? 2.75183   -0.79085  8.91976   1.000 22.35391 ?  158 ALA A O   1 
ATOM   815  C CB  . ALA A 1 98  ? 3.46640   -3.85859  7.98904   1.000 14.33764 ?  158 ALA A CB  1 
ATOM   816  N N   . GLU A 1 99  ? 4.03499   -1.82354  10.45241  1.000 21.31827 ?  159 GLU A N   1 
ATOM   817  C CA  . GLU A 1 99  ? 3.56925   -0.97559  11.54182  1.000 19.43051 ?  159 GLU A CA  1 
ATOM   818  C C   . GLU A 1 99  ? 3.84537   0.49766   11.23717  1.000 21.72145 ?  159 GLU A C   1 
ATOM   819  O O   . GLU A 1 99  ? 2.95159   1.34842   11.31690  1.000 24.49514 ?  159 GLU A O   1 
ATOM   820  C CB  . GLU A 1 99  ? 4.25642   -1.38410  12.85661  1.000 25.45150 ?  159 GLU A CB  1 
ATOM   821  C CG  . GLU A 1 99  ? 4.07734   -2.85274  13.31613  1.000 35.07015 ?  159 GLU A CG  1 
ATOM   822  C CD  . GLU A 1 99  ? 4.93692   -3.24042  14.55877  1.000 54.71311 ?  159 GLU A CD  1 
ATOM   823  O OE1 . GLU A 1 99  ? 6.15035   -2.90061  14.62275  1.000 46.04402 ?  159 GLU A OE1 1 
ATOM   824  O OE2 . GLU A 1 99  ? 4.39016   -3.90040  15.47900  1.000 57.63243 -1 159 GLU A OE2 1 
ATOM   825  N N   . VAL A 1 100 ? 5.08833   0.81352   10.90229  1.000 14.88316 ?  160 VAL A N   1 
ATOM   826  C CA  . VAL A 1 100 ? 5.48134   2.19488   10.64894  1.000 19.09073 ?  160 VAL A CA  1 
ATOM   827  C C   . VAL A 1 100 ? 4.73493   2.75236   9.45142   1.000 18.26459 ?  160 VAL A C   1 
ATOM   828  O O   . VAL A 1 100 ? 4.18941   3.85646   9.49597   1.000 21.48398 ?  160 VAL A O   1 
ATOM   829  C CB  . VAL A 1 100 ? 6.99901   2.28013   10.43132  1.000 21.98758 ?  160 VAL A CB  1 
ATOM   830  C CG1 . VAL A 1 100 ? 7.39580   3.70711   10.04657  1.000 24.93746 ?  160 VAL A CG1 1 
ATOM   831  C CG2 . VAL A 1 100 ? 7.72284   1.81822   11.66368  1.000 22.02582 ?  160 VAL A CG2 1 
ATOM   832  N N   . LEU A 1 101 ? 4.70435   1.99859   8.35751   1.000 20.82779 ?  161 LEU A N   1 
ATOM   833  C CA  . LEU A 1 101 ? 4.16656   2.53908   7.11383   1.000 21.65084 ?  161 LEU A CA  1 
ATOM   834  C C   . LEU A 1 101 ? 2.65334   2.72557   7.17728   1.000 19.14505 ?  161 LEU A C   1 
ATOM   835  O O   . LEU A 1 101 ? 2.12298   3.68502   6.60522   1.000 18.49649 ?  161 LEU A O   1 
ATOM   836  C CB  . LEU A 1 101 ? 4.55663   1.63551   5.94870   1.000 17.77554 ?  161 LEU A CB  1 
ATOM   837  C CG  . LEU A 1 101 ? 4.48128   2.27721   4.57523   1.000 19.61610 ?  161 LEU A CG  1 
ATOM   838  C CD1 . LEU A 1 101 ? 5.32656   3.54835   4.55170   1.000 22.26069 ?  161 LEU A CD1 1 
ATOM   839  C CD2 . LEU A 1 101 ? 4.96587   1.30448   3.52783   1.000 15.38340 ?  161 LEU A CD2 1 
ATOM   840  N N   . GLU A 1 102 ? 1.93699   1.82917   7.86361   1.000 18.22960 ?  162 GLU A N   1 
ATOM   841  C CA  . GLU A 1 102 ? 0.48689   1.98658   7.97257   1.000 15.40411 ?  162 GLU A CA  1 
ATOM   842  C C   . GLU A 1 102 ? 0.12561   3.23327   8.76038   1.000 14.57518 ?  162 GLU A C   1 
ATOM   843  O O   . GLU A 1 102 ? -0.81126  3.95261   8.39881   1.000 16.11357 ?  162 GLU A O   1 
ATOM   844  C CB  . GLU A 1 102 ? -0.14527  0.76024   8.62699   1.000 18.05966 ?  162 GLU A CB  1 
ATOM   845  C CG  . GLU A 1 102 ? -1.63226  0.89598   8.85444   1.000 20.60486 ?  162 GLU A CG  1 
ATOM   846  C CD  . GLU A 1 102 ? -2.34397  -0.45763  8.96129   1.000 30.13817 ?  162 GLU A CD  1 
ATOM   847  O OE1 . GLU A 1 102 ? -1.82384  -1.34836  9.65829   1.000 30.42063 ?  162 GLU A OE1 1 
ATOM   848  O OE2 . GLU A 1 102 ? -3.41492  -0.63898  8.33454   1.000 31.46323 -1 162 GLU A OE2 1 
ATOM   849  N N   . SER A 1 103 ? 0.84211   3.49652   9.85159   1.000 16.62813 ?  163 SER A N   1 
ATOM   850  C CA  A SER A 1 103 ? 0.56922   4.70306   10.62511  0.944 20.59528 ?  163 SER A CA  1 
ATOM   851  C CA  B SER A 1 103 ? 0.57621   4.70333   10.62665  0.056 20.14666 ?  163 SER A CA  1 
ATOM   852  C C   . SER A 1 103 ? 0.85465   5.94583   9.79680   1.000 15.98244 ?  163 SER A C   1 
ATOM   853  O O   . SER A 1 103 ? 0.14058   6.94651   9.89698   1.000 19.76685 ?  163 SER A O   1 
ATOM   854  C CB  A SER A 1 103 ? 1.38986   4.70383   11.91248  0.944 22.58550 ?  163 SER A CB  1 
ATOM   855  C CB  B SER A 1 103 ? 1.41518   4.70872   11.90270  0.056 21.97316 ?  163 SER A CB  1 
ATOM   856  O OG  A SER A 1 103 ? 2.70571   5.17877   11.67474  0.944 30.22969 ?  163 SER A OG  1 
ATOM   857  O OG  B SER A 1 103 ? 1.17554   5.88435   12.65316  0.056 21.79824 ?  163 SER A OG  1 
ATOM   858  N N   . PHE A 1 104 ? 1.87931   5.88785   8.95181   1.000 18.82423 ?  164 PHE A N   1 
ATOM   859  C CA  . PHE A 1 104 ? 2.12775   6.97571   8.01578   1.000 15.37600 ?  164 PHE A CA  1 
ATOM   860  C C   . PHE A 1 104 ? 0.98658   7.08960   7.01535   1.000 16.89318 ?  164 PHE A C   1 
ATOM   861  O O   . PHE A 1 104 ? 0.46561   8.18432   6.76163   1.000 18.31994 ?  164 PHE A O   1 
ATOM   862  C CB  . PHE A 1 104 ? 3.45523   6.72224   7.32756   1.000 20.09540 ?  164 PHE A CB  1 
ATOM   863  C CG  . PHE A 1 104 ? 3.86720   7.78269   6.36406   1.000 24.58395 ?  164 PHE A CG  1 
ATOM   864  C CD1 . PHE A 1 104 ? 4.40742   8.97159   6.81715   1.000 20.63984 ?  164 PHE A CD1 1 
ATOM   865  C CD2 . PHE A 1 104 ? 3.79524   7.55459   4.99468   1.000 20.81106 ?  164 PHE A CD2 1 
ATOM   866  C CE1 . PHE A 1 104 ? 4.82379   9.94113   5.92669   1.000 23.76637 ?  164 PHE A CE1 1 
ATOM   867  C CE2 . PHE A 1 104 ? 4.21026   8.51271   4.10078   1.000 20.63373 ?  164 PHE A CE2 1 
ATOM   868  C CZ  . PHE A 1 104 ? 4.72185   9.71363   4.57047   1.000 17.95788 ?  164 PHE A CZ  1 
ATOM   869  N N   . PHE A 1 105 ? 0.55757   5.95778   6.46809   1.000 18.95721 ?  165 PHE A N   1 
ATOM   870  C CA  . PHE A 1 105 ? -0.58821  5.96483   5.56940   1.000 14.29945 ?  165 PHE A CA  1 
ATOM   871  C C   . PHE A 1 105 ? -1.82163  6.57082   6.23355   1.000 18.96892 ?  165 PHE A C   1 
ATOM   872  O O   . PHE A 1 105 ? -2.52148  7.37705   5.60987   1.000 14.13381 ?  165 PHE A O   1 
ATOM   873  C CB  . PHE A 1 105 ? -0.89423  4.55037   5.09317   1.000 13.57459 ?  165 PHE A CB  1 
ATOM   874  C CG  . PHE A 1 105 ? -2.11529  4.46975   4.25663   1.000 13.77376 ?  165 PHE A CG  1 
ATOM   875  C CD1 . PHE A 1 105 ? -2.18200  5.14800   3.04878   1.000 17.21614 ?  165 PHE A CD1 1 
ATOM   876  C CD2 . PHE A 1 105 ? -3.20542  3.74149   4.66727   1.000 15.77257 ?  165 PHE A CD2 1 
ATOM   877  C CE1 . PHE A 1 105 ? -3.30495  5.07574   2.26805   1.000 15.03957 ?  165 PHE A CE1 1 
ATOM   878  C CE2 . PHE A 1 105 ? -4.32392  3.66180   3.89445   1.000 14.66555 ?  165 PHE A CE2 1 
ATOM   879  C CZ  . PHE A 1 105 ? -4.38441  4.32836   2.69917   1.000 20.12410 ?  165 PHE A CZ  1 
ATOM   880  N N   . VAL A 1 106 ? -2.11133  6.19271   7.49283   1.000 13.58345 ?  166 VAL A N   1 
ATOM   881  C CA  . VAL A 1 106 ? -3.24580  6.79211   8.20479   1.000 15.91561 ?  166 VAL A CA  1 
ATOM   882  C C   . VAL A 1 106 ? -3.08322  8.30766   8.26966   1.000 18.97327 ?  166 VAL A C   1 
ATOM   883  O O   . VAL A 1 106 ? -4.01331  9.06748   7.97796   1.000 24.38926 ?  166 VAL A O   1 
ATOM   884  C CB  . VAL A 1 106 ? -3.40699  6.18446   9.61478   1.000 13.69290 ?  166 VAL A CB  1 
ATOM   885  C CG1 . VAL A 1 106 ? -4.52691  6.88256   10.35416  1.000 17.04768 ?  166 VAL A CG1 1 
ATOM   886  C CG2 . VAL A 1 106 ? -3.73052  4.72479   9.53636   1.000 17.90125 ?  166 VAL A CG2 1 
ATOM   887  N N   . GLN A 1 107 ? -1.89730  8.77155   8.64883   1.000 17.60123 ?  167 GLN A N   1 
ATOM   888  C CA  . GLN A 1 107 ? -1.68478  10.21122  8.73830   1.000 19.75426 ?  167 GLN A CA  1 
ATOM   889  C C   . GLN A 1 107 ? -1.96111  10.88406  7.40343   1.000 19.00758 ?  167 GLN A C   1 
ATOM   890  O O   . GLN A 1 107 ? -2.65185  11.90763  7.33572   1.000 22.35670 ?  167 GLN A O   1 
ATOM   891  C CB  . GLN A 1 107 ? -0.26300  10.49831  9.19469   1.000 22.14215 ?  167 GLN A CB  1 
ATOM   892  C CG  . GLN A 1 107 ? 0.00891   10.21504  10.65802  1.000 18.80775 ?  167 GLN A CG  1 
ATOM   893  C CD  . GLN A 1 107 ? 1.48232   10.32953  10.95825  1.000 14.28844 ?  167 GLN A CD  1 
ATOM   894  O OE1 . GLN A 1 107 ? 2.31607   10.10549  10.08144  1.000 22.39879 ?  167 GLN A OE1 1 
ATOM   895  N NE2 . GLN A 1 107 ? 1.81739   10.66098  12.18493  1.000 16.53901 ?  167 GLN A NE2 1 
ATOM   896  N N   . LYS A 1 108 ? -1.42562  10.31699  6.32679   1.000 19.52522 ?  168 LYS A N   1 
ATOM   897  C CA  . LYS A 1 108 ? -1.64360  10.87887  5.00042   1.000 16.73864 ?  168 LYS A CA  1 
ATOM   898  C C   . LYS A 1 108 ? -3.08590  10.70604  4.54831   1.000 22.92554 ?  168 LYS A C   1 
ATOM   899  O O   . LYS A 1 108 ? -3.64134  11.58485  3.88495   1.000 19.94824 ?  168 LYS A O   1 
ATOM   900  C CB  . LYS A 1 108 ? -0.69007  10.21906  4.00613   1.000 14.50242 ?  168 LYS A CB  1 
ATOM   901  C CG  . LYS A 1 108 ? 0.76024   10.57274  4.25805   1.000 17.80278 ?  168 LYS A CG  1 
ATOM   902  C CD  . LYS A 1 108 ? 1.03344   12.02154  3.86838   1.000 23.27736 ?  168 LYS A CD  1 
ATOM   903  C CE  . LYS A 1 108 ? 2.49232   12.38272  4.09063   1.000 28.39226 ?  168 LYS A CE  1 
ATOM   904  N NZ  . LYS A 1 108 ? 2.83963   13.66320  3.42442   1.000 29.82773 1  168 LYS A NZ  1 
ATOM   905  N N   . LEU A 1 109 ? -3.70870  9.58715   4.89409   1.000 23.46574 ?  169 LEU A N   1 
ATOM   906  C CA  . LEU A 1 109 ? -5.08159  9.38308   4.47397   1.000 20.22386 ?  169 LEU A CA  1 
ATOM   907  C C   . LEU A 1 109 ? -5.98611  10.42650  5.09985   1.000 24.27854 ?  169 LEU A C   1 
ATOM   908  O O   . LEU A 1 109 ? -6.87517  10.96676  4.43378   1.000 22.57719 ?  169 LEU A O   1 
ATOM   909  C CB  . LEU A 1 109 ? -5.53795  7.96748   4.84379   1.000 21.74620 ?  169 LEU A CB  1 
ATOM   910  C CG  . LEU A 1 109 ? -6.98299  7.58345   4.51088   1.000 22.98597 ?  169 LEU A CG  1 
ATOM   911  C CD1 . LEU A 1 109 ? -7.19278  7.71290   3.02065   1.000 17.11121 ?  169 LEU A CD1 1 
ATOM   912  C CD2 . LEU A 1 109 ? -7.29641  6.15716   4.97840   1.000 22.49496 ?  169 LEU A CD2 1 
ATOM   913  N N   . LYS A 1 110 ? -5.77091  10.73172  6.37909   1.000 24.95862 ?  170 LYS A N   1 
ATOM   914  C CA  . LYS A 1 110 ? -6.60453  11.73911  7.01020   1.000 26.13340 ?  170 LYS A CA  1 
ATOM   915  C C   . LYS A 1 110 ? -6.41120  13.07540  6.32631   1.000 16.11194 ?  170 LYS A C   1 
ATOM   916  O O   . LYS A 1 110 ? -7.36986  13.82040  6.12917   1.000 21.77459 ?  170 LYS A O   1 
ATOM   917  C CB  . LYS A 1 110 ? -6.29465  11.84215  8.50368   1.000 18.69622 ?  170 LYS A CB  1 
ATOM   918  C CG  . LYS A 1 110 ? -6.87577  10.71200  9.32386   1.000 31.87695 ?  170 LYS A CG  1 
ATOM   919  C CD  . LYS A 1 110 ? -6.39149  10.76774  10.77247  1.000 35.60736 ?  170 LYS A CD  1 
ATOM   920  C CE  . LYS A 1 110 ? -6.98552  9.62929   11.60361  1.000 50.84156 ?  170 LYS A CE  1 
ATOM   921  N NZ  . LYS A 1 110 ? -6.16713  9.31686   12.81871  1.000 49.69099 1  170 LYS A NZ  1 
ATOM   922  N N   . GLY A 1 111 ? -5.16752  13.40158  5.98245   1.000 23.65285 ?  171 GLY A N   1 
ATOM   923  C CA  . GLY A 1 111 ? -4.90951  14.63140  5.25302   1.000 19.58902 ?  171 GLY A CA  1 
ATOM   924  C C   . GLY A 1 111 ? -5.65186  14.65503  3.93631   1.000 24.72461 ?  171 GLY A C   1 
ATOM   925  O O   . GLY A 1 111 ? -6.20574  15.68151  3.54178   1.000 25.95520 ?  171 GLY A O   1 
ATOM   926  N N   . PHE A 1 112 ? -5.70458  13.50932  3.25473   1.000 21.56611 ?  172 PHE A N   1 
ATOM   927  C CA  . PHE A 1 112 ? -6.47649  13.44124  2.02293   1.000 29.26007 ?  172 PHE A CA  1 
ATOM   928  C C   . PHE A 1 112 ? -7.96631  13.60337  2.30872   1.000 23.02460 ?  172 PHE A C   1 
ATOM   929  O O   . PHE A 1 112 ? -8.66140  14.32225  1.58051   1.000 21.66932 ?  172 PHE A O   1 
ATOM   930  C CB  . PHE A 1 112 ? -6.18383  12.12918  1.28233   1.000 19.69848 ?  172 PHE A CB  1 
ATOM   931  C CG  . PHE A 1 112 ? -6.97130  11.96945  0.02329   1.000 21.98305 ?  172 PHE A CG  1 
ATOM   932  C CD1 . PHE A 1 112 ? -6.48724  12.44606  -1.17804  1.000 26.16875 ?  172 PHE A CD1 1 
ATOM   933  C CD2 . PHE A 1 112 ? -8.21331  11.35774  0.04523   1.000 21.38653 ?  172 PHE A CD2 1 
ATOM   934  C CE1 . PHE A 1 112 ? -7.22578  12.30877  -2.34475  1.000 27.43107 ?  172 PHE A CE1 1 
ATOM   935  C CE2 . PHE A 1 112 ? -8.95392  11.20643  -1.10645  1.000 21.79446 ?  172 PHE A CE2 1 
ATOM   936  C CZ  . PHE A 1 112 ? -8.46516  11.69072  -2.30596  1.000 28.29716 ?  172 PHE A CZ  1 
ATOM   937  N N   . LYS A 1 113 ? -8.44958  12.98151  3.39400   1.000 29.54292 ?  173 LYS A N   1 
ATOM   938  C CA  . LYS A 1 113 ? -9.86146  12.93640  3.81913   1.000 22.91988 ?  173 LYS A CA  1 
ATOM   939  C C   . LYS A 1 113 ? -10.48484 11.55139  3.54117   1.000 31.24570 ?  173 LYS A C   1 
ATOM   940  O O   . LYS A 1 113 ? -10.41432 10.60941  4.35707   1.000 28.10410 ?  173 LYS A O   1 
ATOM   941  C CB  . LYS A 1 113 ? -10.69002 14.02456  3.12698   1.000 33.36836 ?  173 LYS A CB  1 
ATOM   942  C CG  . LYS A 1 113 ? -10.70207 15.34647  3.83205   1.000 18.41918 ?  173 LYS A CG  1 
ATOM   943  C CD  . LYS A 1 113 ? -9.38034  15.58890  4.52712   1.000 16.76794 ?  173 LYS A CD  1 
ATOM   944  C CE  . LYS A 1 113 ? -9.32263  17.01864  4.99487   1.000 25.53742 ?  173 LYS A CE  1 
ATOM   945  N NZ  . LYS A 1 113 ? -9.61743  17.90131  3.80736   1.000 22.64194 1  173 LYS A NZ  1 
HETATM 946  C C10 . 1IY B 2 .   ? 8.20158   -9.37583  3.12506   1.000 29.11269 ?  201 1IY A C10 1 
HETATM 947  C C13 . 1IY B 2 .   ? 10.49856  -10.74263 3.24937   1.000 30.59484 ?  201 1IY A C13 1 
HETATM 948  C C17 . 1IY B 2 .   ? 6.20753   -7.74985  1.48624   1.000 19.42060 ?  201 1IY A C17 1 
HETATM 949  C C20 . 1IY B 2 .   ? 16.36536  -8.73180  -3.64131  1.000 46.49690 ?  201 1IY A C20 1 
HETATM 950  C C22 . 1IY B 2 .   ? 14.79250  -9.68565  -5.21643  1.000 46.88129 ?  201 1IY A C22 1 
HETATM 951  C C26 . 1IY B 2 .   ? 11.53604  -11.67759 3.60622   1.000 56.34763 ?  201 1IY A C26 1 
HETATM 952  C C01 . 1IY B 2 .   ? 12.70976  -9.62378  1.27004   1.000 30.68103 ?  201 1IY A C01 1 
HETATM 953  C C02 . 1IY B 2 .   ? 11.39069  -9.16589  1.29290   1.000 29.80823 ?  201 1IY A C02 1 
HETATM 954  C C03 . 1IY B 2 .   ? 11.05522  -8.07774  0.49344   1.000 33.82704 ?  201 1IY A C03 1 
HETATM 955  C C04 . 1IY B 2 .   ? 12.01015  -7.48647  -0.36540  1.000 31.66221 ?  201 1IY A C04 1 
HETATM 956  C C05 . 1IY B 2 .   ? 13.28818  -7.96110  -0.40694  1.000 26.37127 ?  201 1IY A C05 1 
HETATM 957  C C06 . 1IY B 2 .   ? 13.64312  -9.05422  0.42274   1.000 23.28360 ?  201 1IY A C06 1 
HETATM 958  C C07 . 1IY B 2 .   ? 11.95825  -6.42218  -1.30183  1.000 33.34759 ?  201 1IY A C07 1 
HETATM 959  C C08 . 1IY B 2 .   ? 13.22711  -6.31231  -1.85540  1.000 34.34371 ?  201 1IY A C08 1 
HETATM 960  C C12 . 1IY B 2 .   ? 9.46539   -11.06075 4.11138   1.000 29.41145 ?  201 1IY A C12 1 
HETATM 961  C C14 . 1IY B 2 .   ? 10.32306  -9.69908  2.26573   1.000 27.55123 ?  201 1IY A C14 1 
HETATM 962  C C18 . 1IY B 2 .   ? 15.38596  -7.42111  -1.66654  1.000 35.07740 ?  201 1IY A C18 1 
HETATM 963  C C19 . 1IY B 2 .   ? 15.48961  -7.57085  -3.18616  1.000 38.39374 ?  201 1IY A C19 1 
HETATM 964  C C23 . 1IY B 2 .   ? 16.47108  -11.02701 -4.19625  1.000 63.67153 ?  201 1IY A C23 1 
HETATM 965  C C25 . 1IY B 2 .   ? 11.05781  -12.48674 4.65226   1.000 31.33997 ?  201 1IY A C25 1 
HETATM 966  N N09 . 1IY B 2 .   ? 13.99441  -7.22808  -1.30770  1.000 32.39543 ?  201 1IY A N09 1 
HETATM 967  N N11 . 1IY B 2 .   ? 8.32895   -10.33534 4.02243   1.000 30.99100 ?  201 1IY A N11 1 
HETATM 968  N N15 . 1IY B 2 .   ? 9.16761   -9.03536  2.28393   1.000 27.69253 ?  201 1IY A N15 1 
HETATM 969  N N21 . 1IY B 2 .   ? 15.57547  -9.89852  -4.00477  1.000 46.08657 ?  201 1IY A N21 1 
HETATM 970  N N24 . 1IY B 2 .   ? 9.82644   -12.10007 4.92686   1.000 29.96223 ?  201 1IY A N24 1 
HETATM 971  O O27 . 1IY B 2 .   ? 5.52036   -9.27080  3.59093   1.000 21.17782 ?  201 1IY A O27 1 
HETATM 972  O O28 . 1IY B 2 .   ? 6.73278   -7.43174  4.12978   1.000 22.35621 ?  201 1IY A O28 1 
HETATM 973  S S16 . 1IY B 2 .   ? 6.63230   -8.46054  3.10257   1.000 25.41310 ?  201 1IY A S16 1 
HETATM 974  H H1  . 1IY B 2 .   ? 6.89528   -7.12015  1.21907   1.000 23.30472 ?  201 1IY A H1  1 
HETATM 975  H H2  . 1IY B 2 .   ? 5.35538   -7.29067  1.54878   1.000 23.30472 ?  201 1IY A H2  1 
HETATM 976  H H3  . 1IY B 2 .   ? 6.14503   -8.45912  0.82750   1.000 23.30472 ?  201 1IY A H3  1 
HETATM 977  H H4  . 1IY B 2 .   ? 16.96968  -8.97194  -2.92157  1.000 55.79628 ?  201 1IY A H4  1 
HETATM 978  H H5  . 1IY B 2 .   ? 16.88593  -8.45147  -4.41027  1.000 55.79628 ?  201 1IY A H5  1 
HETATM 979  H H6  . 1IY B 2 .   ? 15.33184  -9.21571  -5.87153  1.000 56.25755 ?  201 1IY A H6  1 
HETATM 980  H H7  . 1IY B 2 .   ? 14.51777  -10.54255 -5.57857  1.000 56.25755 ?  201 1IY A H7  1 
HETATM 981  H H8  . 1IY B 2 .   ? 14.00706  -9.15711  -5.00517  1.000 56.25755 ?  201 1IY A H8  1 
HETATM 982  H H9  . 1IY B 2 .   ? 12.37778  -11.73368 3.21477   1.000 67.61716 ?  201 1IY A H9  1 
HETATM 983  H H10 . 1IY B 2 .   ? 12.95825  -10.33525 1.81500   1.000 36.81723 ?  201 1IY A H10 1 
HETATM 984  H H11 . 1IY B 2 .   ? 10.19012  -7.73756  0.52104   1.000 40.59245 ?  201 1IY A H11 1 
HETATM 985  H H12 . 1IY B 2 .   ? 14.51155  -9.38636  0.40238   1.000 27.94032 ?  201 1IY A H12 1 
HETATM 986  H H13 . 1IY B 2 .   ? 11.22019  -5.89121  -1.49733  1.000 40.01711 ?  201 1IY A H13 1 
HETATM 987  H H14 . 1IY B 2 .   ? 13.48880  -5.69678  -2.50158  1.000 41.21246 ?  201 1IY A H14 1 
HETATM 988  H H15 . 1IY B 2 .   ? 15.72437  -8.22230  -1.23705  1.000 42.09288 ?  201 1IY A H15 1 
HETATM 989  H H16 . 1IY B 2 .   ? 15.90527  -6.65386  -1.37925  1.000 42.09288 ?  201 1IY A H16 1 
HETATM 990  H H17 . 1IY B 2 .   ? 14.59740  -7.69977  -3.54426  1.000 46.07249 ?  201 1IY A H17 1 
HETATM 991  H H18 . 1IY B 2 .   ? 15.85321  -6.74939  -3.55209  1.000 46.07249 ?  201 1IY A H18 1 
HETATM 992  H H19 . 1IY B 2 .   ? 16.90909  -11.23821 -3.35694  1.000 76.40583 ?  201 1IY A H19 1 
HETATM 993  H H20 . 1IY B 2 .   ? 15.96246  -11.79588 -4.49799  1.000 76.40583 ?  201 1IY A H20 1 
HETATM 994  H H21 . 1IY B 2 .   ? 17.13943  -10.80011 -4.86162  1.000 76.40583 ?  201 1IY A H21 1 
HETATM 995  H H22 . 1IY B 2 .   ? 11.52272  -13.17551 5.06981   1.000 37.60796 ?  201 1IY A H22 1 
HETATM 996  O O   . HOH C 3 .   ? -0.21427  19.53708  -2.83751  1.000 33.98538 ?  301 HOH A O   1 
HETATM 997  O O   . HOH C 3 .   ? -18.38940 1.57294   -7.52862  1.000 47.55134 ?  302 HOH A O   1 
HETATM 998  O O   . HOH C 3 .   ? -2.35220  13.68432  2.61364   1.000 32.32185 ?  303 HOH A O   1 
HETATM 999  O O   . HOH C 3 .   ? -2.69575  -19.73435 8.69870   1.000 29.81706 ?  304 HOH A O   1 
HETATM 1000 O O   . HOH C 3 .   ? 1.66469   -8.11710  -5.63323  1.000 14.34574 ?  305 HOH A O   1 
HETATM 1001 O O   . HOH C 3 .   ? -0.65972  -16.36377 -3.82583  1.000 29.16006 ?  306 HOH A O   1 
HETATM 1002 O O   . HOH C 3 .   ? 6.11915   1.45909   -6.15994  1.000 20.02353 ?  307 HOH A O   1 
HETATM 1003 O O   . HOH C 3 .   ? 1.77408   -14.05816 11.15975  1.000 22.91079 ?  308 HOH A O   1 
HETATM 1004 O O   . HOH C 3 .   ? -2.87819  -9.59395  8.60110   1.000 23.26649 ?  309 HOH A O   1 
HETATM 1005 O O   . HOH C 3 .   ? 3.04030   -9.31515  2.57695   1.000 22.33744 ?  310 HOH A O   1 
HETATM 1006 O O   . HOH C 3 .   ? 1.94606   16.22302  -7.88653  1.000 22.93721 ?  311 HOH A O   1 
HETATM 1007 O O   . HOH C 3 .   ? 6.14979   -6.33993  -1.83392  1.000 18.39198 ?  312 HOH A O   1 
HETATM 1008 O O   . HOH C 3 .   ? 2.82462   -6.81459  1.98850   1.000 18.14395 ?  313 HOH A O   1 
HETATM 1009 O O   . HOH C 3 .   ? 3.43671   11.90658  8.59338   1.000 27.23990 ?  314 HOH A O   1 
HETATM 1010 O O   . HOH C 3 .   ? 1.44101   -8.80631  -1.07544  1.000 24.75432 ?  315 HOH A O   1 
HETATM 1011 O O   . HOH C 3 .   ? -1.01270  7.28632   12.54455  1.000 24.50818 ?  316 HOH A O   1 
HETATM 1012 O O   . HOH C 3 .   ? 11.07310  -9.80236  -2.95874  1.000 39.98791 ?  317 HOH A O   1 
HETATM 1013 O O   . HOH C 3 .   ? -14.68122 7.93357   -1.98661  1.000 24.12192 ?  318 HOH A O   1 
HETATM 1014 O O   . HOH C 3 .   ? -5.83859  -13.62971 -5.86779  1.000 26.29287 ?  319 HOH A O   1 
HETATM 1015 O O   . HOH C 3 .   ? -6.05107  -7.47140  -6.86356  1.000 25.03098 ?  320 HOH A O   1 
HETATM 1016 O O   . HOH C 3 .   ? 3.59408   -6.06678  -0.58531  1.000 24.05370 ?  321 HOH A O   1 
HETATM 1017 O O   . HOH C 3 .   ? -4.61426  -9.34182  -5.37193  1.000 22.15034 ?  322 HOH A O   1 
HETATM 1018 O O   . HOH C 3 .   ? 14.17751  -0.63309  13.10058  1.000 44.85936 ?  323 HOH A O   1 
HETATM 1019 O O   . HOH C 3 .   ? 11.74889  -0.01305  16.78641  1.000 40.70332 ?  324 HOH A O   1 
HETATM 1020 O O   . HOH C 3 .   ? -12.78866 -0.63960  -9.62287  1.000 32.97117 ?  325 HOH A O   1 
HETATM 1021 O O   . HOH C 3 .   ? 7.00945   7.87050   9.31352   1.000 20.05709 ?  326 HOH A O   1 
HETATM 1022 O O   . HOH C 3 .   ? 8.01361   8.75882   -4.37261  1.000 18.87437 ?  327 HOH A O   1 
HETATM 1023 O O   . HOH C 3 .   ? 0.82327   11.75071  -14.14162 1.000 29.02850 ?  328 HOH A O   1 
HETATM 1024 O O   . HOH C 3 .   ? -1.45038  -5.24214  -12.33058 1.000 26.83856 ?  329 HOH A O   1 
HETATM 1025 O O   . HOH C 3 .   ? 9.94210   4.67182   -4.64093  1.000 32.38118 ?  330 HOH A O   1 
HETATM 1026 O O   . HOH C 3 .   ? -8.33179  -4.74849  2.53392   1.000 28.09759 ?  331 HOH A O   1 
HETATM 1027 O O   . HOH C 3 .   ? -3.93333  12.14941  -15.88243 1.000 34.81141 ?  332 HOH A O   1 
HETATM 1028 O O   . HOH C 3 .   ? -0.79969  9.54758   -14.62175 1.000 39.88613 ?  333 HOH A O   1 
HETATM 1029 O O   . HOH C 3 .   ? -6.95349  -6.20488  9.15657   1.000 32.01882 ?  334 HOH A O   1 
HETATM 1030 O O   . HOH C 3 .   ? 3.88209   -13.34120 15.80735  1.000 32.01234 ?  335 HOH A O   1 
HETATM 1031 O O   . HOH C 3 .   ? 13.35972  -1.80154  16.74874  1.000 36.97616 ?  336 HOH A O   1 
HETATM 1032 O O   . HOH C 3 .   ? 7.89246   10.06333  2.43186   1.000 30.58584 ?  337 HOH A O   1 
HETATM 1033 O O   . HOH C 3 .   ? 3.28997   -9.05708  -3.58285  1.000 27.51119 ?  338 HOH A O   1 
HETATM 1034 O O   . HOH C 3 .   ? 9.25418   7.35797   10.62816  1.000 29.63502 ?  339 HOH A O   1 
HETATM 1035 O O   . HOH C 3 .   ? 5.70762   13.95006  1.40428   1.000 28.07638 ?  340 HOH A O   1 
HETATM 1036 O O   . HOH C 3 .   ? 2.79152   -12.74458 17.74587  1.000 31.78283 ?  341 HOH A O   1 
HETATM 1037 O O   . HOH C 3 .   ? -9.51738  16.29540  -3.61796  1.000 48.93936 ?  342 HOH A O   1 
HETATM 1038 O O   . HOH C 3 .   ? 10.68725  7.97317   6.04993   1.000 36.86540 ?  343 HOH A O   1 
HETATM 1039 O O   . HOH C 3 .   ? -7.70069  -6.38369  -5.30830  1.000 39.09525 ?  344 HOH A O   1 
HETATM 1040 O O   . HOH C 3 .   ? -0.99038  -5.01321  14.68624  1.000 43.15661 ?  345 HOH A O   1 
HETATM 1041 O O   . HOH C 3 .   ? 3.78717   -26.36741 0.24116   1.000 48.41624 ?  346 HOH A O   1 
HETATM 1042 O O   . HOH C 3 .   ? -11.74282 14.95875  -0.42511  1.000 36.40063 ?  347 HOH A O   1 
HETATM 1043 O O   . HOH C 3 .   ? -10.98673 16.84743  -0.16565  1.000 37.33106 ?  348 HOH A O   1 
HETATM 1044 O O   . HOH C 3 .   ? -9.84766  18.49393  -0.24845  1.000 38.87687 ?  349 HOH A O   1 
HETATM 1045 O O   . HOH C 3 .   ? 8.04066   10.30844  7.85043   1.000 42.44703 ?  350 HOH A O   1 
HETATM 1046 O O   . HOH C 3 .   ? -5.40821  4.22258   -19.47458 1.000 29.94120 ?  351 HOH A O   1 
HETATM 1047 O O   . HOH C 3 .   ? -12.79801 17.83528  -0.60465  1.000 42.21696 ?  352 HOH A O   1 
# 
loop_
_pdbx_poly_seq_scheme.asym_id 
_pdbx_poly_seq_scheme.entity_id 
_pdbx_poly_seq_scheme.seq_id 
_pdbx_poly_seq_scheme.mon_id 
_pdbx_poly_seq_scheme.ndb_seq_num 
_pdbx_poly_seq_scheme.pdb_seq_num 
_pdbx_poly_seq_scheme.auth_seq_num 
_pdbx_poly_seq_scheme.pdb_mon_id 
_pdbx_poly_seq_scheme.auth_mon_id 
_pdbx_poly_seq_scheme.pdb_strand_id 
_pdbx_poly_seq_scheme.pdb_ins_code 
_pdbx_poly_seq_scheme.hetero 
A 1 1   PRO 1   61  ?   ?   ?   A . n 
A 1 2   LEU 2   62  ?   ?   ?   A . n 
A 1 3   GLY 3   63  ?   ?   ?   A . n 
A 1 4   SER 4   64  ?   ?   ?   A . n 
A 1 5   VAL 5   65  ?   ?   ?   A . n 
A 1 6   LEU 6   66  66  LEU LEU A . n 
A 1 7   THR 7   67  67  THR THR A . n 
A 1 8   PRO 8   68  68  PRO PRO A . n 
A 1 9   LEU 9   69  69  LEU LEU A . n 
A 1 10  THR 10  70  70  THR THR A . n 
A 1 11  GLU 11  71  71  GLU GLU A . n 
A 1 12  LYS 12  72  72  LYS LYS A . n 
A 1 13  ASP 13  73  73  ASP ASP A . n 
A 1 14  TYR 14  74  74  TYR TYR A . n 
A 1 15  GLU 15  75  75  GLU GLU A . n 
A 1 16  GLY 16  76  76  GLY GLY A . n 
A 1 17  LEU 17  77  77  LEU LEU A . n 
A 1 18  LYS 18  78  78  LYS LYS A . n 
A 1 19  ARG 19  79  79  ARG ARG A . n 
A 1 20  VAL 20  80  80  VAL VAL A . n 
A 1 21  LEU 21  81  81  LEU LEU A . n 
A 1 22  ARG 22  82  82  ARG ARG A . n 
A 1 23  SER 23  83  83  SER SER A . n 
A 1 24  LEU 24  84  84  LEU LEU A . n 
A 1 25  GLN 25  85  85  GLN GLN A . n 
A 1 26  ALA 26  86  86  ALA ALA A . n 
A 1 27  HIS 27  87  87  HIS HIS A . n 
A 1 28  LYS 28  88  88  LYS LYS A . n 
A 1 29  MET 29  89  89  MET MET A . n 
A 1 30  ALA 30  90  90  ALA ALA A . n 
A 1 31  TRP 31  91  91  TRP TRP A . n 
A 1 32  PRO 32  92  92  PRO PRO A . n 
A 1 33  PHE 33  93  93  PHE PHE A . n 
A 1 34  LEU 34  94  94  LEU LEU A . n 
A 1 35  GLU 35  95  95  GLU GLU A . n 
A 1 36  PRO 36  96  96  PRO PRO A . n 
A 1 37  VAL 37  97  97  VAL VAL A . n 
A 1 38  ASP 38  98  98  ASP ASP A . n 
A 1 39  PRO 39  99  99  PRO PRO A . n 
A 1 40  ASN 40  100 100 ASN ASN A . n 
A 1 41  ASP 41  101 101 ASP ASP A . n 
A 1 42  ALA 42  102 102 ALA ALA A . n 
A 1 43  PRO 43  103 103 PRO PRO A . n 
A 1 44  ASP 44  104 104 ASP ASP A . n 
A 1 45  TYR 45  105 105 TYR TYR A . n 
A 1 46  TYR 46  106 106 TYR TYR A . n 
A 1 47  GLY 47  107 107 GLY GLY A . n 
A 1 48  VAL 48  108 108 VAL VAL A . n 
A 1 49  ILE 49  109 109 ILE ILE A . n 
A 1 50  LYS 50  110 110 LYS LYS A . n 
A 1 51  GLU 51  111 111 GLU GLU A . n 
A 1 52  PRO 52  112 112 PRO PRO A . n 
A 1 53  MET 53  113 113 MET MET A . n 
A 1 54  ASP 54  114 114 ASP ASP A . n 
A 1 55  LEU 55  115 115 LEU LEU A . n 
A 1 56  ALA 56  116 116 ALA ALA A . n 
A 1 57  THR 57  117 117 THR THR A . n 
A 1 58  MET 58  118 118 MET MET A . n 
A 1 59  GLU 59  119 119 GLU GLU A . n 
A 1 60  GLU 60  120 120 GLU GLU A . n 
A 1 61  ARG 61  121 121 ARG ARG A . n 
A 1 62  VAL 62  122 122 VAL VAL A . n 
A 1 63  GLN 63  123 123 GLN GLN A . n 
A 1 64  ARG 64  124 124 ARG ARG A . n 
A 1 65  ARG 65  125 125 ARG ARG A . n 
A 1 66  TYR 66  126 126 TYR TYR A . n 
A 1 67  TYR 67  127 127 TYR TYR A . n 
A 1 68  GLU 68  128 128 GLU GLU A . n 
A 1 69  LYS 69  129 129 LYS LYS A . n 
A 1 70  LEU 70  130 130 LEU LEU A . n 
A 1 71  THR 71  131 131 THR THR A . n 
A 1 72  GLU 72  132 132 GLU GLU A . n 
A 1 73  PHE 73  133 133 PHE PHE A . n 
A 1 74  VAL 74  134 134 VAL VAL A . n 
A 1 75  ALA 75  135 135 ALA ALA A . n 
A 1 76  ASP 76  136 136 ASP ASP A . n 
A 1 77  MET 77  137 137 MET MET A . n 
A 1 78  THR 78  138 138 THR THR A . n 
A 1 79  LYS 79  139 139 LYS LYS A . n 
A 1 80  ILE 80  140 140 ILE ILE A . n 
A 1 81  PHE 81  141 141 PHE PHE A . n 
A 1 82  ASP 82  142 142 ASP ASP A . n 
A 1 83  ASN 83  143 143 ASN ASN A . n 
A 1 84  CYS 84  144 144 CYS CYS A . n 
A 1 85  ARG 85  145 145 ARG ARG A . n 
A 1 86  TYR 86  146 146 TYR TYR A . n 
A 1 87  TYR 87  147 147 TYR TYR A . n 
A 1 88  ASN 88  148 148 ASN ASN A . n 
A 1 89  PRO 89  149 149 PRO PRO A . n 
A 1 90  SER 90  150 150 SER SER A . n 
A 1 91  ASP 91  151 151 ASP ASP A . n 
A 1 92  SER 92  152 152 SER SER A . n 
A 1 93  PRO 93  153 153 PRO PRO A . n 
A 1 94  PHE 94  154 154 PHE PHE A . n 
A 1 95  TYR 95  155 155 TYR TYR A . n 
A 1 96  GLN 96  156 156 GLN GLN A . n 
A 1 97  CYS 97  157 157 CYS CYS A . n 
A 1 98  ALA 98  158 158 ALA ALA A . n 
A 1 99  GLU 99  159 159 GLU GLU A . n 
A 1 100 VAL 100 160 160 VAL VAL A . n 
A 1 101 LEU 101 161 161 LEU LEU A . n 
A 1 102 GLU 102 162 162 GLU GLU A . n 
A 1 103 SER 103 163 163 SER SER A . n 
A 1 104 PHE 104 164 164 PHE PHE A . n 
A 1 105 PHE 105 165 165 PHE PHE A . n 
A 1 106 VAL 106 166 166 VAL VAL A . n 
A 1 107 GLN 107 167 167 GLN GLN A . n 
A 1 108 LYS 108 168 168 LYS LYS A . n 
A 1 109 LEU 109 169 169 LEU LEU A . n 
A 1 110 LYS 110 170 170 LYS LYS A . n 
A 1 111 GLY 111 171 171 GLY GLY A . n 
A 1 112 PHE 112 172 172 PHE PHE A . n 
A 1 113 LYS 113 173 173 LYS LYS A . n 
A 1 114 ALA 114 174 ?   ?   ?   A . n 
# 
loop_
_pdbx_nonpoly_scheme.asym_id 
_pdbx_nonpoly_scheme.entity_id 
_pdbx_nonpoly_scheme.mon_id 
_pdbx_nonpoly_scheme.ndb_seq_num 
_pdbx_nonpoly_scheme.pdb_seq_num 
_pdbx_nonpoly_scheme.auth_seq_num 
_pdbx_nonpoly_scheme.pdb_mon_id 
_pdbx_nonpoly_scheme.auth_mon_id 
_pdbx_nonpoly_scheme.pdb_strand_id 
_pdbx_nonpoly_scheme.pdb_ins_code 
B 2 1IY 1  201 2  1IY LIG A . 
C 3 HOH 1  301 20 HOH HOH A . 
C 3 HOH 2  302 13 HOH HOH A . 
C 3 HOH 3  303 42 HOH HOH A . 
C 3 HOH 4  304 11 HOH HOH A . 
C 3 HOH 5  305 7  HOH HOH A . 
C 3 HOH 6  306 29 HOH HOH A . 
C 3 HOH 7  307 12 HOH HOH A . 
C 3 HOH 8  308 26 HOH HOH A . 
C 3 HOH 9  309 10 HOH HOH A . 
C 3 HOH 10 310 2  HOH HOH A . 
C 3 HOH 11 311 37 HOH HOH A . 
C 3 HOH 12 312 4  HOH HOH A . 
C 3 HOH 13 313 6  HOH HOH A . 
C 3 HOH 14 314 8  HOH HOH A . 
C 3 HOH 15 315 45 HOH HOH A . 
C 3 HOH 16 316 23 HOH HOH A . 
C 3 HOH 17 317 31 HOH HOH A . 
C 3 HOH 18 318 5  HOH HOH A . 
C 3 HOH 19 319 48 HOH HOH A . 
C 3 HOH 20 320 28 HOH HOH A . 
C 3 HOH 21 321 16 HOH HOH A . 
C 3 HOH 22 322 9  HOH HOH A . 
C 3 HOH 23 323 51 HOH HOH A . 
C 3 HOH 24 324 21 HOH HOH A . 
C 3 HOH 25 325 19 HOH HOH A . 
C 3 HOH 26 326 3  HOH HOH A . 
C 3 HOH 27 327 18 HOH HOH A . 
C 3 HOH 28 328 1  HOH HOH A . 
C 3 HOH 29 329 38 HOH HOH A . 
C 3 HOH 30 330 33 HOH HOH A . 
C 3 HOH 31 331 53 HOH HOH A . 
C 3 HOH 32 332 24 HOH HOH A . 
C 3 HOH 33 333 34 HOH HOH A . 
C 3 HOH 34 334 43 HOH HOH A . 
C 3 HOH 35 335 44 HOH HOH A . 
C 3 HOH 36 336 52 HOH HOH A . 
C 3 HOH 37 337 22 HOH HOH A . 
C 3 HOH 38 338 35 HOH HOH A . 
C 3 HOH 39 339 36 HOH HOH A . 
C 3 HOH 40 340 47 HOH HOH A . 
C 3 HOH 41 341 50 HOH HOH A . 
C 3 HOH 42 342 27 HOH HOH A . 
C 3 HOH 43 343 17 HOH HOH A . 
C 3 HOH 44 344 32 HOH HOH A . 
C 3 HOH 45 345 46 HOH HOH A . 
C 3 HOH 46 346 49 HOH HOH A . 
C 3 HOH 47 347 41 HOH HOH A . 
C 3 HOH 48 348 25 HOH HOH A . 
C 3 HOH 49 349 14 HOH HOH A . 
C 3 HOH 50 350 40 HOH HOH A . 
C 3 HOH 51 351 39 HOH HOH A . 
C 3 HOH 52 352 15 HOH HOH A . 
# 
_pdbx_struct_assembly.id                   1 
_pdbx_struct_assembly.details              author_defined_assembly 
_pdbx_struct_assembly.method_details       ? 
_pdbx_struct_assembly.oligomeric_details   monomeric 
_pdbx_struct_assembly.oligomeric_count     1 
# 
_pdbx_struct_assembly_gen.assembly_id       1 
_pdbx_struct_assembly_gen.oper_expression   1 
_pdbx_struct_assembly_gen.asym_id_list      A,B,C 
# 
loop_
_pdbx_struct_assembly_prop.biol_id 
_pdbx_struct_assembly_prop.type 
_pdbx_struct_assembly_prop.value 
_pdbx_struct_assembly_prop.details 
1 'ABSA (A^2)' 0    ? 
1 MORE         0    ? 
1 'SSA (A^2)'  6620 ? 
# 
_pdbx_struct_oper_list.id                   1 
_pdbx_struct_oper_list.type                 'identity operation' 
_pdbx_struct_oper_list.name                 1_555 
_pdbx_struct_oper_list.symmetry_operation   x,y,z 
_pdbx_struct_oper_list.matrix[1][1]         1.0000000000 
_pdbx_struct_oper_list.matrix[1][2]         0.0000000000 
_pdbx_struct_oper_list.matrix[1][3]         0.0000000000 
_pdbx_struct_oper_list.vector[1]            0.0000000000 
_pdbx_struct_oper_list.matrix[2][1]         0.0000000000 
_pdbx_struct_oper_list.matrix[2][2]         1.0000000000 
_pdbx_struct_oper_list.matrix[2][3]         0.0000000000 
_pdbx_struct_oper_list.vector[2]            0.0000000000 
_pdbx_struct_oper_list.matrix[3][1]         0.0000000000 
_pdbx_struct_oper_list.matrix[3][2]         0.0000000000 
_pdbx_struct_oper_list.matrix[3][3]         1.0000000000 
_pdbx_struct_oper_list.vector[3]            0.0000000000 
# 
loop_
_pdbx_audit_revision_history.ordinal 
_pdbx_audit_revision_history.data_content_type 
_pdbx_audit_revision_history.major_revision 
_pdbx_audit_revision_history.minor_revision 
_pdbx_audit_revision_history.revision_date 
1 'Structure model' 1 0 2022-06-29 
2 'Structure model' 1 1 2023-11-29 
# 
_pdbx_audit_revision_details.ordinal             1 
_pdbx_audit_revision_details.revision_ordinal    1 
_pdbx_audit_revision_details.data_content_type   'Structure model' 
_pdbx_audit_revision_details.provider            repository 
_pdbx_audit_revision_details.type                'Initial release' 
_pdbx_audit_revision_details.description         ? 
_pdbx_audit_revision_details.details             ? 
# 
loop_
_pdbx_audit_revision_group.ordinal 
_pdbx_audit_revision_group.revision_ordinal 
_pdbx_audit_revision_group.data_content_type 
_pdbx_audit_revision_group.group 
1 2 'Structure model' 'Data collection'        
2 2 'Structure model' 'Refinement description' 
# 
loop_
_pdbx_audit_revision_category.ordinal 
_pdbx_audit_revision_category.revision_ordinal 
_pdbx_audit_revision_category.data_content_type 
_pdbx_audit_revision_category.category 
1 2 'Structure model' chem_comp_atom                
2 2 'Structure model' chem_comp_bond                
3 2 'Structure model' pdbx_initial_refinement_model 
# 
loop_
_space_group_symop.id 
_space_group_symop.operation_xyz 
1 x,y,z           
2 -x,y,-z         
3 x+1/2,y+1/2,z   
4 -x+1/2,y+1/2,-z 
# 
loop_
_software.citation_id 
_software.classification 
_software.compiler_name 
_software.compiler_version 
_software.contact_author 
_software.contact_author_email 
_software.date 
_software.description 
_software.dependencies 
_software.hardware 
_software.language 
_software.location 
_software.mods 
_software.name 
_software.os 
_software.os_version 
_software.type 
_software.version 
_software.pdbx_ordinal 
? refinement       ? ? ? ? ? ? ? ? ? ? ? PHENIX   ? ? ? 1.12_2829 1 
? 'data reduction' ? ? ? ? ? ? ? ? ? ? ? HKL-3000 ? ? ? .         2 
? 'data scaling'   ? ? ? ? ? ? ? ? ? ? ? Aimless  ? ? ? .         3 
? phasing          ? ? ? ? ? ? ? ? ? ? ? PHASER   ? ? ? .         4 
# 
_pdbx_entry_details.entry_id                 7F5E 
_pdbx_entry_details.has_ligand_of_interest   Y 
_pdbx_entry_details.compound_details         ? 
_pdbx_entry_details.source_details           ? 
_pdbx_entry_details.nonpolymer_details       ? 
_pdbx_entry_details.sequence_details         ? 
# 
loop_
_pdbx_validate_close_contact.id 
_pdbx_validate_close_contact.PDB_model_num 
_pdbx_validate_close_contact.auth_atom_id_1 
_pdbx_validate_close_contact.auth_asym_id_1 
_pdbx_validate_close_contact.auth_comp_id_1 
_pdbx_validate_close_contact.auth_seq_id_1 
_pdbx_validate_close_contact.PDB_ins_code_1 
_pdbx_validate_close_contact.label_alt_id_1 
_pdbx_validate_close_contact.auth_atom_id_2 
_pdbx_validate_close_contact.auth_asym_id_2 
_pdbx_validate_close_contact.auth_comp_id_2 
_pdbx_validate_close_contact.auth_seq_id_2 
_pdbx_validate_close_contact.PDB_ins_code_2 
_pdbx_validate_close_contact.label_alt_id_2 
_pdbx_validate_close_contact.dist 
1 1 NH1 A ARG 79  ? A O A HOH 301 ? ? 1.90 
2 1 NZ  A LYS 129 ? ? O A HOH 302 ? ? 1.91 
3 1 NH2 A ARG 79  ? B O A HOH 303 ? ? 1.95 
4 1 O   A HOH 348 ? ? O A HOH 349 ? ? 2.00 
5 1 O   A HOH 347 ? ? O A HOH 348 ? ? 2.05 
6 1 O   A HOH 348 ? ? O A HOH 352 ? ? 2.11 
# 
_pdbx_validate_symm_contact.id                1 
_pdbx_validate_symm_contact.PDB_model_num     1 
_pdbx_validate_symm_contact.auth_atom_id_1    O 
_pdbx_validate_symm_contact.auth_asym_id_1    A 
_pdbx_validate_symm_contact.auth_comp_id_1    HOH 
_pdbx_validate_symm_contact.auth_seq_id_1     328 
_pdbx_validate_symm_contact.PDB_ins_code_1    ? 
_pdbx_validate_symm_contact.label_alt_id_1    ? 
_pdbx_validate_symm_contact.site_symmetry_1   1_555 
_pdbx_validate_symm_contact.auth_atom_id_2    O 
_pdbx_validate_symm_contact.auth_asym_id_2    A 
_pdbx_validate_symm_contact.auth_comp_id_2    HOH 
_pdbx_validate_symm_contact.auth_seq_id_2     340 
_pdbx_validate_symm_contact.PDB_ins_code_2    ? 
_pdbx_validate_symm_contact.label_alt_id_2    ? 
_pdbx_validate_symm_contact.site_symmetry_2   4_546 
_pdbx_validate_symm_contact.dist              1.82 
# 
loop_
_pdbx_unobs_or_zero_occ_residues.id 
_pdbx_unobs_or_zero_occ_residues.PDB_model_num 
_pdbx_unobs_or_zero_occ_residues.polymer_flag 
_pdbx_unobs_or_zero_occ_residues.occupancy_flag 
_pdbx_unobs_or_zero_occ_residues.auth_asym_id 
_pdbx_unobs_or_zero_occ_residues.auth_comp_id 
_pdbx_unobs_or_zero_occ_residues.auth_seq_id 
_pdbx_unobs_or_zero_occ_residues.PDB_ins_code 
_pdbx_unobs_or_zero_occ_residues.label_asym_id 
_pdbx_unobs_or_zero_occ_residues.label_comp_id 
_pdbx_unobs_or_zero_occ_residues.label_seq_id 
1 1 Y 1 A PRO 61  ? A PRO 1   
2 1 Y 1 A LEU 62  ? A LEU 2   
3 1 Y 1 A GLY 63  ? A GLY 3   
4 1 Y 1 A SER 64  ? A SER 4   
5 1 Y 1 A VAL 65  ? A VAL 5   
6 1 Y 1 A ALA 174 ? A ALA 114 
# 
loop_
_chem_comp_atom.comp_id 
_chem_comp_atom.atom_id 
_chem_comp_atom.type_symbol 
_chem_comp_atom.pdbx_aromatic_flag 
_chem_comp_atom.pdbx_stereo_config 
_chem_comp_atom.pdbx_ordinal 
1IY C10  C Y N 1   
1IY C13  C Y N 2   
1IY C17  C N N 3   
1IY C20  C N N 4   
1IY C22  C N N 5   
1IY C26  C Y N 6   
1IY C01  C Y N 7   
1IY C02  C Y N 8   
1IY C03  C Y N 9   
1IY C04  C Y N 10  
1IY C05  C Y N 11  
1IY C06  C Y N 12  
1IY C07  C Y N 13  
1IY C08  C Y N 14  
1IY C12  C Y N 15  
1IY C14  C Y N 16  
1IY C18  C N N 17  
1IY C19  C N N 18  
1IY C23  C N N 19  
1IY C25  C Y N 20  
1IY N09  N Y N 21  
1IY N11  N Y N 22  
1IY N15  N Y N 23  
1IY N21  N N N 24  
1IY N24  N Y N 25  
1IY O27  O N N 26  
1IY O28  O N N 27  
1IY S16  S N N 28  
1IY H1   H N N 29  
1IY H2   H N N 30  
1IY H3   H N N 31  
1IY H4   H N N 32  
1IY H5   H N N 33  
1IY H6   H N N 34  
1IY H7   H N N 35  
1IY H8   H N N 36  
1IY H9   H N N 37  
1IY H10  H N N 38  
1IY H11  H N N 39  
1IY H12  H N N 40  
1IY H13  H N N 41  
1IY H14  H N N 42  
1IY H15  H N N 43  
1IY H16  H N N 44  
1IY H17  H N N 45  
1IY H18  H N N 46  
1IY H19  H N N 47  
1IY H20  H N N 48  
1IY H21  H N N 49  
1IY H22  H N N 50  
1IY H23  H N N 51  
ALA N    N N N 52  
ALA CA   C N S 53  
ALA C    C N N 54  
ALA O    O N N 55  
ALA CB   C N N 56  
ALA OXT  O N N 57  
ALA H    H N N 58  
ALA H2   H N N 59  
ALA HA   H N N 60  
ALA HB1  H N N 61  
ALA HB2  H N N 62  
ALA HB3  H N N 63  
ALA HXT  H N N 64  
ARG N    N N N 65  
ARG CA   C N S 66  
ARG C    C N N 67  
ARG O    O N N 68  
ARG CB   C N N 69  
ARG CG   C N N 70  
ARG CD   C N N 71  
ARG NE   N N N 72  
ARG CZ   C N N 73  
ARG NH1  N N N 74  
ARG NH2  N N N 75  
ARG OXT  O N N 76  
ARG H    H N N 77  
ARG H2   H N N 78  
ARG HA   H N N 79  
ARG HB2  H N N 80  
ARG HB3  H N N 81  
ARG HG2  H N N 82  
ARG HG3  H N N 83  
ARG HD2  H N N 84  
ARG HD3  H N N 85  
ARG HE   H N N 86  
ARG HH11 H N N 87  
ARG HH12 H N N 88  
ARG HH21 H N N 89  
ARG HH22 H N N 90  
ARG HXT  H N N 91  
ASN N    N N N 92  
ASN CA   C N S 93  
ASN C    C N N 94  
ASN O    O N N 95  
ASN CB   C N N 96  
ASN CG   C N N 97  
ASN OD1  O N N 98  
ASN ND2  N N N 99  
ASN OXT  O N N 100 
ASN H    H N N 101 
ASN H2   H N N 102 
ASN HA   H N N 103 
ASN HB2  H N N 104 
ASN HB3  H N N 105 
ASN HD21 H N N 106 
ASN HD22 H N N 107 
ASN HXT  H N N 108 
ASP N    N N N 109 
ASP CA   C N S 110 
ASP C    C N N 111 
ASP O    O N N 112 
ASP CB   C N N 113 
ASP CG   C N N 114 
ASP OD1  O N N 115 
ASP OD2  O N N 116 
ASP OXT  O N N 117 
ASP H    H N N 118 
ASP H2   H N N 119 
ASP HA   H N N 120 
ASP HB2  H N N 121 
ASP HB3  H N N 122 
ASP HD2  H N N 123 
ASP HXT  H N N 124 
CYS N    N N N 125 
CYS CA   C N R 126 
CYS C    C N N 127 
CYS O    O N N 128 
CYS CB   C N N 129 
CYS SG   S N N 130 
CYS OXT  O N N 131 
CYS H    H N N 132 
CYS H2   H N N 133 
CYS HA   H N N 134 
CYS HB2  H N N 135 
CYS HB3  H N N 136 
CYS HG   H N N 137 
CYS HXT  H N N 138 
GLN N    N N N 139 
GLN CA   C N S 140 
GLN C    C N N 141 
GLN O    O N N 142 
GLN CB   C N N 143 
GLN CG   C N N 144 
GLN CD   C N N 145 
GLN OE1  O N N 146 
GLN NE2  N N N 147 
GLN OXT  O N N 148 
GLN H    H N N 149 
GLN H2   H N N 150 
GLN HA   H N N 151 
GLN HB2  H N N 152 
GLN HB3  H N N 153 
GLN HG2  H N N 154 
GLN HG3  H N N 155 
GLN HE21 H N N 156 
GLN HE22 H N N 157 
GLN HXT  H N N 158 
GLU N    N N N 159 
GLU CA   C N S 160 
GLU C    C N N 161 
GLU O    O N N 162 
GLU CB   C N N 163 
GLU CG   C N N 164 
GLU CD   C N N 165 
GLU OE1  O N N 166 
GLU OE2  O N N 167 
GLU OXT  O N N 168 
GLU H    H N N 169 
GLU H2   H N N 170 
GLU HA   H N N 171 
GLU HB2  H N N 172 
GLU HB3  H N N 173 
GLU HG2  H N N 174 
GLU HG3  H N N 175 
GLU HE2  H N N 176 
GLU HXT  H N N 177 
GLY N    N N N 178 
GLY CA   C N N 179 
GLY C    C N N 180 
GLY O    O N N 181 
GLY OXT  O N N 182 
GLY H    H N N 183 
GLY H2   H N N 184 
GLY HA2  H N N 185 
GLY HA3  H N N 186 
GLY HXT  H N N 187 
HIS N    N N N 188 
HIS CA   C N S 189 
HIS C    C N N 190 
HIS O    O N N 191 
HIS CB   C N N 192 
HIS CG   C Y N 193 
HIS ND1  N Y N 194 
HIS CD2  C Y N 195 
HIS CE1  C Y N 196 
HIS NE2  N Y N 197 
HIS OXT  O N N 198 
HIS H    H N N 199 
HIS H2   H N N 200 
HIS HA   H N N 201 
HIS HB2  H N N 202 
HIS HB3  H N N 203 
HIS HD1  H N N 204 
HIS HD2  H N N 205 
HIS HE1  H N N 206 
HIS HE2  H N N 207 
HIS HXT  H N N 208 
HOH O    O N N 209 
HOH H1   H N N 210 
HOH H2   H N N 211 
ILE N    N N N 212 
ILE CA   C N S 213 
ILE C    C N N 214 
ILE O    O N N 215 
ILE CB   C N S 216 
ILE CG1  C N N 217 
ILE CG2  C N N 218 
ILE CD1  C N N 219 
ILE OXT  O N N 220 
ILE H    H N N 221 
ILE H2   H N N 222 
ILE HA   H N N 223 
ILE HB   H N N 224 
ILE HG12 H N N 225 
ILE HG13 H N N 226 
ILE HG21 H N N 227 
ILE HG22 H N N 228 
ILE HG23 H N N 229 
ILE HD11 H N N 230 
ILE HD12 H N N 231 
ILE HD13 H N N 232 
ILE HXT  H N N 233 
LEU N    N N N 234 
LEU CA   C N S 235 
LEU C    C N N 236 
LEU O    O N N 237 
LEU CB   C N N 238 
LEU CG   C N N 239 
LEU CD1  C N N 240 
LEU CD2  C N N 241 
LEU OXT  O N N 242 
LEU H    H N N 243 
LEU H2   H N N 244 
LEU HA   H N N 245 
LEU HB2  H N N 246 
LEU HB3  H N N 247 
LEU HG   H N N 248 
LEU HD11 H N N 249 
LEU HD12 H N N 250 
LEU HD13 H N N 251 
LEU HD21 H N N 252 
LEU HD22 H N N 253 
LEU HD23 H N N 254 
LEU HXT  H N N 255 
LYS N    N N N 256 
LYS CA   C N S 257 
LYS C    C N N 258 
LYS O    O N N 259 
LYS CB   C N N 260 
LYS CG   C N N 261 
LYS CD   C N N 262 
LYS CE   C N N 263 
LYS NZ   N N N 264 
LYS OXT  O N N 265 
LYS H    H N N 266 
LYS H2   H N N 267 
LYS HA   H N N 268 
LYS HB2  H N N 269 
LYS HB3  H N N 270 
LYS HG2  H N N 271 
LYS HG3  H N N 272 
LYS HD2  H N N 273 
LYS HD3  H N N 274 
LYS HE2  H N N 275 
LYS HE3  H N N 276 
LYS HZ1  H N N 277 
LYS HZ2  H N N 278 
LYS HZ3  H N N 279 
LYS HXT  H N N 280 
MET N    N N N 281 
MET CA   C N S 282 
MET C    C N N 283 
MET O    O N N 284 
MET CB   C N N 285 
MET CG   C N N 286 
MET SD   S N N 287 
MET CE   C N N 288 
MET OXT  O N N 289 
MET H    H N N 290 
MET H2   H N N 291 
MET HA   H N N 292 
MET HB2  H N N 293 
MET HB3  H N N 294 
MET HG2  H N N 295 
MET HG3  H N N 296 
MET HE1  H N N 297 
MET HE2  H N N 298 
MET HE3  H N N 299 
MET HXT  H N N 300 
PHE N    N N N 301 
PHE CA   C N S 302 
PHE C    C N N 303 
PHE O    O N N 304 
PHE CB   C N N 305 
PHE CG   C Y N 306 
PHE CD1  C Y N 307 
PHE CD2  C Y N 308 
PHE CE1  C Y N 309 
PHE CE2  C Y N 310 
PHE CZ   C Y N 311 
PHE OXT  O N N 312 
PHE H    H N N 313 
PHE H2   H N N 314 
PHE HA   H N N 315 
PHE HB2  H N N 316 
PHE HB3  H N N 317 
PHE HD1  H N N 318 
PHE HD2  H N N 319 
PHE HE1  H N N 320 
PHE HE2  H N N 321 
PHE HZ   H N N 322 
PHE HXT  H N N 323 
PRO N    N N N 324 
PRO CA   C N S 325 
PRO C    C N N 326 
PRO O    O N N 327 
PRO CB   C N N 328 
PRO CG   C N N 329 
PRO CD   C N N 330 
PRO OXT  O N N 331 
PRO H    H N N 332 
PRO HA   H N N 333 
PRO HB2  H N N 334 
PRO HB3  H N N 335 
PRO HG2  H N N 336 
PRO HG3  H N N 337 
PRO HD2  H N N 338 
PRO HD3  H N N 339 
PRO HXT  H N N 340 
SER N    N N N 341 
SER CA   C N S 342 
SER C    C N N 343 
SER O    O N N 344 
SER CB   C N N 345 
SER OG   O N N 346 
SER OXT  O N N 347 
SER H    H N N 348 
SER H2   H N N 349 
SER HA   H N N 350 
SER HB2  H N N 351 
SER HB3  H N N 352 
SER HG   H N N 353 
SER HXT  H N N 354 
THR N    N N N 355 
THR CA   C N S 356 
THR C    C N N 357 
THR O    O N N 358 
THR CB   C N R 359 
THR OG1  O N N 360 
THR CG2  C N N 361 
THR OXT  O N N 362 
THR H    H N N 363 
THR H2   H N N 364 
THR HA   H N N 365 
THR HB   H N N 366 
THR HG1  H N N 367 
THR HG21 H N N 368 
THR HG22 H N N 369 
THR HG23 H N N 370 
THR HXT  H N N 371 
TRP N    N N N 372 
TRP CA   C N S 373 
TRP C    C N N 374 
TRP O    O N N 375 
TRP CB   C N N 376 
TRP CG   C Y N 377 
TRP CD1  C Y N 378 
TRP CD2  C Y N 379 
TRP NE1  N Y N 380 
TRP CE2  C Y N 381 
TRP CE3  C Y N 382 
TRP CZ2  C Y N 383 
TRP CZ3  C Y N 384 
TRP CH2  C Y N 385 
TRP OXT  O N N 386 
TRP H    H N N 387 
TRP H2   H N N 388 
TRP HA   H N N 389 
TRP HB2  H N N 390 
TRP HB3  H N N 391 
TRP HD1  H N N 392 
TRP HE1  H N N 393 
TRP HE3  H N N 394 
TRP HZ2  H N N 395 
TRP HZ3  H N N 396 
TRP HH2  H N N 397 
TRP HXT  H N N 398 
TYR N    N N N 399 
TYR CA   C N S 400 
TYR C    C N N 401 
TYR O    O N N 402 
TYR CB   C N N 403 
TYR CG   C Y N 404 
TYR CD1  C Y N 405 
TYR CD2  C Y N 406 
TYR CE1  C Y N 407 
TYR CE2  C Y N 408 
TYR CZ   C Y N 409 
TYR OH   O N N 410 
TYR OXT  O N N 411 
TYR H    H N N 412 
TYR H2   H N N 413 
TYR HA   H N N 414 
TYR HB2  H N N 415 
TYR HB3  H N N 416 
TYR HD1  H N N 417 
TYR HD2  H N N 418 
TYR HE1  H N N 419 
TYR HE2  H N N 420 
TYR HH   H N N 421 
TYR HXT  H N N 422 
VAL N    N N N 423 
VAL CA   C N S 424 
VAL C    C N N 425 
VAL O    O N N 426 
VAL CB   C N N 427 
VAL CG1  C N N 428 
VAL CG2  C N N 429 
VAL OXT  O N N 430 
VAL H    H N N 431 
VAL H2   H N N 432 
VAL HA   H N N 433 
VAL HB   H N N 434 
VAL HG11 H N N 435 
VAL HG12 H N N 436 
VAL HG13 H N N 437 
VAL HG21 H N N 438 
VAL HG22 H N N 439 
VAL HG23 H N N 440 
VAL HXT  H N N 441 
# 
loop_
_chem_comp_bond.comp_id 
_chem_comp_bond.atom_id_1 
_chem_comp_bond.atom_id_2 
_chem_comp_bond.value_order 
_chem_comp_bond.pdbx_aromatic_flag 
_chem_comp_bond.pdbx_stereo_config 
_chem_comp_bond.pdbx_ordinal 
1IY O27 S16  doub N N 1   
1IY C17 S16  sing N N 2   
1IY O28 S16  doub N N 3   
1IY S16 C10  sing N N 4   
1IY C10 N11  doub Y N 5   
1IY C10 N15  sing Y N 6   
1IY N11 C12  sing Y N 7   
1IY N15 C14  doub Y N 8   
1IY C12 N24  sing Y N 9   
1IY C12 C13  doub Y N 10  
1IY C14 C13  sing Y N 11  
1IY C14 C02  sing N N 12  
1IY N24 C25  sing Y N 13  
1IY C03 C02  doub Y N 14  
1IY C03 C04  sing Y N 15  
1IY C13 C26  sing Y N 16  
1IY C07 C04  sing Y N 17  
1IY C07 C08  doub Y N 18  
1IY C02 C01  sing Y N 19  
1IY C04 C05  doub Y N 20  
1IY C25 C26  doub Y N 21  
1IY C08 N09  sing Y N 22  
1IY C01 C06  doub Y N 23  
1IY C05 N09  sing Y N 24  
1IY C05 C06  sing Y N 25  
1IY N09 C18  sing N N 26  
1IY C22 N21  sing N N 27  
1IY C18 C19  sing N N 28  
1IY C19 C20  sing N N 29  
1IY N21 C20  sing N N 30  
1IY N21 C23  sing N N 31  
1IY C17 H1   sing N N 32  
1IY C17 H2   sing N N 33  
1IY C17 H3   sing N N 34  
1IY C20 H4   sing N N 35  
1IY C20 H5   sing N N 36  
1IY C22 H6   sing N N 37  
1IY C22 H7   sing N N 38  
1IY C22 H8   sing N N 39  
1IY C26 H9   sing N N 40  
1IY C01 H10  sing N N 41  
1IY C03 H11  sing N N 42  
1IY C06 H12  sing N N 43  
1IY C07 H13  sing N N 44  
1IY C08 H14  sing N N 45  
1IY C18 H15  sing N N 46  
1IY C18 H16  sing N N 47  
1IY C19 H17  sing N N 48  
1IY C19 H18  sing N N 49  
1IY C23 H19  sing N N 50  
1IY C23 H20  sing N N 51  
1IY C23 H21  sing N N 52  
1IY C25 H22  sing N N 53  
1IY N24 H23  sing N N 54  
ALA N   CA   sing N N 55  
ALA N   H    sing N N 56  
ALA N   H2   sing N N 57  
ALA CA  C    sing N N 58  
ALA CA  CB   sing N N 59  
ALA CA  HA   sing N N 60  
ALA C   O    doub N N 61  
ALA C   OXT  sing N N 62  
ALA CB  HB1  sing N N 63  
ALA CB  HB2  sing N N 64  
ALA CB  HB3  sing N N 65  
ALA OXT HXT  sing N N 66  
ARG N   CA   sing N N 67  
ARG N   H    sing N N 68  
ARG N   H2   sing N N 69  
ARG CA  C    sing N N 70  
ARG CA  CB   sing N N 71  
ARG CA  HA   sing N N 72  
ARG C   O    doub N N 73  
ARG C   OXT  sing N N 74  
ARG CB  CG   sing N N 75  
ARG CB  HB2  sing N N 76  
ARG CB  HB3  sing N N 77  
ARG CG  CD   sing N N 78  
ARG CG  HG2  sing N N 79  
ARG CG  HG3  sing N N 80  
ARG CD  NE   sing N N 81  
ARG CD  HD2  sing N N 82  
ARG CD  HD3  sing N N 83  
ARG NE  CZ   sing N N 84  
ARG NE  HE   sing N N 85  
ARG CZ  NH1  sing N N 86  
ARG CZ  NH2  doub N N 87  
ARG NH1 HH11 sing N N 88  
ARG NH1 HH12 sing N N 89  
ARG NH2 HH21 sing N N 90  
ARG NH2 HH22 sing N N 91  
ARG OXT HXT  sing N N 92  
ASN N   CA   sing N N 93  
ASN N   H    sing N N 94  
ASN N   H2   sing N N 95  
ASN CA  C    sing N N 96  
ASN CA  CB   sing N N 97  
ASN CA  HA   sing N N 98  
ASN C   O    doub N N 99  
ASN C   OXT  sing N N 100 
ASN CB  CG   sing N N 101 
ASN CB  HB2  sing N N 102 
ASN CB  HB3  sing N N 103 
ASN CG  OD1  doub N N 104 
ASN CG  ND2  sing N N 105 
ASN ND2 HD21 sing N N 106 
ASN ND2 HD22 sing N N 107 
ASN OXT HXT  sing N N 108 
ASP N   CA   sing N N 109 
ASP N   H    sing N N 110 
ASP N   H2   sing N N 111 
ASP CA  C    sing N N 112 
ASP CA  CB   sing N N 113 
ASP CA  HA   sing N N 114 
ASP C   O    doub N N 115 
ASP C   OXT  sing N N 116 
ASP CB  CG   sing N N 117 
ASP CB  HB2  sing N N 118 
ASP CB  HB3  sing N N 119 
ASP CG  OD1  doub N N 120 
ASP CG  OD2  sing N N 121 
ASP OD2 HD2  sing N N 122 
ASP OXT HXT  sing N N 123 
CYS N   CA   sing N N 124 
CYS N   H    sing N N 125 
CYS N   H2   sing N N 126 
CYS CA  C    sing N N 127 
CYS CA  CB   sing N N 128 
CYS CA  HA   sing N N 129 
CYS C   O    doub N N 130 
CYS C   OXT  sing N N 131 
CYS CB  SG   sing N N 132 
CYS CB  HB2  sing N N 133 
CYS CB  HB3  sing N N 134 
CYS SG  HG   sing N N 135 
CYS OXT HXT  sing N N 136 
GLN N   CA   sing N N 137 
GLN N   H    sing N N 138 
GLN N   H2   sing N N 139 
GLN CA  C    sing N N 140 
GLN CA  CB   sing N N 141 
GLN CA  HA   sing N N 142 
GLN C   O    doub N N 143 
GLN C   OXT  sing N N 144 
GLN CB  CG   sing N N 145 
GLN CB  HB2  sing N N 146 
GLN CB  HB3  sing N N 147 
GLN CG  CD   sing N N 148 
GLN CG  HG2  sing N N 149 
GLN CG  HG3  sing N N 150 
GLN CD  OE1  doub N N 151 
GLN CD  NE2  sing N N 152 
GLN NE2 HE21 sing N N 153 
GLN NE2 HE22 sing N N 154 
GLN OXT HXT  sing N N 155 
GLU N   CA   sing N N 156 
GLU N   H    sing N N 157 
GLU N   H2   sing N N 158 
GLU CA  C    sing N N 159 
GLU CA  CB   sing N N 160 
GLU CA  HA   sing N N 161 
GLU C   O    doub N N 162 
GLU C   OXT  sing N N 163 
GLU CB  CG   sing N N 164 
GLU CB  HB2  sing N N 165 
GLU CB  HB3  sing N N 166 
GLU CG  CD   sing N N 167 
GLU CG  HG2  sing N N 168 
GLU CG  HG3  sing N N 169 
GLU CD  OE1  doub N N 170 
GLU CD  OE2  sing N N 171 
GLU OE2 HE2  sing N N 172 
GLU OXT HXT  sing N N 173 
GLY N   CA   sing N N 174 
GLY N   H    sing N N 175 
GLY N   H2   sing N N 176 
GLY CA  C    sing N N 177 
GLY CA  HA2  sing N N 178 
GLY CA  HA3  sing N N 179 
GLY C   O    doub N N 180 
GLY C   OXT  sing N N 181 
GLY OXT HXT  sing N N 182 
HIS N   CA   sing N N 183 
HIS N   H    sing N N 184 
HIS N   H2   sing N N 185 
HIS CA  C    sing N N 186 
HIS CA  CB   sing N N 187 
HIS CA  HA   sing N N 188 
HIS C   O    doub N N 189 
HIS C   OXT  sing N N 190 
HIS CB  CG   sing N N 191 
HIS CB  HB2  sing N N 192 
HIS CB  HB3  sing N N 193 
HIS CG  ND1  sing Y N 194 
HIS CG  CD2  doub Y N 195 
HIS ND1 CE1  doub Y N 196 
HIS ND1 HD1  sing N N 197 
HIS CD2 NE2  sing Y N 198 
HIS CD2 HD2  sing N N 199 
HIS CE1 NE2  sing Y N 200 
HIS CE1 HE1  sing N N 201 
HIS NE2 HE2  sing N N 202 
HIS OXT HXT  sing N N 203 
HOH O   H1   sing N N 204 
HOH O   H2   sing N N 205 
ILE N   CA   sing N N 206 
ILE N   H    sing N N 207 
ILE N   H2   sing N N 208 
ILE CA  C    sing N N 209 
ILE CA  CB   sing N N 210 
ILE CA  HA   sing N N 211 
ILE C   O    doub N N 212 
ILE C   OXT  sing N N 213 
ILE CB  CG1  sing N N 214 
ILE CB  CG2  sing N N 215 
ILE CB  HB   sing N N 216 
ILE CG1 CD1  sing N N 217 
ILE CG1 HG12 sing N N 218 
ILE CG1 HG13 sing N N 219 
ILE CG2 HG21 sing N N 220 
ILE CG2 HG22 sing N N 221 
ILE CG2 HG23 sing N N 222 
ILE CD1 HD11 sing N N 223 
ILE CD1 HD12 sing N N 224 
ILE CD1 HD13 sing N N 225 
ILE OXT HXT  sing N N 226 
LEU N   CA   sing N N 227 
LEU N   H    sing N N 228 
LEU N   H2   sing N N 229 
LEU CA  C    sing N N 230 
LEU CA  CB   sing N N 231 
LEU CA  HA   sing N N 232 
LEU C   O    doub N N 233 
LEU C   OXT  sing N N 234 
LEU CB  CG   sing N N 235 
LEU CB  HB2  sing N N 236 
LEU CB  HB3  sing N N 237 
LEU CG  CD1  sing N N 238 
LEU CG  CD2  sing N N 239 
LEU CG  HG   sing N N 240 
LEU CD1 HD11 sing N N 241 
LEU CD1 HD12 sing N N 242 
LEU CD1 HD13 sing N N 243 
LEU CD2 HD21 sing N N 244 
LEU CD2 HD22 sing N N 245 
LEU CD2 HD23 sing N N 246 
LEU OXT HXT  sing N N 247 
LYS N   CA   sing N N 248 
LYS N   H    sing N N 249 
LYS N   H2   sing N N 250 
LYS CA  C    sing N N 251 
LYS CA  CB   sing N N 252 
LYS CA  HA   sing N N 253 
LYS C   O    doub N N 254 
LYS C   OXT  sing N N 255 
LYS CB  CG   sing N N 256 
LYS CB  HB2  sing N N 257 
LYS CB  HB3  sing N N 258 
LYS CG  CD   sing N N 259 
LYS CG  HG2  sing N N 260 
LYS CG  HG3  sing N N 261 
LYS CD  CE   sing N N 262 
LYS CD  HD2  sing N N 263 
LYS CD  HD3  sing N N 264 
LYS CE  NZ   sing N N 265 
LYS CE  HE2  sing N N 266 
LYS CE  HE3  sing N N 267 
LYS NZ  HZ1  sing N N 268 
LYS NZ  HZ2  sing N N 269 
LYS NZ  HZ3  sing N N 270 
LYS OXT HXT  sing N N 271 
MET N   CA   sing N N 272 
MET N   H    sing N N 273 
MET N   H2   sing N N 274 
MET CA  C    sing N N 275 
MET CA  CB   sing N N 276 
MET CA  HA   sing N N 277 
MET C   O    doub N N 278 
MET C   OXT  sing N N 279 
MET CB  CG   sing N N 280 
MET CB  HB2  sing N N 281 
MET CB  HB3  sing N N 282 
MET CG  SD   sing N N 283 
MET CG  HG2  sing N N 284 
MET CG  HG3  sing N N 285 
MET SD  CE   sing N N 286 
MET CE  HE1  sing N N 287 
MET CE  HE2  sing N N 288 
MET CE  HE3  sing N N 289 
MET OXT HXT  sing N N 290 
PHE N   CA   sing N N 291 
PHE N   H    sing N N 292 
PHE N   H2   sing N N 293 
PHE CA  C    sing N N 294 
PHE CA  CB   sing N N 295 
PHE CA  HA   sing N N 296 
PHE C   O    doub N N 297 
PHE C   OXT  sing N N 298 
PHE CB  CG   sing N N 299 
PHE CB  HB2  sing N N 300 
PHE CB  HB3  sing N N 301 
PHE CG  CD1  doub Y N 302 
PHE CG  CD2  sing Y N 303 
PHE CD1 CE1  sing Y N 304 
PHE CD1 HD1  sing N N 305 
PHE CD2 CE2  doub Y N 306 
PHE CD2 HD2  sing N N 307 
PHE CE1 CZ   doub Y N 308 
PHE CE1 HE1  sing N N 309 
PHE CE2 CZ   sing Y N 310 
PHE CE2 HE2  sing N N 311 
PHE CZ  HZ   sing N N 312 
PHE OXT HXT  sing N N 313 
PRO N   CA   sing N N 314 
PRO N   CD   sing N N 315 
PRO N   H    sing N N 316 
PRO CA  C    sing N N 317 
PRO CA  CB   sing N N 318 
PRO CA  HA   sing N N 319 
PRO C   O    doub N N 320 
PRO C   OXT  sing N N 321 
PRO CB  CG   sing N N 322 
PRO CB  HB2  sing N N 323 
PRO CB  HB3  sing N N 324 
PRO CG  CD   sing N N 325 
PRO CG  HG2  sing N N 326 
PRO CG  HG3  sing N N 327 
PRO CD  HD2  sing N N 328 
PRO CD  HD3  sing N N 329 
PRO OXT HXT  sing N N 330 
SER N   CA   sing N N 331 
SER N   H    sing N N 332 
SER N   H2   sing N N 333 
SER CA  C    sing N N 334 
SER CA  CB   sing N N 335 
SER CA  HA   sing N N 336 
SER C   O    doub N N 337 
SER C   OXT  sing N N 338 
SER CB  OG   sing N N 339 
SER CB  HB2  sing N N 340 
SER CB  HB3  sing N N 341 
SER OG  HG   sing N N 342 
SER OXT HXT  sing N N 343 
THR N   CA   sing N N 344 
THR N   H    sing N N 345 
THR N   H2   sing N N 346 
THR CA  C    sing N N 347 
THR CA  CB   sing N N 348 
THR CA  HA   sing N N 349 
THR C   O    doub N N 350 
THR C   OXT  sing N N 351 
THR CB  OG1  sing N N 352 
THR CB  CG2  sing N N 353 
THR CB  HB   sing N N 354 
THR OG1 HG1  sing N N 355 
THR CG2 HG21 sing N N 356 
THR CG2 HG22 sing N N 357 
THR CG2 HG23 sing N N 358 
THR OXT HXT  sing N N 359 
TRP N   CA   sing N N 360 
TRP N   H    sing N N 361 
TRP N   H2   sing N N 362 
TRP CA  C    sing N N 363 
TRP CA  CB   sing N N 364 
TRP CA  HA   sing N N 365 
TRP C   O    doub N N 366 
TRP C   OXT  sing N N 367 
TRP CB  CG   sing N N 368 
TRP CB  HB2  sing N N 369 
TRP CB  HB3  sing N N 370 
TRP CG  CD1  doub Y N 371 
TRP CG  CD2  sing Y N 372 
TRP CD1 NE1  sing Y N 373 
TRP CD1 HD1  sing N N 374 
TRP CD2 CE2  doub Y N 375 
TRP CD2 CE3  sing Y N 376 
TRP NE1 CE2  sing Y N 377 
TRP NE1 HE1  sing N N 378 
TRP CE2 CZ2  sing Y N 379 
TRP CE3 CZ3  doub Y N 380 
TRP CE3 HE3  sing N N 381 
TRP CZ2 CH2  doub Y N 382 
TRP CZ2 HZ2  sing N N 383 
TRP CZ3 CH2  sing Y N 384 
TRP CZ3 HZ3  sing N N 385 
TRP CH2 HH2  sing N N 386 
TRP OXT HXT  sing N N 387 
TYR N   CA   sing N N 388 
TYR N   H    sing N N 389 
TYR N   H2   sing N N 390 
TYR CA  C    sing N N 391 
TYR CA  CB   sing N N 392 
TYR CA  HA   sing N N 393 
TYR C   O    doub N N 394 
TYR C   OXT  sing N N 395 
TYR CB  CG   sing N N 396 
TYR CB  HB2  sing N N 397 
TYR CB  HB3  sing N N 398 
TYR CG  CD1  doub Y N 399 
TYR CG  CD2  sing Y N 400 
TYR CD1 CE1  sing Y N 401 
TYR CD1 HD1  sing N N 402 
TYR CD2 CE2  doub Y N 403 
TYR CD2 HD2  sing N N 404 
TYR CE1 CZ   doub Y N 405 
TYR CE1 HE1  sing N N 406 
TYR CE2 CZ   sing Y N 407 
TYR CE2 HE2  sing N N 408 
TYR CZ  OH   sing N N 409 
TYR OH  HH   sing N N 410 
TYR OXT HXT  sing N N 411 
VAL N   CA   sing N N 412 
VAL N   H    sing N N 413 
VAL N   H2   sing N N 414 
VAL CA  C    sing N N 415 
VAL CA  CB   sing N N 416 
VAL CA  HA   sing N N 417 
VAL C   O    doub N N 418 
VAL C   OXT  sing N N 419 
VAL CB  CG1  sing N N 420 
VAL CB  CG2  sing N N 421 
VAL CB  HB   sing N N 422 
VAL CG1 HG11 sing N N 423 
VAL CG1 HG12 sing N N 424 
VAL CG1 HG13 sing N N 425 
VAL CG2 HG21 sing N N 426 
VAL CG2 HG22 sing N N 427 
VAL CG2 HG23 sing N N 428 
VAL OXT HXT  sing N N 429 
# 
_pdbx_entity_instance_feature.ordinal        1 
_pdbx_entity_instance_feature.comp_id        1IY 
_pdbx_entity_instance_feature.asym_id        ? 
_pdbx_entity_instance_feature.seq_num        ? 
_pdbx_entity_instance_feature.auth_comp_id   1IY 
_pdbx_entity_instance_feature.auth_asym_id   ? 
_pdbx_entity_instance_feature.auth_seq_num   ? 
_pdbx_entity_instance_feature.feature_type   'SUBJECT OF INVESTIGATION' 
_pdbx_entity_instance_feature.details        ? 
# 
loop_
_pdbx_entity_nonpoly.entity_id 
_pdbx_entity_nonpoly.name 
_pdbx_entity_nonpoly.comp_id 
2 'N,N-dimethyl-3-[5-(2-methylsulfonyl-7H-pyrrolo[2,3-d]pyrimidin-4-yl)indol-1-yl]propan-1-amine' 1IY 
3 water                                                                                           HOH 
# 
_pdbx_initial_refinement_model.id               1 
_pdbx_initial_refinement_model.entity_id_list   ? 
_pdbx_initial_refinement_model.type             'experimental model' 
_pdbx_initial_refinement_model.source_name      PDB 
_pdbx_initial_refinement_model.accession_code   3QZT 
_pdbx_initial_refinement_model.details          ? 
# 
_pdbx_struct_assembly_auth_evidence.id                     1 
_pdbx_struct_assembly_auth_evidence.assembly_id            1 
_pdbx_struct_assembly_auth_evidence.experimental_support   none 
_pdbx_struct_assembly_auth_evidence.details                ? 
# 
_space_group.name_H-M_alt     'C 1 2 1' 
_space_group.name_Hall        'C 2y' 
_space_group.IT_number        5 
_space_group.crystal_system   monoclinic 
_space_group.id               1 
# 
